data_7Z3H
#
_entry.id   7Z3H
#
_cell.length_a   96.530
_cell.length_b   134.180
_cell.length_c   107.010
_cell.angle_alpha   90.000
_cell.angle_beta   97.590
_cell.angle_gamma   90.000
#
_symmetry.space_group_name_H-M   'P 1 21 1'
#
loop_
_entity.id
_entity.type
_entity.pdbx_description
1 polymer 'Transferase-like protein'
2 non-polymer 'CITRIC ACID'
3 water water
#
_entity_poly.entity_id   1
_entity_poly.type   'polypeptide(L)'
_entity_poly.pdbx_seq_one_letter_code
;MGSSHHHHHHSQDPNSRHYTSLTFGPINPSIPSSYAPSGISHLLSRQLVVVYGPDAAKYLQGMVTANVYMPGSGSMVRTD
RGYYAALLTGQGRVLYDVFIYPLTDSKHLQRVLPSADVEGAAFLIEVDKDQAGLLVDHIKRYRVRAKVKVKVVDVEEVAV
WHAWDPNGLGEASVNDLLVTPDCRTPAMGSRILHFGGPDGNAIQNFAERCQLQVLPQEYYVLHRITQGVPEGQTELLKMS
AIPHESNLDLMGGIDFRKGCYVGQELVTRTEHRGVVRKRVLPCVVYEGSQGQAVDIRATGGDLGGLYTDRPIAGLSSARE
IASETNIVRVSGKGRGVGKWLRGIGNVGLAVCRLDVMTDLPIPGETPAGEDGVPEVREVKGEFTIEGDEGPLRIKAVPPA
WLRRELMEKWEVKNEQNMVRFQREAIESEEEM
;
_entity_poly.pdbx_strand_id   A,B,C,D,E,F
#
# COMPACT_ATOMS: atom_id res chain seq x y z
N PRO A 29 -17.88 42.57 -26.56
CA PRO A 29 -18.58 43.12 -27.73
C PRO A 29 -17.74 43.01 -29.01
N SER A 30 -16.57 43.63 -29.02
CA SER A 30 -15.73 43.67 -30.20
C SER A 30 -14.80 42.46 -30.24
N ILE A 31 -14.21 42.24 -31.42
CA ILE A 31 -13.28 41.14 -31.65
C ILE A 31 -11.87 41.72 -31.62
N PRO A 32 -10.97 41.21 -30.78
CA PRO A 32 -9.61 41.73 -30.75
C PRO A 32 -8.95 41.65 -32.13
N SER A 33 -8.35 42.77 -32.55
CA SER A 33 -7.70 42.82 -33.85
C SER A 33 -6.43 41.99 -33.90
N SER A 34 -5.80 41.74 -32.75
CA SER A 34 -4.63 40.88 -32.69
C SER A 34 -4.49 40.37 -31.26
N TYR A 35 -3.58 39.43 -31.07
CA TYR A 35 -3.33 38.88 -29.75
C TYR A 35 -2.41 39.80 -28.97
N ALA A 36 -2.75 40.06 -27.70
CA ALA A 36 -1.93 40.89 -26.84
C ALA A 36 -1.20 40.00 -25.84
N PRO A 37 0.11 39.79 -25.99
CA PRO A 37 0.82 38.96 -25.00
C PRO A 37 0.90 39.59 -23.62
N SER A 38 0.66 40.89 -23.49
CA SER A 38 0.64 41.55 -22.20
C SER A 38 -0.43 42.63 -22.20
N GLY A 39 -0.88 42.98 -21.01
CA GLY A 39 -1.92 43.98 -20.87
C GLY A 39 -2.58 43.89 -19.51
N ILE A 40 -3.56 44.76 -19.33
CA ILE A 40 -4.37 44.80 -18.10
C ILE A 40 -5.78 45.21 -18.50
N SER A 41 -6.77 44.57 -17.89
CA SER A 41 -8.16 44.79 -18.28
C SER A 41 -9.07 44.86 -17.06
N HIS A 42 -10.05 45.75 -17.13
CA HIS A 42 -11.12 45.79 -16.14
C HIS A 42 -12.09 44.66 -16.40
N LEU A 43 -12.24 43.76 -15.43
CA LEU A 43 -13.10 42.58 -15.61
C LEU A 43 -14.53 42.96 -15.26
N LEU A 44 -15.22 43.56 -16.23
CA LEU A 44 -16.59 44.00 -16.02
C LEU A 44 -17.54 42.83 -15.79
N SER A 45 -17.19 41.64 -16.29
CA SER A 45 -18.04 40.47 -16.11
C SER A 45 -17.88 39.81 -14.75
N ARG A 46 -16.96 40.30 -13.92
CA ARG A 46 -16.72 39.74 -12.59
C ARG A 46 -17.12 40.74 -11.53
N GLN A 47 -17.65 40.23 -10.42
CA GLN A 47 -18.02 41.07 -9.28
C GLN A 47 -17.69 40.34 -8.00
N LEU A 48 -17.47 41.11 -6.94
CA LEU A 48 -17.09 40.58 -5.64
C LEU A 48 -18.27 40.54 -4.69
N VAL A 49 -18.31 39.49 -3.86
CA VAL A 49 -19.23 39.36 -2.75
C VAL A 49 -18.39 39.22 -1.50
N VAL A 50 -18.83 39.83 -0.40
CA VAL A 50 -18.10 39.78 0.86
C VAL A 50 -18.83 38.84 1.81
N VAL A 51 -18.07 37.94 2.43
CA VAL A 51 -18.59 36.98 3.41
C VAL A 51 -17.81 37.17 4.71
N TYR A 52 -18.54 37.42 5.79
CA TYR A 52 -17.89 37.78 7.04
C TYR A 52 -18.76 37.31 8.21
N GLY A 53 -18.16 37.31 9.39
CA GLY A 53 -18.83 36.84 10.57
C GLY A 53 -17.96 35.85 11.34
N PRO A 54 -18.39 35.51 12.55
CA PRO A 54 -17.60 34.56 13.37
C PRO A 54 -17.40 33.21 12.69
N ASP A 55 -18.38 32.73 11.94
CA ASP A 55 -18.33 31.41 11.34
C ASP A 55 -17.97 31.43 9.86
N ALA A 56 -17.46 32.55 9.35
CA ALA A 56 -17.26 32.68 7.90
C ALA A 56 -16.28 31.65 7.37
N ALA A 57 -15.14 31.47 8.04
CA ALA A 57 -14.13 30.54 7.55
C ALA A 57 -14.63 29.11 7.59
N LYS A 58 -15.25 28.71 8.71
CA LYS A 58 -15.76 27.34 8.82
C LYS A 58 -16.89 27.10 7.82
N TYR A 59 -17.77 28.09 7.64
CA TYR A 59 -18.86 27.93 6.69
C TYR A 59 -18.36 27.82 5.25
N LEU A 60 -17.38 28.67 4.88
CA LEU A 60 -16.80 28.61 3.54
C LEU A 60 -16.11 27.28 3.30
N GLN A 61 -15.46 26.73 4.33
CA GLN A 61 -14.68 25.51 4.16
C GLN A 61 -15.54 24.34 3.73
N GLY A 62 -16.75 24.25 4.26
CA GLY A 62 -17.68 23.22 3.83
C GLY A 62 -18.40 23.53 2.55
N MET A 63 -18.11 24.67 1.93
CA MET A 63 -18.83 25.13 0.75
C MET A 63 -17.99 25.16 -0.52
N VAL A 64 -16.67 25.39 -0.41
CA VAL A 64 -15.82 25.53 -1.57
C VAL A 64 -14.85 24.35 -1.65
N THR A 65 -14.32 24.13 -2.85
CA THR A 65 -13.41 23.02 -3.10
C THR A 65 -12.00 23.29 -2.61
N ALA A 66 -11.65 24.55 -2.38
CA ALA A 66 -10.31 24.87 -1.91
C ALA A 66 -10.24 24.81 -0.39
N ASN A 67 -9.03 24.70 0.12
CA ASN A 67 -8.78 24.74 1.55
C ASN A 67 -8.76 26.19 2.01
N VAL A 68 -9.66 26.54 2.92
CA VAL A 68 -9.66 27.89 3.48
C VAL A 68 -8.56 28.06 4.53
N TYR A 69 -8.11 26.97 5.15
CA TYR A 69 -7.09 27.01 6.18
C TYR A 69 -5.72 26.68 5.61
N MET A 70 -4.69 27.07 6.35
CA MET A 70 -3.32 26.76 5.93
C MET A 70 -3.04 25.27 6.12
N PRO A 71 -2.18 24.68 5.29
CA PRO A 71 -1.81 23.28 5.49
C PRO A 71 -1.13 23.09 6.84
N GLY A 72 -1.39 21.94 7.46
CA GLY A 72 -0.84 21.67 8.77
C GLY A 72 -1.55 22.34 9.92
N SER A 73 -2.69 22.99 9.65
CA SER A 73 -3.48 23.64 10.68
C SER A 73 -4.94 23.62 10.27
N GLY A 74 -5.82 23.27 11.21
CA GLY A 74 -7.24 23.25 10.95
C GLY A 74 -7.97 24.51 11.34
N SER A 75 -7.27 25.51 11.85
CA SER A 75 -7.90 26.72 12.36
C SER A 75 -7.37 28.00 11.76
N MET A 76 -6.10 28.02 11.34
CA MET A 76 -5.46 29.26 10.88
C MET A 76 -5.85 29.53 9.43
N VAL A 77 -6.60 30.62 9.22
CA VAL A 77 -7.07 30.97 7.89
C VAL A 77 -5.90 31.36 7.01
N ARG A 78 -5.95 30.92 5.75
CA ARG A 78 -4.93 31.29 4.77
C ARG A 78 -4.83 32.81 4.65
N THR A 79 -3.61 33.32 4.66
CA THR A 79 -3.35 34.72 4.37
C THR A 79 -2.80 34.93 2.97
N ASP A 80 -2.84 33.91 2.12
CA ASP A 80 -2.56 34.11 0.70
C ASP A 80 -3.54 35.13 0.13
N ARG A 81 -3.01 36.12 -0.58
CA ARG A 81 -3.82 37.27 -0.96
C ARG A 81 -4.98 36.90 -1.87
N GLY A 82 -4.95 35.73 -2.49
CA GLY A 82 -6.05 35.26 -3.31
C GLY A 82 -5.81 33.88 -3.87
N TYR A 83 -6.86 33.06 -3.96
CA TYR A 83 -6.70 31.74 -4.52
C TYR A 83 -7.96 31.33 -5.27
N TYR A 84 -7.77 30.40 -6.20
CA TYR A 84 -8.84 29.87 -7.03
C TYR A 84 -9.61 28.80 -6.28
N ALA A 85 -10.91 28.71 -6.58
CA ALA A 85 -11.78 27.75 -5.91
C ALA A 85 -13.06 27.61 -6.71
N ALA A 86 -13.89 26.67 -6.30
CA ALA A 86 -15.20 26.46 -6.91
C ALA A 86 -16.21 26.08 -5.84
N LEU A 87 -17.45 26.51 -6.05
CA LEU A 87 -18.58 25.98 -5.31
C LEU A 87 -19.25 24.92 -6.17
N LEU A 88 -19.55 23.78 -5.56
CA LEU A 88 -20.19 22.68 -6.28
C LEU A 88 -21.58 22.43 -5.75
N THR A 89 -22.38 21.74 -6.57
CA THR A 89 -23.65 21.20 -6.13
C THR A 89 -23.42 19.92 -5.32
N GLY A 90 -24.49 19.44 -4.69
CA GLY A 90 -24.42 18.15 -4.03
C GLY A 90 -24.07 17.03 -5.00
N GLN A 91 -24.43 17.19 -6.27
CA GLN A 91 -24.09 16.24 -7.31
C GLN A 91 -22.72 16.50 -7.93
N GLY A 92 -21.86 17.27 -7.25
CA GLY A 92 -20.50 17.45 -7.69
C GLY A 92 -20.31 18.26 -8.95
N ARG A 93 -21.34 18.95 -9.43
CA ARG A 93 -21.21 19.77 -10.61
C ARG A 93 -20.85 21.20 -10.23
N VAL A 94 -20.19 21.91 -11.15
CA VAL A 94 -19.76 23.27 -10.87
C VAL A 94 -20.98 24.17 -10.71
N LEU A 95 -21.01 24.92 -9.60
CA LEU A 95 -22.03 25.92 -9.34
C LEU A 95 -21.51 27.32 -9.64
N TYR A 96 -20.41 27.71 -9.01
CA TYR A 96 -19.73 28.96 -9.29
C TYR A 96 -18.23 28.70 -9.28
N ASP A 97 -17.52 29.26 -10.26
CA ASP A 97 -16.05 29.27 -10.27
C ASP A 97 -15.59 30.62 -9.77
N VAL A 98 -14.84 30.63 -8.67
CA VAL A 98 -14.60 31.85 -7.92
C VAL A 98 -13.11 32.00 -7.61
N PHE A 99 -12.74 33.23 -7.28
CA PHE A 99 -11.51 33.52 -6.57
C PHE A 99 -11.87 33.99 -5.16
N ILE A 100 -11.06 33.61 -4.18
CA ILE A 100 -11.29 33.94 -2.79
C ILE A 100 -10.13 34.82 -2.33
N TYR A 101 -10.45 36.01 -1.85
CA TYR A 101 -9.45 36.93 -1.33
C TYR A 101 -9.68 37.11 0.16
N PRO A 102 -8.83 36.55 1.03
CA PRO A 102 -8.97 36.81 2.47
C PRO A 102 -8.83 38.29 2.75
N LEU A 103 -9.75 38.81 3.56
CA LEU A 103 -9.84 40.24 3.85
C LEU A 103 -9.54 40.46 5.32
N THR A 104 -8.36 41.01 5.60
CA THR A 104 -7.94 41.30 6.96
C THR A 104 -7.46 42.73 7.19
N ASP A 105 -7.10 43.46 6.14
CA ASP A 105 -6.34 44.71 6.26
C ASP A 105 -7.31 45.89 6.12
N SER A 106 -7.94 46.26 7.24
CA SER A 106 -8.54 47.58 7.44
C SER A 106 -9.32 48.11 6.25
N LYS A 107 -9.91 47.23 5.44
CA LYS A 107 -10.53 47.66 4.20
C LYS A 107 -11.92 48.22 4.48
N HIS A 108 -12.13 49.46 4.04
CA HIS A 108 -13.33 50.24 4.35
C HIS A 108 -14.61 49.64 3.82
N LEU A 109 -14.56 48.59 2.99
CA LEU A 109 -15.78 48.05 2.40
C LEU A 109 -16.76 47.55 3.46
N GLN A 110 -16.29 47.27 4.67
CA GLN A 110 -17.14 47.22 5.86
C GLN A 110 -16.97 48.58 6.54
N ARG A 111 -17.90 49.50 6.25
CA ARG A 111 -17.70 50.89 6.62
C ARG A 111 -17.56 51.06 8.12
N VAL A 112 -18.51 50.52 8.88
CA VAL A 112 -18.36 50.30 10.30
C VAL A 112 -18.34 48.79 10.52
N LEU A 113 -17.80 48.38 11.66
CA LEU A 113 -17.32 47.01 11.82
C LEU A 113 -18.28 46.15 12.63
N PRO A 114 -19.05 45.24 12.02
CA PRO A 114 -19.78 44.24 12.82
C PRO A 114 -18.85 43.22 13.46
N SER A 115 -17.94 42.65 12.67
CA SER A 115 -17.04 41.60 13.11
C SER A 115 -15.60 42.04 12.90
N ALA A 116 -14.75 41.71 13.87
CA ALA A 116 -13.33 42.05 13.79
C ALA A 116 -12.52 40.90 13.20
N GLY A 120 -15.04 37.58 13.44
CA GLY A 120 -14.25 36.43 13.02
C GLY A 120 -13.29 36.74 11.87
N ALA A 121 -13.68 36.34 10.66
CA ALA A 121 -12.87 36.58 9.48
C ALA A 121 -13.77 37.06 8.35
N ALA A 122 -13.15 37.72 7.36
CA ALA A 122 -13.86 38.28 6.22
C ALA A 122 -13.23 37.78 4.93
N PHE A 123 -14.07 37.49 3.95
CA PHE A 123 -13.63 36.97 2.66
C PHE A 123 -14.33 37.69 1.53
N LEU A 124 -13.56 38.08 0.51
CA LEU A 124 -14.11 38.57 -0.75
C LEU A 124 -14.15 37.41 -1.73
N ILE A 125 -15.32 37.14 -2.28
CA ILE A 125 -15.50 36.04 -3.23
C ILE A 125 -15.84 36.65 -4.58
N GLU A 126 -15.02 36.35 -5.58
CA GLU A 126 -15.15 36.90 -6.93
C GLU A 126 -15.91 35.91 -7.81
N VAL A 127 -17.04 36.35 -8.35
CA VAL A 127 -17.93 35.48 -9.13
C VAL A 127 -18.38 36.26 -10.37
N ASP A 128 -19.04 35.54 -11.27
CA ASP A 128 -19.65 36.18 -12.44
C ASP A 128 -20.61 37.28 -12.00
N LYS A 129 -20.54 38.43 -12.69
CA LYS A 129 -21.39 39.56 -12.32
C LYS A 129 -22.86 39.18 -12.38
N ASP A 130 -23.26 38.40 -13.39
CA ASP A 130 -24.64 37.94 -13.47
C ASP A 130 -25.01 36.99 -12.35
N GLN A 131 -24.02 36.36 -11.70
CA GLN A 131 -24.27 35.37 -10.66
C GLN A 131 -24.09 35.92 -9.25
N ALA A 132 -23.72 37.20 -9.12
CA ALA A 132 -23.35 37.73 -7.80
C ALA A 132 -24.54 37.71 -6.84
N GLY A 133 -25.69 38.20 -7.27
CA GLY A 133 -26.86 38.16 -6.41
C GLY A 133 -27.29 36.74 -6.10
N LEU A 134 -27.23 35.85 -7.09
CA LEU A 134 -27.59 34.46 -6.88
C LEU A 134 -26.62 33.79 -5.91
N LEU A 135 -25.33 34.15 -5.98
CA LEU A 135 -24.36 33.62 -5.02
C LEU A 135 -24.68 34.06 -3.60
N VAL A 136 -25.05 35.34 -3.43
CA VAL A 136 -25.39 35.86 -2.11
C VAL A 136 -26.59 35.10 -1.55
N ASP A 137 -27.61 34.90 -2.37
CA ASP A 137 -28.80 34.16 -1.91
C ASP A 137 -28.44 32.73 -1.56
N HIS A 138 -27.59 32.08 -2.37
CA HIS A 138 -27.17 30.72 -2.07
C HIS A 138 -26.43 30.64 -0.75
N ILE A 139 -25.52 31.59 -0.50
CA ILE A 139 -24.80 31.61 0.76
C ILE A 139 -25.75 31.89 1.92
N LYS A 140 -26.74 32.76 1.70
CA LYS A 140 -27.69 33.11 2.75
C LYS A 140 -28.54 31.92 3.17
N ARG A 141 -29.12 31.20 2.20
CA ARG A 141 -30.13 30.20 2.51
C ARG A 141 -29.56 28.92 3.12
N TYR A 142 -28.27 28.66 2.96
CA TYR A 142 -27.68 27.43 3.47
C TYR A 142 -26.96 27.61 4.80
N ARG A 143 -26.95 28.81 5.37
CA ARG A 143 -26.17 29.03 6.59
C ARG A 143 -26.84 28.43 7.83
N VAL A 144 -28.17 28.39 7.87
CA VAL A 144 -28.92 27.88 9.01
C VAL A 144 -28.53 28.65 10.26
N ARG A 145 -27.65 28.08 11.08
CA ARG A 145 -27.20 28.72 12.31
C ARG A 145 -25.85 29.40 12.18
N ALA A 146 -25.17 29.26 11.04
CA ALA A 146 -23.83 29.82 10.89
C ALA A 146 -23.88 31.34 11.05
N LYS A 147 -23.06 31.85 11.97
CA LYS A 147 -22.97 33.29 12.21
C LYS A 147 -22.19 33.90 11.06
N VAL A 148 -22.88 34.08 9.93
CA VAL A 148 -22.26 34.54 8.68
C VAL A 148 -23.15 35.62 8.08
N LYS A 149 -22.53 36.70 7.62
CA LYS A 149 -23.21 37.75 6.87
C LYS A 149 -22.59 37.85 5.48
N VAL A 150 -23.41 38.24 4.51
CA VAL A 150 -23.00 38.22 3.11
C VAL A 150 -23.78 39.27 2.34
N LYS A 151 -23.08 39.98 1.45
CA LYS A 151 -23.71 40.98 0.60
C LYS A 151 -22.82 41.21 -0.61
N VAL A 152 -23.43 41.75 -1.67
CA VAL A 152 -22.66 42.10 -2.86
C VAL A 152 -21.83 43.35 -2.58
N VAL A 153 -20.71 43.45 -3.27
CA VAL A 153 -19.85 44.63 -3.21
C VAL A 153 -20.03 45.41 -4.50
N ASP A 154 -20.34 46.69 -4.38
CA ASP A 154 -20.52 47.54 -5.56
C ASP A 154 -19.22 47.56 -6.37
N VAL A 155 -19.37 47.45 -7.70
CA VAL A 155 -18.20 47.49 -8.57
C VAL A 155 -17.49 48.82 -8.48
N GLU A 156 -18.17 49.87 -8.00
CA GLU A 156 -17.52 51.15 -7.77
C GLU A 156 -16.59 51.09 -6.55
N GLU A 157 -16.99 50.35 -5.52
CA GLU A 157 -16.19 50.30 -4.30
C GLU A 157 -14.93 49.46 -4.52
N VAL A 158 -15.08 48.21 -4.94
CA VAL A 158 -13.95 47.36 -5.29
C VAL A 158 -14.18 46.83 -6.70
N ALA A 159 -13.19 46.99 -7.56
CA ALA A 159 -13.26 46.56 -8.94
C ALA A 159 -12.26 45.44 -9.19
N VAL A 160 -12.63 44.49 -10.04
CA VAL A 160 -11.78 43.35 -10.38
C VAL A 160 -11.05 43.67 -11.68
N TRP A 161 -9.74 43.66 -11.63
CA TRP A 161 -8.88 43.79 -12.81
C TRP A 161 -8.03 42.54 -12.95
N HIS A 162 -7.36 42.44 -14.09
CA HIS A 162 -6.43 41.35 -14.33
C HIS A 162 -5.34 41.84 -15.26
N ALA A 163 -4.09 41.53 -14.95
CA ALA A 163 -2.96 41.91 -15.78
C ALA A 163 -2.12 40.68 -16.09
N TRP A 164 -1.53 40.67 -17.27
CA TRP A 164 -0.70 39.55 -17.71
C TRP A 164 0.50 40.10 -18.48
N ASP A 165 1.61 39.38 -18.38
CA ASP A 165 2.89 39.78 -18.97
C ASP A 165 3.82 38.57 -18.92
N PRO A 166 4.52 38.25 -20.01
CA PRO A 166 5.48 37.13 -19.95
C PRO A 166 6.53 37.29 -18.86
N ASN A 167 6.94 38.52 -18.55
CA ASN A 167 7.95 38.77 -17.53
C ASN A 167 7.34 38.94 -16.14
N GLY A 168 6.08 38.58 -15.96
CA GLY A 168 5.51 38.39 -14.63
C GLY A 168 5.23 39.62 -13.80
N LEU A 169 4.40 39.43 -12.77
CA LEU A 169 4.05 40.44 -11.78
C LEU A 169 3.80 39.72 -10.47
N GLY A 170 3.15 40.40 -9.52
CA GLY A 170 2.71 39.76 -8.30
C GLY A 170 3.49 40.16 -7.06
N ALA A 172 2.38 43.73 -4.40
CA ALA A 172 1.25 42.91 -4.01
C ALA A 172 0.15 43.76 -3.38
N SER A 173 0.19 43.89 -2.05
CA SER A 173 -0.83 44.62 -1.31
C SER A 173 -0.29 46.00 -0.95
N VAL A 174 -0.35 46.91 -1.92
CA VAL A 174 -0.07 48.31 -1.71
C VAL A 174 -1.39 49.07 -1.71
N ASN A 175 -1.34 50.32 -1.22
CA ASN A 175 -2.47 50.98 -0.56
C ASN A 175 -3.85 50.67 -1.15
N ASP A 176 -4.05 50.95 -2.43
CA ASP A 176 -5.36 50.77 -3.03
C ASP A 176 -5.45 49.53 -3.91
N LEU A 177 -4.38 48.78 -4.05
CA LEU A 177 -4.29 47.68 -5.02
C LEU A 177 -3.92 46.39 -4.31
N LEU A 178 -4.76 45.36 -4.48
CA LEU A 178 -4.40 44.00 -4.11
C LEU A 178 -4.00 43.27 -5.38
N VAL A 179 -2.74 42.86 -5.46
CA VAL A 179 -2.22 42.12 -6.61
C VAL A 179 -1.79 40.75 -6.14
N THR A 180 -2.31 39.71 -6.80
CA THR A 180 -2.03 38.34 -6.40
C THR A 180 -2.01 37.45 -7.64
N PRO A 181 -1.08 36.49 -7.73
CA PRO A 181 -0.97 35.69 -8.95
C PRO A 181 -2.21 34.84 -9.20
N ASP A 182 -2.52 34.65 -10.47
CA ASP A 182 -3.53 33.70 -10.92
C ASP A 182 -2.78 32.41 -11.22
N CYS A 183 -2.91 31.43 -10.34
CA CYS A 183 -2.10 30.22 -10.39
C CYS A 183 -2.76 29.09 -11.15
N ARG A 184 -3.85 29.36 -11.88
CA ARG A 184 -4.49 28.33 -12.69
C ARG A 184 -3.54 27.82 -13.77
N THR A 185 -2.74 28.71 -14.35
CA THR A 185 -1.67 28.36 -15.26
C THR A 185 -0.44 29.17 -14.90
N PRO A 186 0.75 28.74 -15.31
CA PRO A 186 1.95 29.55 -15.03
C PRO A 186 1.90 30.94 -15.63
N ALA A 187 1.17 31.15 -16.72
CA ALA A 187 1.20 32.41 -17.45
C ALA A 187 -0.15 33.11 -17.48
N MET A 188 -1.07 32.76 -16.57
CA MET A 188 -2.38 33.43 -16.54
C MET A 188 -2.22 34.91 -16.19
N GLY A 189 -1.30 35.24 -15.29
CA GLY A 189 -1.13 36.61 -14.87
C GLY A 189 -1.48 36.81 -13.41
N SER A 190 -1.99 37.97 -13.06
CA SER A 190 -2.33 38.28 -11.68
C SER A 190 -3.70 38.93 -11.61
N ARG A 191 -4.53 38.46 -10.67
CA ARG A 191 -5.76 39.16 -10.35
C ARG A 191 -5.44 40.43 -9.59
N ILE A 192 -6.21 41.49 -9.87
CA ILE A 192 -5.98 42.79 -9.26
C ILE A 192 -7.31 43.32 -8.73
N LEU A 193 -7.35 43.65 -7.44
CA LEU A 193 -8.50 44.29 -6.82
C LEU A 193 -8.19 45.76 -6.56
N HIS A 194 -9.02 46.64 -7.10
CA HIS A 194 -8.86 48.09 -6.92
C HIS A 194 -9.89 48.56 -5.90
N PHE A 195 -9.42 49.06 -4.77
CA PHE A 195 -10.30 49.39 -3.65
C PHE A 195 -10.70 50.85 -3.58
N GLY A 196 -9.98 51.75 -4.25
CA GLY A 196 -10.25 53.16 -4.14
C GLY A 196 -11.60 53.59 -4.68
N GLY A 197 -11.76 53.50 -6.01
CA GLY A 197 -12.98 53.90 -6.66
C GLY A 197 -12.77 54.04 -8.15
N PRO A 198 -13.79 54.49 -8.88
CA PRO A 198 -13.64 54.70 -10.32
C PRO A 198 -12.68 55.84 -10.62
N ASP A 199 -12.87 56.97 -9.94
CA ASP A 199 -12.06 58.17 -10.16
C ASP A 199 -10.76 58.10 -9.36
N GLY A 200 -9.97 57.06 -9.67
CA GLY A 200 -8.68 56.87 -9.07
C GLY A 200 -7.59 56.79 -10.13
N ASN A 201 -6.34 56.94 -9.68
CA ASN A 201 -5.18 56.85 -10.55
C ASN A 201 -4.33 55.61 -10.26
N ALA A 202 -4.82 54.66 -9.44
CA ALA A 202 -4.01 53.52 -9.05
C ALA A 202 -3.76 52.57 -10.22
N ILE A 203 -4.81 52.23 -10.96
CA ILE A 203 -4.67 51.27 -12.05
C ILE A 203 -3.79 51.83 -13.16
N GLN A 204 -4.06 53.08 -13.56
CA GLN A 204 -3.29 53.68 -14.66
C GLN A 204 -1.81 53.82 -14.29
N ASN A 205 -1.54 54.19 -13.04
CA ASN A 205 -0.15 54.22 -12.57
C ASN A 205 0.47 52.83 -12.57
N PHE A 206 -0.31 51.83 -12.17
CA PHE A 206 0.19 50.45 -12.20
C PHE A 206 0.52 50.01 -13.62
N ALA A 207 -0.38 50.30 -14.57
CA ALA A 207 -0.13 49.90 -15.96
C ALA A 207 1.08 50.61 -16.54
N GLU A 208 1.20 51.91 -16.26
CA GLU A 208 2.37 52.67 -16.70
C GLU A 208 3.64 52.17 -16.03
N ARG A 209 3.57 51.84 -14.74
CA ARG A 209 4.73 51.29 -14.04
C ARG A 209 5.16 49.96 -14.62
N CYS A 210 4.19 49.08 -14.91
CA CYS A 210 4.47 47.76 -15.44
C CYS A 210 4.52 47.72 -16.97
N GLN A 211 4.43 48.88 -17.62
CA GLN A 211 4.48 49.00 -19.07
C GLN A 211 3.43 48.12 -19.76
N LEU A 212 2.20 48.17 -19.23
CA LEU A 212 1.09 47.39 -19.75
C LEU A 212 0.08 48.31 -20.42
N GLN A 213 -0.47 47.85 -21.54
CA GLN A 213 -1.53 48.58 -22.21
C GLN A 213 -2.87 48.24 -21.57
N VAL A 214 -3.64 49.27 -21.22
CA VAL A 214 -4.98 49.05 -20.69
C VAL A 214 -5.89 48.64 -21.85
N LEU A 215 -6.49 47.47 -21.75
CA LEU A 215 -7.23 46.88 -22.86
C LEU A 215 -8.64 46.50 -22.41
N PRO A 216 -9.59 46.51 -23.34
CA PRO A 216 -10.94 46.04 -23.01
C PRO A 216 -10.94 44.55 -22.69
N GLN A 217 -12.01 44.12 -22.02
CA GLN A 217 -12.06 42.80 -21.39
C GLN A 217 -11.80 41.67 -22.38
N GLU A 218 -12.19 41.83 -23.64
CA GLU A 218 -12.08 40.74 -24.59
C GLU A 218 -10.63 40.35 -24.85
N TYR A 219 -9.67 41.25 -24.62
CA TYR A 219 -8.27 40.86 -24.73
C TYR A 219 -7.86 39.94 -23.60
N TYR A 220 -8.44 40.13 -22.41
CA TYR A 220 -8.22 39.18 -21.32
C TYR A 220 -8.85 37.84 -21.64
N VAL A 221 -10.05 37.85 -22.24
CA VAL A 221 -10.71 36.59 -22.62
C VAL A 221 -9.86 35.84 -23.63
N LEU A 222 -9.29 36.56 -24.60
CA LEU A 222 -8.39 35.93 -25.55
C LEU A 222 -7.18 35.33 -24.85
N HIS A 223 -6.61 36.06 -23.90
CA HIS A 223 -5.50 35.51 -23.11
C HIS A 223 -5.93 34.29 -22.32
N ARG A 224 -7.12 34.33 -21.71
CA ARG A 224 -7.67 33.17 -21.02
C ARG A 224 -7.75 31.96 -21.94
N ILE A 225 -8.30 32.16 -23.14
CA ILE A 225 -8.53 31.06 -24.06
C ILE A 225 -7.22 30.45 -24.52
N THR A 226 -6.23 31.29 -24.86
CA THR A 226 -4.95 30.75 -25.29
C THR A 226 -4.21 30.03 -24.17
N GLN A 227 -4.56 30.28 -22.92
CA GLN A 227 -4.06 29.53 -21.78
C GLN A 227 -4.90 28.29 -21.49
N GLY A 228 -6.06 28.15 -22.12
CA GLY A 228 -6.92 27.01 -21.90
C GLY A 228 -7.77 27.06 -20.65
N VAL A 229 -8.06 28.25 -20.14
CA VAL A 229 -8.75 28.41 -18.87
C VAL A 229 -10.19 28.80 -19.13
N PRO A 230 -11.17 27.97 -18.78
CA PRO A 230 -12.56 28.40 -18.81
C PRO A 230 -12.91 29.22 -17.57
N GLU A 231 -13.87 30.12 -17.74
CA GLU A 231 -14.24 31.02 -16.65
C GLU A 231 -15.66 31.52 -16.88
N GLY A 232 -16.41 31.63 -15.78
CA GLY A 232 -17.77 32.14 -15.83
C GLY A 232 -18.78 31.05 -16.14
N GLN A 233 -20.05 31.39 -15.96
CA GLN A 233 -21.13 30.43 -16.13
C GLN A 233 -21.65 30.36 -17.56
N THR A 234 -21.12 31.18 -18.46
CA THR A 234 -21.33 30.95 -19.89
C THR A 234 -20.48 29.82 -20.42
N GLU A 235 -19.31 29.59 -19.81
CA GLU A 235 -18.39 28.54 -20.22
C GLU A 235 -18.44 27.32 -19.30
N LEU A 236 -18.49 27.54 -17.99
CA LEU A 236 -18.66 26.47 -17.01
C LEU A 236 -20.13 26.49 -16.61
N LEU A 237 -20.94 25.72 -17.31
CA LEU A 237 -22.39 25.83 -17.19
C LEU A 237 -22.84 25.53 -15.76
N LYS A 238 -23.66 26.42 -15.21
CA LYS A 238 -24.07 26.33 -13.82
C LYS A 238 -24.86 25.05 -13.58
N MET A 239 -24.45 24.31 -12.54
CA MET A 239 -25.04 23.05 -12.11
C MET A 239 -24.86 21.93 -13.13
N SER A 240 -24.05 22.15 -14.15
CA SER A 240 -23.86 21.13 -15.19
C SER A 240 -22.41 20.80 -15.45
N ALA A 241 -21.52 21.79 -15.37
CA ALA A 241 -20.12 21.55 -15.71
C ALA A 241 -19.48 20.56 -14.74
N ILE A 242 -18.69 19.65 -15.30
CA ILE A 242 -18.02 18.61 -14.52
C ILE A 242 -16.64 19.11 -14.12
N PRO A 243 -16.29 19.07 -12.82
CA PRO A 243 -15.01 19.63 -12.39
C PRO A 243 -13.79 19.11 -13.13
N HIS A 244 -13.64 17.79 -13.27
CA HIS A 244 -12.45 17.25 -13.94
C HIS A 244 -12.45 17.60 -15.42
N GLU A 245 -13.62 17.58 -16.07
CA GLU A 245 -13.71 18.06 -17.44
C GLU A 245 -13.31 19.53 -17.55
N SER A 246 -13.62 20.31 -16.53
CA SER A 246 -13.30 21.73 -16.49
C SER A 246 -11.86 21.98 -16.03
N ASN A 247 -11.10 20.93 -15.78
CA ASN A 247 -9.69 21.02 -15.35
C ASN A 247 -9.55 21.71 -14.01
N LEU A 248 -10.57 21.66 -13.16
CA LEU A 248 -10.42 22.22 -11.82
C LEU A 248 -9.41 21.43 -10.99
N ASP A 249 -9.15 20.17 -11.34
CA ASP A 249 -8.07 19.44 -10.70
C ASP A 249 -6.71 19.96 -11.14
N LEU A 250 -6.57 20.32 -12.42
CA LEU A 250 -5.29 20.77 -12.94
C LEU A 250 -5.00 22.24 -12.65
N MET A 251 -6.02 23.02 -12.29
CA MET A 251 -5.83 24.45 -12.14
C MET A 251 -5.68 24.86 -10.68
N GLY A 252 -5.53 23.90 -9.77
CA GLY A 252 -5.23 24.18 -8.39
C GLY A 252 -6.40 24.61 -7.53
N GLY A 253 -7.62 24.54 -8.05
CA GLY A 253 -8.79 24.96 -7.31
C GLY A 253 -9.43 23.91 -6.43
N ILE A 254 -8.94 22.67 -6.44
CA ILE A 254 -9.47 21.61 -5.61
C ILE A 254 -8.37 21.09 -4.70
N ASP A 255 -8.62 21.09 -3.40
CA ASP A 255 -7.78 20.39 -2.45
C ASP A 255 -8.36 19.00 -2.23
N PHE A 256 -7.65 17.98 -2.70
CA PHE A 256 -8.10 16.60 -2.53
C PHE A 256 -7.81 16.06 -1.15
N ARG A 257 -6.98 16.74 -0.37
CA ARG A 257 -6.61 16.30 0.97
C ARG A 257 -7.45 16.95 2.06
N LYS A 258 -8.26 17.94 1.73
CA LYS A 258 -9.12 18.56 2.74
C LYS A 258 -10.31 17.65 3.04
N GLY A 259 -11.05 18.02 4.08
CA GLY A 259 -12.16 17.21 4.55
C GLY A 259 -13.39 17.30 3.66
N CYS A 260 -14.54 17.11 4.26
CA CYS A 260 -15.79 17.09 3.52
C CYS A 260 -16.20 18.49 3.10
N TYR A 261 -16.72 18.61 1.88
CA TYR A 261 -17.39 19.81 1.42
C TYR A 261 -18.48 19.39 0.44
N VAL A 262 -19.33 20.35 0.08
CA VAL A 262 -20.46 20.06 -0.81
C VAL A 262 -19.91 19.55 -2.14
N GLY A 263 -20.34 18.36 -2.55
CA GLY A 263 -19.92 17.77 -3.80
C GLY A 263 -18.59 17.06 -3.78
N GLN A 264 -17.97 16.89 -2.61
CA GLN A 264 -16.66 16.26 -2.55
C GLN A 264 -16.71 14.79 -2.98
N GLU A 265 -17.81 14.09 -2.69
CA GLU A 265 -17.87 12.66 -2.93
C GLU A 265 -17.65 12.34 -4.41
N LEU A 266 -18.31 13.07 -5.29
CA LEU A 266 -18.21 12.76 -6.71
C LEU A 266 -16.91 13.28 -7.32
N VAL A 267 -16.37 14.38 -6.80
CA VAL A 267 -15.04 14.83 -7.20
C VAL A 267 -13.99 13.81 -6.76
N THR A 268 -14.09 13.34 -5.52
CA THR A 268 -13.11 12.39 -4.99
C THR A 268 -13.18 11.06 -5.73
N ARG A 269 -14.38 10.57 -6.03
CA ARG A 269 -14.50 9.29 -6.71
C ARG A 269 -13.93 9.35 -8.12
N THR A 270 -14.14 10.46 -8.83
CA THR A 270 -13.50 10.65 -10.12
C THR A 270 -11.99 10.66 -10.01
N GLU A 271 -11.47 11.37 -8.99
CA GLU A 271 -10.02 11.48 -8.82
C GLU A 271 -9.39 10.12 -8.57
N HIS A 272 -10.02 9.28 -7.75
CA HIS A 272 -9.43 7.99 -7.39
C HIS A 272 -9.78 6.87 -8.35
N ARG A 273 -11.03 6.82 -8.84
CA ARG A 273 -11.49 5.72 -9.69
C ARG A 273 -11.72 6.09 -11.14
N GLY A 274 -12.01 7.36 -11.43
CA GLY A 274 -12.45 7.72 -12.76
C GLY A 274 -11.33 7.73 -13.79
N VAL A 275 -11.72 7.62 -15.05
CA VAL A 275 -10.83 7.77 -16.18
C VAL A 275 -11.36 8.95 -16.98
N VAL A 276 -10.67 10.09 -16.91
CA VAL A 276 -11.15 11.34 -17.48
C VAL A 276 -10.69 11.40 -18.92
N ARG A 277 -11.62 11.14 -19.85
CA ARG A 277 -11.34 11.18 -21.28
C ARG A 277 -11.72 12.51 -21.92
N LYS A 278 -12.37 13.42 -21.20
CA LYS A 278 -12.85 14.67 -21.75
C LYS A 278 -12.38 15.83 -20.88
N ARG A 279 -11.71 16.79 -21.48
CA ARG A 279 -11.24 17.97 -20.76
C ARG A 279 -11.37 19.20 -21.64
N VAL A 280 -11.53 20.36 -21.00
CA VAL A 280 -11.53 21.62 -21.71
C VAL A 280 -10.15 21.85 -22.30
N LEU A 281 -10.10 22.19 -23.58
CA LEU A 281 -8.85 22.51 -24.26
C LEU A 281 -9.06 23.73 -25.14
N PRO A 282 -8.00 24.48 -25.40
CA PRO A 282 -8.10 25.54 -26.42
C PRO A 282 -8.06 24.94 -27.82
N CYS A 283 -8.84 25.53 -28.72
CA CYS A 283 -8.97 25.02 -30.07
C CYS A 283 -8.77 26.13 -31.08
N VAL A 284 -8.28 25.77 -32.26
CA VAL A 284 -8.12 26.68 -33.37
C VAL A 284 -9.13 26.32 -34.45
N VAL A 285 -9.82 27.34 -34.96
CA VAL A 285 -10.70 27.19 -36.11
C VAL A 285 -9.93 27.62 -37.35
N TYR A 286 -9.89 26.77 -38.37
CA TYR A 286 -9.06 27.03 -39.54
C TYR A 286 -9.70 26.43 -40.78
N GLU A 287 -9.18 26.84 -41.93
CA GLU A 287 -9.54 26.30 -43.23
C GLU A 287 -8.52 25.26 -43.64
N GLY A 288 -8.98 24.25 -44.39
CA GLY A 288 -8.16 23.11 -44.74
C GLY A 288 -6.77 23.48 -45.23
N SER A 289 -5.76 23.13 -44.44
CA SER A 289 -4.39 23.56 -44.72
C SER A 289 -3.59 22.45 -45.39
N GLY A 301 1.05 33.42 -26.22
CA GLY A 301 1.45 32.16 -25.61
C GLY A 301 1.19 30.96 -26.49
N ASP A 302 2.11 30.70 -27.42
CA ASP A 302 2.04 29.55 -28.33
C ASP A 302 0.80 29.64 -29.22
N LEU A 303 -0.39 29.55 -28.61
CA LEU A 303 -1.62 29.64 -29.38
C LEU A 303 -1.91 31.06 -29.84
N GLY A 304 -1.41 32.05 -29.12
CA GLY A 304 -1.65 33.43 -29.50
C GLY A 304 -1.00 33.83 -30.81
N GLY A 305 0.03 33.10 -31.23
CA GLY A 305 0.62 33.36 -32.54
C GLY A 305 -0.25 32.94 -33.69
N LEU A 306 -1.21 32.04 -33.46
CA LEU A 306 -2.14 31.61 -34.49
C LEU A 306 -3.39 32.46 -34.55
N TYR A 307 -3.57 33.39 -33.62
CA TYR A 307 -4.82 34.15 -33.55
C TYR A 307 -4.93 35.14 -34.70
N THR A 308 -6.13 35.19 -35.29
CA THR A 308 -6.50 36.23 -36.24
C THR A 308 -7.97 36.57 -36.02
N ASP A 309 -8.33 37.79 -36.42
CA ASP A 309 -9.72 38.24 -36.35
C ASP A 309 -10.45 38.06 -37.68
N ARG A 310 -9.81 37.43 -38.65
CA ARG A 310 -10.42 37.25 -39.96
C ARG A 310 -11.33 36.03 -39.98
N PRO A 311 -12.40 36.08 -40.77
CA PRO A 311 -13.35 34.95 -40.79
C PRO A 311 -12.71 33.70 -41.36
N ILE A 312 -13.34 32.56 -41.08
CA ILE A 312 -12.90 31.25 -41.55
C ILE A 312 -13.88 30.69 -42.60
N ALA A 313 -15.08 30.31 -42.18
CA ALA A 313 -16.28 30.29 -43.01
C ALA A 313 -17.40 31.10 -42.36
N GLY A 314 -17.52 31.07 -41.01
CA GLY A 314 -18.32 32.05 -40.31
C GLY A 314 -17.49 33.27 -39.92
N LEU A 315 -18.18 34.31 -39.43
CA LEU A 315 -17.53 35.59 -39.19
C LEU A 315 -16.43 35.48 -38.13
N SER A 316 -16.66 34.72 -37.08
CA SER A 316 -15.69 34.54 -36.01
C SER A 316 -16.17 33.38 -35.14
N SER A 317 -15.36 33.05 -34.14
CA SER A 317 -15.65 31.88 -33.32
C SER A 317 -16.78 32.12 -32.33
N ALA A 318 -17.14 33.38 -32.06
CA ALA A 318 -18.23 33.65 -31.14
C ALA A 318 -19.58 33.21 -31.69
N ARG A 319 -19.66 32.91 -32.99
CA ARG A 319 -20.93 32.58 -33.62
C ARG A 319 -21.22 31.09 -33.70
N GLU A 320 -20.29 30.23 -33.31
CA GLU A 320 -20.64 28.83 -33.06
C GLU A 320 -21.58 28.78 -31.86
N ILE A 321 -22.66 28.00 -31.98
CA ILE A 321 -23.83 28.11 -31.12
C ILE A 321 -23.38 28.31 -29.68
N ALA A 322 -23.92 29.33 -29.03
CA ALA A 322 -23.33 29.96 -27.84
C ALA A 322 -22.79 28.94 -26.85
N SER A 323 -23.32 27.72 -26.87
CA SER A 323 -22.77 26.64 -26.08
C SER A 323 -23.12 25.30 -26.72
N GLU A 324 -22.22 24.33 -26.52
CA GLU A 324 -22.51 22.90 -26.63
C GLU A 324 -22.67 22.43 -28.08
N THR A 325 -22.06 23.10 -29.04
CA THR A 325 -22.02 22.58 -30.40
C THR A 325 -21.07 21.39 -30.47
N ASN A 326 -21.53 20.33 -31.14
CA ASN A 326 -20.73 19.12 -31.26
C ASN A 326 -19.58 19.29 -32.23
N ILE A 327 -18.41 18.82 -31.83
CA ILE A 327 -17.28 18.64 -32.73
C ILE A 327 -17.31 17.21 -33.25
N VAL A 328 -17.12 17.04 -34.55
CA VAL A 328 -17.25 15.74 -35.20
C VAL A 328 -16.05 15.50 -36.10
N ARG A 329 -15.79 14.22 -36.36
CA ARG A 329 -14.80 13.85 -37.36
C ARG A 329 -15.28 14.28 -38.74
N VAL A 330 -14.34 14.73 -39.59
CA VAL A 330 -14.72 15.18 -40.92
C VAL A 330 -15.22 14.00 -41.77
N SER A 331 -14.69 12.79 -41.53
CA SER A 331 -15.12 11.62 -42.30
C SER A 331 -16.62 11.40 -42.19
N GLY A 332 -17.20 11.64 -41.01
CA GLY A 332 -18.59 11.42 -40.75
C GLY A 332 -18.88 10.26 -39.81
N LYS A 333 -17.84 9.60 -39.30
CA LYS A 333 -18.00 8.41 -38.49
C LYS A 333 -17.97 8.75 -37.00
N GLY A 334 -18.87 8.13 -36.24
CA GLY A 334 -18.91 8.27 -34.80
C GLY A 334 -19.12 9.69 -34.31
N ARG A 335 -20.28 10.27 -34.64
CA ARG A 335 -20.52 11.68 -34.37
C ARG A 335 -20.40 11.98 -32.88
N GLY A 336 -19.64 13.04 -32.57
CA GLY A 336 -19.55 13.57 -31.22
C GLY A 336 -18.25 13.23 -30.52
N VAL A 337 -17.28 14.13 -30.62
CA VAL A 337 -15.96 13.93 -30.01
C VAL A 337 -15.58 15.19 -29.23
N GLY A 338 -16.52 16.10 -29.05
CA GLY A 338 -16.24 17.34 -28.34
C GLY A 338 -17.45 18.25 -28.32
N LYS A 339 -17.43 19.17 -27.37
CA LYS A 339 -18.51 20.14 -27.19
C LYS A 339 -17.93 21.54 -27.13
N TRP A 340 -18.44 22.44 -27.98
CA TRP A 340 -17.95 23.80 -28.00
C TRP A 340 -18.42 24.57 -26.76
N LEU A 341 -17.54 25.39 -26.20
CA LEU A 341 -17.87 26.21 -25.04
C LEU A 341 -17.99 27.68 -25.39
N ARG A 342 -16.94 28.28 -25.96
CA ARG A 342 -16.93 29.70 -26.29
C ARG A 342 -15.68 30.01 -27.08
N GLY A 343 -15.77 30.99 -27.97
CA GLY A 343 -14.63 31.37 -28.79
C GLY A 343 -14.66 32.84 -29.17
N ILE A 344 -13.50 33.32 -29.60
CA ILE A 344 -13.36 34.64 -30.20
C ILE A 344 -12.31 34.53 -31.30
N GLY A 345 -12.53 35.25 -32.40
CA GLY A 345 -11.62 35.14 -33.52
C GLY A 345 -11.62 33.73 -34.07
N ASN A 346 -10.43 33.14 -34.18
CA ASN A 346 -10.27 31.79 -34.70
C ASN A 346 -9.88 30.79 -33.62
N VAL A 347 -10.08 31.15 -32.34
CA VAL A 347 -9.71 30.29 -31.23
C VAL A 347 -10.90 30.16 -30.30
N GLY A 348 -10.84 29.15 -29.44
CA GLY A 348 -11.92 28.96 -28.48
C GLY A 348 -11.59 27.87 -27.50
N LEU A 349 -12.57 27.59 -26.65
CA LEU A 349 -12.48 26.52 -25.67
C LEU A 349 -13.53 25.46 -25.98
N ALA A 350 -13.16 24.19 -25.81
CA ALA A 350 -14.08 23.10 -26.06
C ALA A 350 -13.75 21.93 -25.14
N VAL A 351 -14.79 21.25 -24.66
CA VAL A 351 -14.60 19.99 -23.95
C VAL A 351 -14.33 18.92 -24.99
N CYS A 352 -13.09 18.48 -25.10
CA CYS A 352 -12.66 17.61 -26.18
C CYS A 352 -12.40 16.19 -25.65
N ARG A 353 -12.73 15.20 -26.48
CA ARG A 353 -12.32 13.82 -26.21
C ARG A 353 -10.81 13.73 -26.38
N LEU A 354 -10.10 13.48 -25.28
CA LEU A 354 -8.64 13.47 -25.32
C LEU A 354 -8.13 12.31 -26.19
N ASP A 355 -8.75 11.14 -26.10
CA ASP A 355 -8.30 9.98 -26.85
C ASP A 355 -8.48 10.15 -28.35
N VAL A 356 -9.33 11.08 -28.78
CA VAL A 356 -9.64 11.26 -30.19
C VAL A 356 -8.93 12.47 -30.78
N MET A 357 -9.04 13.61 -30.12
CA MET A 357 -8.56 14.86 -30.69
C MET A 357 -7.12 15.21 -30.30
N THR A 358 -6.50 14.46 -29.38
CA THR A 358 -5.23 14.91 -28.83
C THR A 358 -4.21 13.78 -28.74
N ASP A 359 -2.98 14.20 -28.44
CA ASP A 359 -1.81 13.38 -28.20
C ASP A 359 -1.70 12.92 -26.75
N LEU A 360 -2.55 13.42 -25.86
CA LEU A 360 -2.26 13.43 -24.44
C LEU A 360 -2.34 12.04 -23.82
N PRO A 361 -1.50 11.76 -22.82
CA PRO A 361 -1.68 10.53 -22.04
C PRO A 361 -2.88 10.67 -21.12
N ILE A 362 -3.72 9.64 -21.10
CA ILE A 362 -4.93 9.62 -20.27
C ILE A 362 -4.63 8.83 -19.02
N PRO A 363 -4.55 9.45 -17.84
CA PRO A 363 -4.23 8.71 -16.62
C PRO A 363 -5.23 7.59 -16.38
N GLY A 364 -4.70 6.40 -16.09
CA GLY A 364 -5.51 5.23 -15.86
C GLY A 364 -5.92 4.47 -17.10
N GLU A 365 -5.63 4.98 -18.29
CA GLU A 365 -5.93 4.29 -19.54
C GLU A 365 -4.71 4.04 -20.41
N THR A 366 -3.89 5.06 -20.64
CA THR A 366 -2.81 4.96 -21.63
C THR A 366 -1.72 4.01 -21.13
N PRO A 367 -1.41 2.94 -21.87
CA PRO A 367 -0.39 2.00 -21.39
C PRO A 367 1.01 2.60 -21.46
N ALA A 368 1.87 2.11 -20.59
CA ALA A 368 3.25 2.56 -20.57
C ALA A 368 4.07 1.82 -21.62
N GLY A 369 5.09 2.50 -22.12
CA GLY A 369 6.04 1.90 -23.04
C GLY A 369 7.07 1.08 -22.29
N GLU A 370 8.12 0.71 -23.03
CA GLU A 370 9.21 -0.06 -22.43
C GLU A 370 9.92 0.74 -21.35
N ASP A 371 10.08 2.05 -21.56
CA ASP A 371 10.84 2.90 -20.66
C ASP A 371 10.00 3.47 -19.52
N GLY A 372 8.74 3.05 -19.41
CA GLY A 372 7.90 3.57 -18.34
C GLY A 372 7.24 4.89 -18.62
N VAL A 373 7.31 5.39 -19.86
CA VAL A 373 6.59 6.60 -20.23
C VAL A 373 5.38 6.19 -21.07
N PRO A 374 4.28 6.94 -21.03
CA PRO A 374 3.08 6.53 -21.79
C PRO A 374 3.34 6.52 -23.28
N GLU A 375 2.71 5.57 -23.96
CA GLU A 375 2.79 5.51 -25.41
C GLU A 375 2.12 6.74 -26.02
N VAL A 376 2.66 7.19 -27.14
CA VAL A 376 2.16 8.37 -27.83
C VAL A 376 1.37 7.90 -29.05
N ARG A 377 0.06 8.08 -29.01
CA ARG A 377 -0.80 7.77 -30.13
C ARG A 377 -0.94 9.00 -31.03
N GLU A 378 -1.06 8.76 -32.32
CA GLU A 378 -1.23 9.85 -33.28
C GLU A 378 -2.70 10.17 -33.45
N VAL A 379 -2.98 11.46 -33.68
CA VAL A 379 -4.34 11.91 -33.93
C VAL A 379 -4.70 11.57 -35.37
N LYS A 380 -5.83 10.88 -35.54
CA LYS A 380 -6.26 10.41 -36.86
C LYS A 380 -7.27 11.38 -37.45
N GLY A 381 -6.92 11.98 -38.59
CA GLY A 381 -7.85 12.81 -39.32
C GLY A 381 -8.05 14.18 -38.70
N GLU A 382 -9.08 14.85 -39.19
CA GLU A 382 -9.40 16.22 -38.80
C GLU A 382 -10.81 16.28 -38.23
N PHE A 383 -11.19 17.45 -37.75
CA PHE A 383 -12.48 17.61 -37.07
C PHE A 383 -13.14 18.90 -37.53
N THR A 384 -14.44 18.98 -37.29
CA THR A 384 -15.24 20.13 -37.72
C THR A 384 -16.49 20.20 -36.85
N ILE A 385 -17.34 21.22 -37.13
CA ILE A 385 -18.63 21.36 -36.46
C ILE A 385 -19.62 20.36 -37.07
N GLU A 386 -20.53 19.87 -36.21
CA GLU A 386 -21.64 19.04 -36.67
C GLU A 386 -22.45 19.76 -37.74
N GLY A 387 -22.77 19.05 -38.80
CA GLY A 387 -23.57 19.59 -39.88
C GLY A 387 -22.77 20.27 -40.97
N ASP A 388 -21.76 21.06 -40.59
CA ASP A 388 -20.94 21.79 -41.55
C ASP A 388 -20.18 20.84 -42.47
N GLU A 389 -20.53 20.84 -43.75
CA GLU A 389 -19.81 20.10 -44.77
C GLU A 389 -18.85 20.99 -45.57
N GLY A 390 -18.61 22.21 -45.08
CA GLY A 390 -17.65 23.10 -45.69
C GLY A 390 -16.23 22.84 -45.21
N PRO A 391 -15.31 23.71 -45.60
CA PRO A 391 -13.89 23.51 -45.27
C PRO A 391 -13.49 23.90 -43.85
N LEU A 392 -14.44 24.23 -42.98
CA LEU A 392 -14.08 24.62 -41.62
C LEU A 392 -13.51 23.42 -40.87
N ARG A 393 -12.50 23.67 -40.04
CA ARG A 393 -11.85 22.65 -39.25
C ARG A 393 -11.61 23.15 -37.84
N ILE A 394 -11.54 22.22 -36.89
CA ILE A 394 -11.23 22.52 -35.50
C ILE A 394 -10.09 21.62 -35.06
N LYS A 395 -9.09 22.20 -34.40
CA LYS A 395 -7.93 21.47 -33.91
C LYS A 395 -7.72 21.80 -32.44
N ALA A 396 -7.68 20.78 -31.60
CA ALA A 396 -7.34 20.98 -30.20
C ALA A 396 -5.84 21.18 -30.06
N VAL A 397 -5.44 22.18 -29.29
CA VAL A 397 -4.03 22.49 -29.06
C VAL A 397 -3.77 22.44 -27.56
N PRO A 398 -3.42 21.29 -27.01
CA PRO A 398 -3.20 21.19 -25.56
C PRO A 398 -2.12 22.12 -25.09
N PRO A 399 -2.37 22.88 -24.03
CA PRO A 399 -1.31 23.75 -23.48
C PRO A 399 -0.19 22.93 -22.87
N ALA A 400 1.01 23.53 -22.86
CA ALA A 400 2.17 22.85 -22.29
C ALA A 400 1.97 22.55 -20.81
N TRP A 401 1.38 23.48 -20.06
CA TRP A 401 1.16 23.24 -18.64
C TRP A 401 0.22 22.07 -18.41
N LEU A 402 -0.85 21.96 -19.21
CA LEU A 402 -1.78 20.85 -19.07
C LEU A 402 -1.11 19.54 -19.44
N ARG A 403 -0.30 19.54 -20.50
CA ARG A 403 0.39 18.32 -20.91
C ARG A 403 1.32 17.81 -19.81
N ARG A 404 2.07 18.72 -19.20
CA ARG A 404 2.98 18.32 -18.13
C ARG A 404 2.22 17.76 -16.94
N GLU A 405 1.11 18.42 -16.55
CA GLU A 405 0.37 17.98 -15.38
C GLU A 405 -0.37 16.68 -15.62
N LEU A 406 -0.88 16.47 -16.84
CA LEU A 406 -1.48 15.19 -17.17
C LEU A 406 -0.43 14.07 -17.15
N MET A 407 0.81 14.39 -17.53
CA MET A 407 1.90 13.44 -17.39
C MET A 407 2.12 13.05 -15.94
N GLU A 408 2.07 14.04 -15.03
CA GLU A 408 2.24 13.75 -13.61
C GLU A 408 1.11 12.86 -13.10
N LYS A 409 -0.14 13.20 -13.45
CA LYS A 409 -1.27 12.41 -13.00
C LYS A 409 -1.21 10.99 -13.57
N TRP A 410 -0.73 10.86 -14.81
CA TRP A 410 -0.54 9.54 -15.39
C TRP A 410 0.47 8.73 -14.59
N GLU A 411 1.58 9.37 -14.18
CA GLU A 411 2.60 8.66 -13.41
C GLU A 411 2.07 8.22 -12.06
N VAL A 412 1.32 9.08 -11.39
CA VAL A 412 0.76 8.72 -10.08
C VAL A 412 -0.25 7.58 -10.24
N LYS A 413 -1.12 7.66 -11.24
CA LYS A 413 -2.11 6.61 -11.44
C LYS A 413 -1.47 5.32 -11.92
N ASN A 414 -0.31 5.40 -12.58
CA ASN A 414 0.35 4.20 -13.08
C ASN A 414 1.00 3.40 -11.95
N GLU A 415 1.51 4.09 -10.93
CA GLU A 415 2.15 3.42 -9.81
C GLU A 415 1.17 3.21 -8.65
N PRO B 29 30.86 43.02 11.75
CA PRO B 29 29.95 44.13 11.44
C PRO B 29 29.20 44.64 12.66
N SER B 30 28.16 45.43 12.44
CA SER B 30 27.42 46.06 13.51
C SER B 30 26.28 45.17 14.00
N ILE B 31 25.75 45.50 15.17
CA ILE B 31 24.61 44.81 15.75
C ILE B 31 23.38 45.67 15.49
N PRO B 32 22.34 45.14 14.84
CA PRO B 32 21.14 45.94 14.57
C PRO B 32 20.55 46.53 15.84
N SER B 33 20.27 47.83 15.80
CA SER B 33 19.71 48.51 16.96
C SER B 33 18.29 48.06 17.25
N SER B 34 17.57 47.60 16.22
CA SER B 34 16.22 47.10 16.40
C SER B 34 15.90 46.16 15.25
N TYR B 35 14.77 45.48 15.35
CA TYR B 35 14.33 44.57 14.30
C TYR B 35 13.62 45.36 13.21
N ALA B 36 13.96 45.08 11.96
CA ALA B 36 13.32 45.73 10.83
C ALA B 36 12.36 44.75 10.17
N PRO B 37 11.05 44.92 10.31
CA PRO B 37 10.11 44.00 9.64
C PRO B 37 10.15 44.10 8.13
N SER B 38 10.70 45.18 7.58
CA SER B 38 10.83 45.33 6.14
C SER B 38 12.14 46.00 5.81
N GLY B 39 12.61 45.81 4.58
CA GLY B 39 13.86 46.41 4.16
C GLY B 39 14.40 45.72 2.93
N ILE B 40 15.57 46.19 2.51
CA ILE B 40 16.30 45.61 1.39
C ILE B 40 17.79 45.77 1.66
N SER B 41 18.56 44.72 1.37
CA SER B 41 19.96 44.70 1.75
C SER B 41 20.81 44.11 0.63
N HIS B 42 21.98 44.71 0.42
CA HIS B 42 22.99 44.15 -0.47
C HIS B 42 23.66 42.97 0.21
N LEU B 43 23.53 41.78 -0.38
CA LEU B 43 24.08 40.56 0.23
C LEU B 43 25.55 40.42 -0.19
N LEU B 44 26.41 41.13 0.55
CA LEU B 44 27.84 41.09 0.27
C LEU B 44 28.46 39.73 0.52
N SER B 45 27.82 38.90 1.36
CA SER B 45 28.35 37.58 1.66
C SER B 45 27.98 36.53 0.60
N ARG B 46 27.13 36.89 -0.36
CA ARG B 46 26.73 35.98 -1.42
C ARG B 46 27.32 36.44 -2.75
N GLN B 47 27.71 35.46 -3.58
CA GLN B 47 28.19 35.75 -4.92
C GLN B 47 27.62 34.71 -5.88
N LEU B 48 27.55 35.09 -7.15
CA LEU B 48 27.04 34.21 -8.19
C LEU B 48 28.16 33.59 -9.00
N VAL B 49 27.97 32.33 -9.38
CA VAL B 49 28.76 31.68 -10.40
C VAL B 49 27.81 31.38 -11.55
N VAL B 50 28.35 31.32 -12.77
CA VAL B 50 27.55 31.06 -13.95
C VAL B 50 27.96 29.69 -14.49
N VAL B 51 26.97 28.86 -14.80
CA VAL B 51 27.17 27.54 -15.36
C VAL B 51 26.41 27.45 -16.66
N TYR B 52 27.11 27.10 -17.74
CA TYR B 52 26.55 27.14 -19.07
C TYR B 52 27.22 26.10 -19.94
N GLY B 53 26.58 25.81 -21.07
CA GLY B 53 27.06 24.79 -21.97
C GLY B 53 25.95 23.86 -22.40
N PRO B 54 26.22 23.02 -23.40
CA PRO B 54 25.18 22.08 -23.86
C PRO B 54 24.68 21.16 -22.77
N ASP B 55 25.54 20.74 -21.85
CA ASP B 55 25.18 19.76 -20.83
C ASP B 55 24.91 20.39 -19.46
N ALA B 56 24.72 21.71 -19.40
CA ALA B 56 24.62 22.38 -18.11
C ALA B 56 23.43 21.87 -17.30
N ALA B 57 22.25 21.76 -17.93
CA ALA B 57 21.05 21.35 -17.19
C ALA B 57 21.18 19.92 -16.69
N LYS B 58 21.64 19.00 -17.54
CA LYS B 58 21.76 17.61 -17.12
C LYS B 58 22.84 17.44 -16.07
N TYR B 59 23.91 18.23 -16.16
CA TYR B 59 25.01 18.13 -15.20
C TYR B 59 24.59 18.68 -13.83
N LEU B 60 23.87 19.80 -13.82
CA LEU B 60 23.34 20.34 -12.57
C LEU B 60 22.35 19.40 -11.92
N GLN B 61 21.53 18.71 -12.73
CA GLN B 61 20.47 17.86 -12.20
C GLN B 61 21.04 16.75 -11.34
N GLY B 62 22.16 16.16 -11.76
CA GLY B 62 22.81 15.15 -10.96
C GLY B 62 23.65 15.67 -9.82
N MET B 63 23.72 16.99 -9.66
CA MET B 63 24.52 17.64 -8.64
C MET B 63 23.74 18.28 -7.51
N VAL B 64 22.55 18.80 -7.78
CA VAL B 64 21.81 19.57 -6.78
C VAL B 64 20.59 18.78 -6.34
N THR B 65 20.09 19.14 -5.15
CA THR B 65 18.94 18.46 -4.58
C THR B 65 17.62 18.88 -5.21
N ALA B 66 17.59 20.02 -5.90
CA ALA B 66 16.36 20.47 -6.51
C ALA B 66 16.23 19.94 -7.94
N ASN B 67 14.99 19.92 -8.42
CA ASN B 67 14.71 19.52 -9.79
C ASN B 67 15.02 20.68 -10.73
N VAL B 68 15.96 20.46 -11.65
CA VAL B 68 16.27 21.48 -12.64
C VAL B 68 15.19 21.57 -13.72
N TYR B 69 14.46 20.49 -13.97
CA TYR B 69 13.44 20.41 -14.99
C TYR B 69 12.06 20.64 -14.38
N MET B 70 11.09 21.01 -15.24
CA MET B 70 9.74 21.19 -14.73
C MET B 70 9.07 19.85 -14.50
N PRO B 71 8.16 19.77 -13.51
CA PRO B 71 7.44 18.53 -13.26
C PRO B 71 6.62 18.11 -14.48
N GLY B 72 6.56 16.80 -14.70
CA GLY B 72 5.89 16.28 -15.88
C GLY B 72 6.70 16.33 -17.15
N SER B 73 7.98 16.70 -17.05
CA SER B 73 8.86 16.74 -18.21
C SER B 73 10.29 16.46 -17.75
N GLY B 74 10.98 15.60 -18.48
CA GLY B 74 12.37 15.31 -18.18
C GLY B 74 13.38 16.13 -18.95
N SER B 75 12.93 17.05 -19.80
CA SER B 75 13.82 17.80 -20.66
C SER B 75 13.66 19.31 -20.54
N MET B 76 12.49 19.81 -20.18
CA MET B 76 12.25 21.25 -20.25
C MET B 76 12.75 21.90 -18.96
N VAL B 77 13.74 22.77 -19.10
CA VAL B 77 14.35 23.43 -17.95
C VAL B 77 13.35 24.37 -17.31
N ARG B 78 13.34 24.40 -15.98
CA ARG B 78 12.48 25.31 -15.25
C ARG B 78 12.77 26.76 -15.66
N THR B 79 11.70 27.50 -15.90
CA THR B 79 11.80 28.93 -16.14
C THR B 79 11.36 29.76 -14.93
N ASP B 80 11.19 29.11 -13.77
CA ASP B 80 11.04 29.84 -12.52
C ASP B 80 12.28 30.71 -12.31
N ARG B 81 12.05 31.98 -12.01
CA ARG B 81 13.15 32.95 -12.04
C ARG B 81 14.22 32.64 -10.99
N GLY B 82 13.92 31.82 -10.00
CA GLY B 82 14.90 31.39 -9.02
C GLY B 82 14.34 30.39 -8.04
N TYR B 83 15.17 29.42 -7.62
CA TYR B 83 14.70 28.45 -6.64
C TYR B 83 15.85 28.01 -5.75
N TYR B 84 15.48 27.55 -4.56
CA TYR B 84 16.44 27.13 -3.55
C TYR B 84 16.91 25.70 -3.82
N ALA B 85 18.17 25.44 -3.49
CA ALA B 85 18.75 24.12 -3.72
C ALA B 85 20.00 23.98 -2.86
N ALA B 86 20.56 22.77 -2.88
CA ALA B 86 21.79 22.48 -2.17
C ALA B 86 22.60 21.48 -2.97
N LEU B 87 23.92 21.61 -2.87
CA LEU B 87 24.85 20.59 -3.34
C LEU B 87 25.28 19.76 -2.14
N LEU B 88 25.22 18.44 -2.27
CA LEU B 88 25.59 17.55 -1.17
C LEU B 88 26.86 16.79 -1.52
N THR B 89 27.50 16.29 -0.47
CA THR B 89 28.57 15.33 -0.64
C THR B 89 27.99 13.96 -0.97
N GLY B 90 28.87 13.03 -1.33
CA GLY B 90 28.43 11.65 -1.54
C GLY B 90 27.84 11.04 -0.30
N GLN B 91 28.26 11.49 0.88
CA GLN B 91 27.73 11.03 2.15
C GLN B 91 26.45 11.75 2.56
N GLY B 92 25.90 12.59 1.69
CA GLY B 92 24.65 13.25 1.97
C GLY B 92 24.73 14.47 2.86
N ARG B 93 25.92 15.01 3.11
CA ARG B 93 26.06 16.21 3.92
C ARG B 93 26.05 17.45 3.04
N VAL B 94 25.61 18.56 3.60
CA VAL B 94 25.52 19.81 2.85
C VAL B 94 26.91 20.27 2.45
N LEU B 95 27.09 20.56 1.16
CA LEU B 95 28.33 21.12 0.64
C LEU B 95 28.20 22.62 0.36
N TYR B 96 27.20 23.01 -0.42
CA TYR B 96 26.85 24.40 -0.63
C TYR B 96 25.33 24.53 -0.60
N ASP B 97 24.84 25.57 0.08
CA ASP B 97 23.43 25.93 0.02
C ASP B 97 23.28 27.10 -0.94
N VAL B 98 22.51 26.91 -2.01
CA VAL B 98 22.52 27.82 -3.14
C VAL B 98 21.11 28.21 -3.54
N PHE B 99 21.03 29.30 -4.31
CA PHE B 99 19.88 29.62 -5.14
C PHE B 99 20.28 29.47 -6.60
N ILE B 100 19.37 28.95 -7.42
CA ILE B 100 19.62 28.73 -8.83
C ILE B 100 18.69 29.64 -9.62
N TYR B 101 19.28 30.49 -10.45
CA TYR B 101 18.53 31.39 -11.32
C TYR B 101 18.72 30.98 -12.77
N PRO B 102 17.72 30.38 -13.42
CA PRO B 102 17.86 30.07 -14.85
C PRO B 102 18.09 31.34 -15.66
N LEU B 103 19.08 31.29 -16.54
CA LEU B 103 19.51 32.44 -17.32
C LEU B 103 19.17 32.18 -18.79
N THR B 104 18.10 32.82 -19.26
CA THR B 104 17.67 32.68 -20.65
C THR B 104 17.51 34.01 -21.37
N ASP B 105 17.33 35.12 -20.67
CA ASP B 105 17.02 36.40 -21.29
C ASP B 105 18.31 37.02 -21.83
N SER B 106 18.16 37.77 -22.93
CA SER B 106 19.30 38.17 -23.75
C SER B 106 20.32 39.04 -23.02
N LYS B 107 20.03 39.46 -21.79
CA LYS B 107 21.03 40.17 -20.99
C LYS B 107 21.90 39.16 -20.23
N HIS B 108 22.59 38.31 -21.00
CA HIS B 108 23.55 37.40 -20.38
C HIS B 108 24.75 38.14 -19.83
N LEU B 109 25.18 39.21 -20.50
CA LEU B 109 26.25 40.11 -20.06
C LEU B 109 27.62 39.46 -20.03
N GLN B 110 27.71 38.16 -20.30
CA GLN B 110 29.00 37.48 -20.31
C GLN B 110 28.98 36.32 -21.31
N GLY B 120 23.49 25.41 -25.11
CA GLY B 120 22.43 24.73 -24.37
C GLY B 120 21.64 25.66 -23.46
N ALA B 121 21.97 25.64 -22.18
CA ALA B 121 21.30 26.47 -21.19
C ALA B 121 22.34 27.08 -20.26
N ALA B 122 21.94 28.16 -19.58
CA ALA B 122 22.82 28.87 -18.68
C ALA B 122 22.14 29.03 -17.32
N PHE B 123 22.92 28.90 -16.25
CA PHE B 123 22.42 29.00 -14.90
C PHE B 123 23.33 29.88 -14.05
N LEU B 124 22.73 30.76 -13.27
CA LEU B 124 23.43 31.50 -12.22
C LEU B 124 23.20 30.79 -10.90
N ILE B 125 24.29 30.44 -10.22
CA ILE B 125 24.22 29.74 -8.94
C ILE B 125 24.77 30.68 -7.87
N GLU B 126 23.94 30.97 -6.87
CA GLU B 126 24.29 31.90 -5.80
C GLU B 126 24.82 31.11 -4.61
N VAL B 127 26.05 31.42 -4.20
CA VAL B 127 26.72 30.71 -3.12
C VAL B 127 27.43 31.72 -2.23
N ASP B 128 27.91 31.24 -1.08
CA ASP B 128 28.72 32.06 -0.20
C ASP B 128 29.92 32.65 -0.94
N LYS B 129 30.15 33.94 -0.72
CA LYS B 129 31.27 34.64 -1.35
C LYS B 129 32.58 33.88 -1.12
N ASP B 130 32.81 33.45 0.12
CA ASP B 130 34.03 32.70 0.44
C ASP B 130 34.07 31.35 -0.27
N GLN B 131 32.92 30.82 -0.71
CA GLN B 131 32.86 29.52 -1.33
C GLN B 131 32.76 29.58 -2.85
N ALA B 132 32.73 30.78 -3.44
CA ALA B 132 32.47 30.90 -4.87
C ALA B 132 33.55 30.23 -5.70
N GLY B 133 34.82 30.54 -5.43
CA GLY B 133 35.90 29.91 -6.16
C GLY B 133 35.97 28.41 -5.94
N LEU B 134 35.73 27.98 -4.69
CA LEU B 134 35.71 26.55 -4.40
C LEU B 134 34.57 25.86 -5.12
N LEU B 135 33.42 26.52 -5.25
CA LEU B 135 32.30 25.95 -5.99
C LEU B 135 32.65 25.78 -7.47
N VAL B 136 33.32 26.78 -8.05
CA VAL B 136 33.72 26.68 -9.45
C VAL B 136 34.68 25.52 -9.65
N ASP B 137 35.66 25.38 -8.75
CA ASP B 137 36.60 24.27 -8.84
C ASP B 137 35.88 22.93 -8.68
N HIS B 138 34.92 22.85 -7.76
CA HIS B 138 34.16 21.62 -7.58
C HIS B 138 33.38 21.27 -8.85
N ILE B 139 32.71 22.26 -9.44
CA ILE B 139 31.94 22.01 -10.65
C ILE B 139 32.88 21.60 -11.80
N LYS B 140 34.06 22.21 -11.87
CA LYS B 140 34.99 21.92 -12.94
C LYS B 140 35.49 20.48 -12.88
N ARG B 141 35.93 20.04 -11.70
CA ARG B 141 36.66 18.78 -11.60
C ARG B 141 35.77 17.55 -11.73
N TYR B 142 34.46 17.69 -11.54
CA TYR B 142 33.55 16.56 -11.66
C TYR B 142 32.89 16.46 -13.03
N ARG B 143 33.24 17.35 -13.96
CA ARG B 143 32.61 17.35 -15.27
C ARG B 143 32.92 16.08 -16.05
N VAL B 144 34.19 15.66 -16.03
CA VAL B 144 34.70 14.60 -16.90
C VAL B 144 34.43 15.01 -18.35
N ARG B 145 33.40 14.44 -18.97
CA ARG B 145 33.09 14.73 -20.35
C ARG B 145 31.96 15.74 -20.53
N ALA B 146 31.31 16.18 -19.45
CA ALA B 146 30.16 17.06 -19.56
C ALA B 146 30.56 18.36 -20.24
N LYS B 147 29.85 18.71 -21.32
CA LYS B 147 30.12 19.93 -22.06
C LYS B 147 29.56 21.11 -21.26
N VAL B 148 30.30 21.48 -20.22
CA VAL B 148 29.89 22.51 -19.27
C VAL B 148 31.05 23.46 -19.03
N LYS B 149 30.74 24.75 -18.97
CA LYS B 149 31.71 25.78 -18.60
C LYS B 149 31.18 26.56 -17.41
N VAL B 150 32.10 27.00 -16.55
CA VAL B 150 31.71 27.60 -15.28
C VAL B 150 32.77 28.63 -14.89
N LYS B 151 32.31 29.76 -14.35
CA LYS B 151 33.21 30.80 -13.88
C LYS B 151 32.49 31.66 -12.86
N VAL B 152 33.28 32.37 -12.06
CA VAL B 152 32.73 33.30 -11.08
C VAL B 152 32.22 34.55 -11.79
N VAL B 153 31.13 35.11 -11.29
CA VAL B 153 30.59 36.37 -11.77
C VAL B 153 31.03 37.48 -10.83
N ASP B 154 31.64 38.53 -11.38
CA ASP B 154 32.06 39.65 -10.56
C ASP B 154 30.86 40.27 -9.86
N VAL B 155 31.04 40.63 -8.58
CA VAL B 155 29.95 41.25 -7.83
C VAL B 155 29.60 42.61 -8.41
N GLU B 156 30.49 43.22 -9.20
CA GLU B 156 30.13 44.45 -9.88
C GLU B 156 29.24 44.18 -11.08
N GLU B 157 29.40 43.04 -11.75
CA GLU B 157 28.57 42.73 -12.91
C GLU B 157 27.14 42.38 -12.50
N VAL B 158 26.99 41.42 -11.59
CA VAL B 158 25.68 41.11 -11.03
C VAL B 158 25.82 41.04 -9.52
N ALA B 159 24.93 41.72 -8.80
CA ALA B 159 24.97 41.77 -7.36
C ALA B 159 23.71 41.12 -6.79
N VAL B 160 23.87 40.47 -5.65
CA VAL B 160 22.77 39.77 -4.97
C VAL B 160 22.20 40.69 -3.91
N TRP B 161 20.91 40.99 -4.02
CA TRP B 161 20.17 41.74 -3.02
C TRP B 161 19.03 40.87 -2.49
N HIS B 162 18.43 41.34 -1.40
CA HIS B 162 17.26 40.66 -0.84
C HIS B 162 16.38 41.71 -0.19
N ALA B 163 15.08 41.62 -0.43
CA ALA B 163 14.12 42.54 0.16
C ALA B 163 13.02 41.74 0.86
N TRP B 164 12.49 42.31 1.93
CA TRP B 164 11.42 41.68 2.69
C TRP B 164 10.43 42.74 3.14
N ASP B 165 9.17 42.33 3.27
CA ASP B 165 8.07 43.22 3.58
C ASP B 165 6.86 42.33 3.88
N PRO B 166 6.15 42.57 4.99
CA PRO B 166 4.92 41.78 5.26
C PRO B 166 3.88 41.87 4.17
N ASN B 167 3.81 42.99 3.44
CA ASN B 167 2.86 43.16 2.35
C ASN B 167 3.41 42.69 1.01
N GLY B 168 4.46 41.87 1.01
CA GLY B 168 4.90 41.15 -0.17
C GLY B 168 5.49 42.00 -1.28
N LEU B 169 6.13 41.33 -2.24
CA LEU B 169 6.71 41.99 -3.40
C LEU B 169 6.45 41.19 -4.68
N ALA B 172 8.96 41.56 -11.45
CA ALA B 172 9.83 40.39 -11.46
C ALA B 172 11.09 40.67 -12.28
N SER B 173 11.07 40.29 -13.55
CA SER B 173 12.23 40.43 -14.43
C SER B 173 12.04 41.65 -15.32
N VAL B 174 12.43 42.81 -14.80
CA VAL B 174 12.43 44.06 -15.56
C VAL B 174 13.86 44.52 -15.75
N ASN B 175 14.17 44.97 -16.97
CA ASN B 175 15.50 45.35 -17.45
C ASN B 175 16.67 44.86 -16.58
N ASP B 176 17.08 45.67 -15.61
CA ASP B 176 18.28 45.40 -14.84
C ASP B 176 18.02 44.63 -13.55
N LEU B 177 16.77 44.30 -13.25
CA LEU B 177 16.42 43.69 -11.97
C LEU B 177 15.70 42.38 -12.18
N LEU B 178 16.21 41.31 -11.57
CA LEU B 178 15.51 40.05 -11.45
C LEU B 178 15.02 39.94 -10.01
N VAL B 179 13.70 39.89 -9.83
CA VAL B 179 13.07 39.75 -8.53
C VAL B 179 12.31 38.44 -8.52
N THR B 180 12.59 37.59 -7.52
CA THR B 180 11.94 36.29 -7.41
C THR B 180 11.73 35.94 -5.95
N PRO B 181 10.61 35.32 -5.60
CA PRO B 181 10.33 35.02 -4.19
C PRO B 181 11.33 34.04 -3.61
N ASP B 182 11.64 34.25 -2.32
CA ASP B 182 12.39 33.29 -1.52
C ASP B 182 11.36 32.41 -0.82
N CYS B 183 11.21 31.18 -1.30
CA CYS B 183 10.12 30.31 -0.87
C CYS B 183 10.51 29.42 0.30
N ARG B 184 11.66 29.67 0.94
CA ARG B 184 12.06 28.86 2.08
C ARG B 184 11.07 29.00 3.23
N THR B 185 10.54 30.20 3.43
CA THR B 185 9.48 30.48 4.38
C THR B 185 8.46 31.38 3.69
N PRO B 186 7.23 31.43 4.21
CA PRO B 186 6.24 32.35 3.63
C PRO B 186 6.67 33.81 3.66
N ALA B 187 7.50 34.21 4.62
CA ALA B 187 7.83 35.61 4.82
C ALA B 187 9.32 35.90 4.69
N MET B 188 10.07 35.05 3.98
CA MET B 188 11.49 35.33 3.77
C MET B 188 11.69 36.57 2.91
N GLY B 189 10.81 36.80 1.95
CA GLY B 189 10.96 37.92 1.05
C GLY B 189 11.31 37.49 -0.37
N SER B 190 12.11 38.29 -1.06
CA SER B 190 12.44 38.02 -2.46
C SER B 190 13.93 38.23 -2.69
N ARG B 191 14.56 37.27 -3.36
CA ARG B 191 15.90 37.47 -3.85
C ARG B 191 15.89 38.45 -5.02
N ILE B 192 16.90 39.31 -5.09
CA ILE B 192 16.98 40.32 -6.13
C ILE B 192 18.38 40.29 -6.72
N LEU B 193 18.44 40.11 -8.04
CA LEU B 193 19.70 40.19 -8.78
C LEU B 193 19.75 41.51 -9.55
N HIS B 194 20.81 42.28 -9.32
CA HIS B 194 21.02 43.57 -9.99
C HIS B 194 22.09 43.37 -11.05
N PHE B 195 21.71 43.52 -12.32
CA PHE B 195 22.59 43.21 -13.44
C PHE B 195 23.39 44.39 -13.94
N GLY B 196 23.05 45.62 -13.55
CA GLY B 196 23.81 46.77 -13.97
C GLY B 196 25.17 46.89 -13.30
N GLY B 197 25.16 47.15 -12.00
CA GLY B 197 26.37 47.28 -11.23
C GLY B 197 26.27 48.39 -10.21
N PRO B 198 27.35 48.62 -9.46
CA PRO B 198 27.39 49.80 -8.59
C PRO B 198 27.35 51.07 -9.42
N ASP B 199 26.96 52.16 -8.77
CA ASP B 199 26.30 53.31 -9.41
C ASP B 199 24.94 52.82 -9.88
N GLY B 200 24.32 53.53 -10.80
CA GLY B 200 22.97 53.18 -11.22
C GLY B 200 21.95 53.40 -10.13
N ASN B 201 20.67 53.50 -10.49
CA ASN B 201 19.64 53.69 -9.49
C ASN B 201 18.49 52.68 -9.64
N ALA B 202 18.80 51.46 -10.08
CA ALA B 202 17.77 50.43 -10.15
C ALA B 202 17.31 49.99 -8.76
N ILE B 203 18.25 49.69 -7.87
CA ILE B 203 17.91 49.23 -6.53
C ILE B 203 17.24 50.35 -5.73
N GLN B 204 17.82 51.55 -5.78
CA GLN B 204 17.30 52.69 -5.03
C GLN B 204 15.91 53.07 -5.48
N ASN B 205 15.67 53.04 -6.80
CA ASN B 205 14.31 53.26 -7.30
C ASN B 205 13.37 52.15 -6.84
N PHE B 206 13.85 50.91 -6.83
CA PHE B 206 13.04 49.80 -6.34
C PHE B 206 12.67 50.00 -4.87
N ALA B 207 13.66 50.39 -4.05
CA ALA B 207 13.39 50.61 -2.63
C ALA B 207 12.41 51.77 -2.44
N GLU B 208 12.59 52.85 -3.22
CA GLU B 208 11.66 53.97 -3.15
C GLU B 208 10.26 53.56 -3.57
N ARG B 209 10.15 52.77 -4.66
CA ARG B 209 8.85 52.34 -5.14
C ARG B 209 8.15 51.45 -4.11
N CYS B 210 8.89 50.52 -3.50
CA CYS B 210 8.32 49.60 -2.53
C CYS B 210 8.35 50.15 -1.11
N GLN B 211 8.82 51.38 -0.92
CA GLN B 211 8.89 52.03 0.39
C GLN B 211 9.68 51.20 1.39
N LEU B 212 10.84 50.73 0.94
CA LEU B 212 11.74 49.93 1.76
C LEU B 212 12.98 50.74 2.12
N GLN B 213 13.44 50.59 3.36
CA GLN B 213 14.69 51.21 3.78
C GLN B 213 15.86 50.33 3.35
N VAL B 214 16.85 50.95 2.71
CA VAL B 214 18.07 50.22 2.35
C VAL B 214 18.89 50.01 3.62
N LEU B 215 19.14 48.75 3.96
CA LEU B 215 19.77 48.43 5.23
C LEU B 215 21.02 47.58 5.01
N PRO B 216 22.00 47.66 5.91
CA PRO B 216 23.17 46.79 5.82
C PRO B 216 22.79 45.33 6.05
N GLN B 217 23.71 44.45 5.64
CA GLN B 217 23.40 43.02 5.53
C GLN B 217 22.90 42.43 6.84
N GLU B 218 23.38 42.92 7.99
CA GLU B 218 23.03 42.30 9.26
C GLU B 218 21.54 42.41 9.57
N TYR B 219 20.84 43.38 8.98
CA TYR B 219 19.40 43.43 9.15
C TYR B 219 18.71 42.31 8.39
N TYR B 220 19.28 41.90 7.26
CA TYR B 220 18.78 40.72 6.56
C TYR B 220 19.06 39.46 7.35
N VAL B 221 20.24 39.37 7.96
CA VAL B 221 20.59 38.21 8.77
C VAL B 221 19.63 38.09 9.95
N LEU B 222 19.31 39.23 10.58
CA LEU B 222 18.32 39.23 11.65
C LEU B 222 16.97 38.74 11.15
N HIS B 223 16.56 39.19 9.97
CA HIS B 223 15.32 38.71 9.38
C HIS B 223 15.40 37.20 9.11
N ARG B 224 16.53 36.73 8.56
CA ARG B 224 16.72 35.31 8.33
C ARG B 224 16.55 34.52 9.63
N ILE B 225 17.19 34.97 10.70
CA ILE B 225 17.18 34.24 11.97
C ILE B 225 15.77 34.19 12.55
N THR B 226 15.06 35.32 12.54
CA THR B 226 13.70 35.32 13.06
C THR B 226 12.77 34.45 12.23
N GLN B 227 13.13 34.18 10.98
CA GLN B 227 12.39 33.22 10.16
C GLN B 227 12.86 31.79 10.35
N GLY B 228 13.96 31.58 11.08
CA GLY B 228 14.49 30.24 11.31
C GLY B 228 15.27 29.66 10.15
N VAL B 229 15.84 30.48 9.29
CA VAL B 229 16.48 30.02 8.06
C VAL B 229 18.00 30.10 8.25
N PRO B 230 18.71 28.98 8.23
CA PRO B 230 20.18 29.05 8.15
C PRO B 230 20.63 29.28 6.73
N GLU B 231 21.81 29.87 6.60
CA GLU B 231 22.35 30.22 5.30
C GLU B 231 23.86 30.38 5.40
N GLY B 232 24.57 29.93 4.35
CA GLY B 232 26.01 30.05 4.31
C GLY B 232 26.71 28.90 5.00
N GLN B 233 28.02 28.84 4.79
CA GLN B 233 28.83 27.76 5.34
C GLN B 233 29.39 28.09 6.73
N THR B 234 29.10 29.28 7.25
CA THR B 234 29.34 29.55 8.67
C THR B 234 28.26 28.89 9.53
N GLU B 235 27.05 28.76 8.99
CA GLU B 235 25.92 28.18 9.71
C GLU B 235 25.63 26.74 9.28
N LEU B 236 25.69 26.45 7.98
CA LEU B 236 25.54 25.09 7.47
C LEU B 236 26.95 24.59 7.14
N LEU B 237 27.59 23.97 8.13
CA LEU B 237 29.01 23.67 8.03
C LEU B 237 29.30 22.79 6.81
N LYS B 238 30.29 23.22 6.04
CA LYS B 238 30.59 22.55 4.78
C LYS B 238 31.02 21.11 5.02
N MET B 239 30.38 20.19 4.29
CA MET B 239 30.63 18.74 4.36
C MET B 239 30.22 18.14 5.70
N SER B 240 29.51 18.86 6.53
CA SER B 240 29.13 18.34 7.85
C SER B 240 27.65 18.50 8.14
N ALA B 241 27.03 19.59 7.70
CA ALA B 241 25.64 19.85 8.01
C ALA B 241 24.73 18.77 7.41
N ILE B 242 23.76 18.34 8.20
CA ILE B 242 22.81 17.31 7.80
C ILE B 242 21.57 17.97 7.20
N PRO B 243 21.16 17.58 5.98
CA PRO B 243 20.07 18.31 5.32
C PRO B 243 18.78 18.37 6.12
N HIS B 244 18.36 17.25 6.73
CA HIS B 244 17.11 17.27 7.49
C HIS B 244 17.25 18.09 8.76
N GLU B 245 18.40 18.02 9.43
CA GLU B 245 18.67 18.91 10.56
C GLU B 245 18.67 20.37 10.13
N SER B 246 19.08 20.64 8.89
CA SER B 246 19.12 22.00 8.36
C SER B 246 17.78 22.43 7.77
N ASN B 247 16.75 21.58 7.88
CA ASN B 247 15.40 21.86 7.38
C ASN B 247 15.38 22.05 5.87
N LEU B 248 16.34 21.42 5.17
CA LEU B 248 16.32 21.46 3.71
C LEU B 248 15.09 20.79 3.14
N ASP B 249 14.51 19.84 3.89
CA ASP B 249 13.25 19.24 3.48
C ASP B 249 12.10 20.22 3.63
N LEU B 250 12.07 20.98 4.72
CA LEU B 250 10.96 21.87 4.99
C LEU B 250 11.02 23.16 4.18
N MET B 251 12.18 23.52 3.64
CA MET B 251 12.36 24.80 2.98
C MET B 251 12.28 24.71 1.46
N GLY B 252 11.86 23.56 0.93
CA GLY B 252 11.60 23.43 -0.49
C GLY B 252 12.82 23.28 -1.36
N GLY B 253 14.00 23.03 -0.78
CA GLY B 253 15.19 22.86 -1.57
C GLY B 253 15.51 21.44 -2.00
N ILE B 254 14.70 20.46 -1.61
CA ILE B 254 14.93 19.06 -1.98
C ILE B 254 13.69 18.53 -2.70
N ASP B 255 13.88 18.03 -3.92
CA ASP B 255 12.83 17.28 -4.60
C ASP B 255 13.05 15.80 -4.28
N PHE B 256 12.13 15.23 -3.50
CA PHE B 256 12.21 13.82 -3.14
C PHE B 256 11.73 12.91 -4.27
N ARG B 257 11.04 13.45 -5.27
CA ARG B 257 10.52 12.66 -6.38
C ARG B 257 11.45 12.65 -7.59
N LYS B 258 12.51 13.45 -7.59
CA LYS B 258 13.44 13.44 -8.71
C LYS B 258 14.34 12.20 -8.62
N GLY B 259 15.12 12.00 -9.67
CA GLY B 259 15.98 10.84 -9.78
C GLY B 259 17.22 10.92 -8.91
N CYS B 260 18.27 10.26 -9.37
CA CYS B 260 19.51 10.20 -8.59
C CYS B 260 20.29 11.50 -8.69
N TYR B 261 20.90 11.88 -7.57
CA TYR B 261 21.84 12.98 -7.52
C TYR B 261 22.82 12.70 -6.40
N VAL B 262 23.91 13.46 -6.38
CA VAL B 262 24.97 13.23 -5.39
C VAL B 262 24.38 13.38 -3.99
N GLY B 263 24.51 12.34 -3.19
CA GLY B 263 24.02 12.34 -1.82
C GLY B 263 22.56 12.02 -1.64
N GLN B 264 21.87 11.60 -2.70
CA GLN B 264 20.43 11.36 -2.59
C GLN B 264 20.12 10.16 -1.69
N GLU B 265 21.01 9.17 -1.63
CA GLU B 265 20.74 7.97 -0.86
C GLU B 265 20.50 8.28 0.61
N LEU B 266 21.40 9.07 1.22
CA LEU B 266 21.25 9.38 2.65
C LEU B 266 20.04 10.26 2.89
N VAL B 267 19.78 11.21 1.99
CA VAL B 267 18.62 12.08 2.14
C VAL B 267 17.33 11.27 2.04
N THR B 268 17.26 10.37 1.07
CA THR B 268 16.04 9.58 0.87
C THR B 268 15.81 8.61 2.02
N ARG B 269 16.88 7.98 2.53
CA ARG B 269 16.72 7.04 3.62
C ARG B 269 16.22 7.75 4.89
N THR B 270 16.77 8.94 5.18
CA THR B 270 16.27 9.72 6.30
C THR B 270 14.82 10.11 6.11
N GLU B 271 14.45 10.52 4.89
CA GLU B 271 13.07 10.91 4.62
C GLU B 271 12.11 9.75 4.82
N HIS B 272 12.49 8.55 4.38
CA HIS B 272 11.58 7.40 4.45
C HIS B 272 11.67 6.64 5.76
N ARG B 273 12.87 6.43 6.29
CA ARG B 273 13.07 5.62 7.48
C ARG B 273 13.44 6.42 8.73
N GLY B 274 14.02 7.61 8.56
CA GLY B 274 14.60 8.30 9.69
C GLY B 274 13.58 8.92 10.61
N VAL B 275 14.01 9.17 11.83
CA VAL B 275 13.26 9.92 12.83
C VAL B 275 14.11 11.13 13.18
N VAL B 276 13.73 12.30 12.68
CA VAL B 276 14.53 13.51 12.83
C VAL B 276 14.12 14.18 14.13
N ARG B 277 14.97 14.07 15.15
CA ARG B 277 14.73 14.70 16.44
C ARG B 277 15.52 15.99 16.62
N LYS B 278 16.37 16.35 15.65
CA LYS B 278 17.20 17.56 15.73
C LYS B 278 16.99 18.39 14.48
N ARG B 279 16.63 19.66 14.67
CA ARG B 279 16.42 20.58 13.56
C ARG B 279 16.88 21.97 13.97
N VAL B 280 17.29 22.76 12.96
CA VAL B 280 17.63 24.15 13.20
C VAL B 280 16.37 24.90 13.62
N LEU B 281 16.49 25.66 14.70
CA LEU B 281 15.39 26.48 15.18
C LEU B 281 15.92 27.85 15.61
N PRO B 282 15.11 28.89 15.51
CA PRO B 282 15.50 30.17 16.10
C PRO B 282 15.38 30.13 17.62
N CYS B 283 16.30 30.81 18.29
CA CYS B 283 16.37 30.78 19.74
C CYS B 283 16.50 32.20 20.29
N VAL B 284 15.99 32.38 21.51
CA VAL B 284 16.09 33.63 22.25
C VAL B 284 17.06 33.44 23.40
N VAL B 285 17.98 34.37 23.56
CA VAL B 285 18.87 34.43 24.72
C VAL B 285 18.29 35.45 25.68
N TYR B 286 18.09 35.04 26.94
CA TYR B 286 17.40 35.88 27.90
C TYR B 286 17.91 35.60 29.31
N GLU B 287 17.59 36.52 30.22
CA GLU B 287 17.90 36.39 31.63
C GLU B 287 16.70 35.79 32.35
N GLY B 288 16.96 35.18 33.51
CA GLY B 288 15.94 34.44 34.25
C GLY B 288 14.62 35.17 34.36
N SER B 289 13.59 34.62 33.72
CA SER B 289 12.31 35.30 33.55
C SER B 289 11.31 34.93 34.63
N GLY B 301 8.59 39.49 12.71
CA GLY B 301 7.88 38.22 12.55
C GLY B 301 7.87 37.39 13.82
N ASP B 302 6.95 37.72 14.73
CA ASP B 302 6.77 37.00 15.98
C ASP B 302 8.03 37.08 16.84
N LEU B 303 9.13 36.48 16.35
CA LEU B 303 10.38 36.52 17.10
C LEU B 303 11.02 37.89 17.07
N GLY B 304 10.78 38.66 16.00
CA GLY B 304 11.37 39.99 15.88
C GLY B 304 10.90 40.96 16.94
N GLY B 305 9.74 40.70 17.56
CA GLY B 305 9.28 41.53 18.66
C GLY B 305 10.09 41.36 19.93
N LEU B 306 10.76 40.23 20.09
CA LEU B 306 11.60 39.97 21.24
C LEU B 306 13.02 40.48 21.08
N TYR B 307 13.39 40.94 19.88
CA TYR B 307 14.78 41.29 19.62
C TYR B 307 15.20 42.56 20.37
N THR B 308 16.39 42.51 20.95
CA THR B 308 17.06 43.68 21.51
C THR B 308 18.55 43.57 21.22
N ASP B 309 19.22 44.72 21.19
CA ASP B 309 20.67 44.77 21.03
C ASP B 309 21.39 44.88 22.36
N ARG B 310 20.67 44.80 23.46
CA ARG B 310 21.27 44.91 24.78
C ARG B 310 21.84 43.58 25.23
N PRO B 311 22.92 43.60 26.03
CA PRO B 311 23.54 42.35 26.46
C PRO B 311 22.64 41.59 27.42
N ILE B 312 23.00 40.31 27.62
CA ILE B 312 22.25 39.43 28.50
C ILE B 312 23.12 39.05 29.70
N ALA B 313 24.16 38.28 29.46
CA ALA B 313 25.36 38.24 30.30
C ALA B 313 26.62 38.45 29.48
N GLY B 314 26.66 37.92 28.23
CA GLY B 314 27.63 38.37 27.27
C GLY B 314 27.08 39.52 26.44
N LEU B 315 27.95 40.13 25.64
CA LEU B 315 27.57 41.34 24.92
C LEU B 315 26.44 41.07 23.92
N SER B 316 26.47 39.93 23.25
CA SER B 316 25.46 39.59 22.24
C SER B 316 25.66 38.13 21.86
N SER B 317 24.70 37.61 21.07
CA SER B 317 24.72 36.21 20.67
C SER B 317 25.85 35.89 19.71
N ALA B 318 26.46 36.89 19.07
CA ALA B 318 27.52 36.62 18.11
C ALA B 318 28.77 36.03 18.77
N ARG B 319 28.89 36.12 20.08
CA ARG B 319 30.07 35.64 20.78
C ARG B 319 29.90 34.24 21.34
N GLU B 320 28.80 33.55 20.99
CA GLU B 320 28.71 32.12 21.21
C GLU B 320 29.26 31.40 19.99
N SER B 323 30.08 28.96 17.97
CA SER B 323 29.67 27.97 16.99
C SER B 323 29.89 26.55 17.52
N GLU B 324 28.84 25.72 17.42
CA GLU B 324 28.80 24.36 17.94
C GLU B 324 28.88 24.31 19.47
N THR B 325 28.58 25.42 20.14
CA THR B 325 28.49 25.41 21.60
C THR B 325 27.26 24.63 22.02
N ASN B 326 27.42 23.77 23.03
CA ASN B 326 26.33 22.91 23.47
C ASN B 326 25.29 23.70 24.26
N ILE B 327 24.03 23.41 24.00
CA ILE B 327 22.93 23.84 24.86
C ILE B 327 22.64 22.72 25.84
N VAL B 328 22.49 23.06 27.12
CA VAL B 328 22.31 22.08 28.17
C VAL B 328 21.11 22.47 29.03
N ARG B 329 20.57 21.48 29.73
CA ARG B 329 19.57 21.75 30.74
C ARG B 329 20.21 22.52 31.89
N VAL B 330 19.46 23.45 32.49
CA VAL B 330 19.98 24.23 33.60
C VAL B 330 20.23 23.34 34.80
N SER B 331 19.38 22.33 35.01
CA SER B 331 19.53 21.42 36.15
C SER B 331 20.92 20.81 36.19
N GLY B 332 21.47 20.46 35.04
CA GLY B 332 22.75 19.78 34.95
C GLY B 332 22.66 18.34 34.49
N LYS B 333 21.47 17.86 34.14
CA LYS B 333 21.24 16.48 33.80
C LYS B 333 21.28 16.28 32.28
N GLY B 334 21.97 15.21 31.85
CA GLY B 334 21.97 14.81 30.45
C GLY B 334 22.51 15.87 29.51
N ARG B 335 23.80 16.19 29.65
CA ARG B 335 24.38 17.32 28.94
C ARG B 335 24.30 17.12 27.43
N GLY B 336 23.81 18.15 26.73
CA GLY B 336 23.81 18.20 25.28
C GLY B 336 22.44 17.97 24.68
N VAL B 337 21.71 19.06 24.44
CA VAL B 337 20.38 19.00 23.86
C VAL B 337 20.27 19.98 22.69
N GLY B 338 21.41 20.51 22.26
CA GLY B 338 21.41 21.44 21.14
C GLY B 338 22.81 21.93 20.86
N LYS B 339 22.99 22.43 19.64
CA LYS B 339 24.26 22.98 19.19
C LYS B 339 24.02 24.37 18.61
N TRP B 340 24.78 25.36 19.10
CA TRP B 340 24.64 26.72 18.61
C TRP B 340 25.25 26.86 17.23
N LEU B 341 24.59 27.64 16.37
CA LEU B 341 25.09 27.90 15.03
C LEU B 341 25.58 29.33 14.85
N ARG B 342 24.74 30.32 15.14
CA ARG B 342 25.08 31.72 14.93
C ARG B 342 23.95 32.58 15.50
N GLY B 343 24.32 33.75 16.00
CA GLY B 343 23.32 34.67 16.53
C GLY B 343 23.76 36.11 16.37
N ILE B 344 22.79 36.99 16.51
CA ILE B 344 23.02 38.43 16.64
C ILE B 344 22.04 38.95 17.67
N GLY B 345 22.47 39.94 18.45
CA GLY B 345 21.64 40.44 19.51
C GLY B 345 21.32 39.36 20.51
N ASN B 346 20.03 39.18 20.80
CA ASN B 346 19.56 38.18 21.75
C ASN B 346 18.87 37.01 21.06
N VAL B 347 19.10 36.84 19.76
CA VAL B 347 18.47 35.76 18.99
C VAL B 347 19.55 35.02 18.20
N GLY B 348 19.21 33.82 17.79
CA GLY B 348 20.16 33.03 17.04
C GLY B 348 19.53 31.77 16.49
N LEU B 349 20.35 31.00 15.79
CA LEU B 349 19.95 29.71 15.24
C LEU B 349 20.73 28.61 15.93
N ALA B 350 20.04 27.50 16.21
CA ALA B 350 20.68 26.36 16.86
C ALA B 350 20.01 25.08 16.41
N VAL B 351 20.81 24.04 16.24
CA VAL B 351 20.28 22.69 16.00
C VAL B 351 19.81 22.16 17.35
N CYS B 352 18.50 22.08 17.54
CA CYS B 352 17.91 21.77 18.83
C CYS B 352 17.31 20.38 18.84
N ARG B 353 17.39 19.70 19.98
CA ARG B 353 16.65 18.47 20.20
C ARG B 353 15.17 18.81 20.32
N LEU B 354 14.38 18.40 19.33
CA LEU B 354 12.96 18.77 19.31
C LEU B 354 12.21 18.17 20.50
N ASP B 355 12.54 16.92 20.86
CA ASP B 355 11.83 16.26 21.95
C ASP B 355 12.12 16.87 23.31
N VAL B 356 13.19 17.64 23.43
CA VAL B 356 13.60 18.20 24.71
C VAL B 356 13.24 19.68 24.81
N MET B 357 13.62 20.46 23.80
CA MET B 357 13.49 21.91 23.86
C MET B 357 12.18 22.44 23.29
N THR B 358 11.34 21.62 22.66
CA THR B 358 10.20 22.14 21.93
C THR B 358 8.94 21.34 22.19
N ASP B 359 7.83 21.93 21.75
CA ASP B 359 6.48 21.40 21.73
C ASP B 359 6.21 20.48 20.55
N LEU B 360 7.12 20.43 19.58
CA LEU B 360 6.76 20.01 18.24
C LEU B 360 6.45 18.51 18.16
N PRO B 361 5.54 18.12 17.27
CA PRO B 361 5.38 16.69 16.97
C PRO B 361 6.54 16.21 16.11
N ILE B 362 7.11 15.07 16.49
CA ILE B 362 8.23 14.48 15.76
C ILE B 362 7.65 13.40 14.85
N PRO B 363 7.69 13.57 13.52
CA PRO B 363 7.13 12.55 12.62
C PRO B 363 7.82 11.20 12.84
N GLY B 364 6.99 10.16 12.95
CA GLY B 364 7.49 8.81 13.17
C GLY B 364 7.76 8.46 14.61
N GLU B 365 7.67 9.41 15.54
CA GLU B 365 7.85 9.13 16.95
C GLU B 365 6.65 9.52 17.81
N THR B 366 6.12 10.72 17.65
CA THR B 366 5.11 11.23 18.56
C THR B 366 3.80 10.48 18.36
N PRO B 367 3.25 9.85 19.40
CA PRO B 367 1.99 9.10 19.23
C PRO B 367 0.82 10.03 19.02
N ALA B 368 -0.19 9.51 18.33
CA ALA B 368 -1.42 10.25 18.11
C ALA B 368 -2.33 10.17 19.32
N GLY B 369 -3.13 11.21 19.52
CA GLY B 369 -4.14 11.21 20.55
C GLY B 369 -5.37 10.47 20.09
N GLU B 370 -6.44 10.62 20.88
CA GLU B 370 -7.72 9.99 20.54
C GLU B 370 -8.26 10.52 19.21
N ASP B 371 -8.08 11.81 18.95
CA ASP B 371 -8.65 12.47 17.78
C ASP B 371 -7.75 12.41 16.55
N GLY B 372 -6.64 11.67 16.61
CA GLY B 372 -5.73 11.60 15.48
C GLY B 372 -4.77 12.76 15.35
N VAL B 373 -4.66 13.59 16.36
CA VAL B 373 -3.71 14.70 16.37
C VAL B 373 -2.57 14.30 17.31
N PRO B 374 -1.31 14.63 17.02
CA PRO B 374 -0.22 14.22 17.91
C PRO B 374 -0.39 14.79 19.31
N GLU B 375 0.04 14.00 20.29
CA GLU B 375 0.00 14.44 21.67
C GLU B 375 0.95 15.61 21.88
N VAL B 376 0.57 16.51 22.78
CA VAL B 376 1.33 17.72 23.07
C VAL B 376 2.07 17.50 24.38
N ARG B 377 3.38 17.32 24.30
CA ARG B 377 4.22 17.25 25.50
C ARG B 377 4.67 18.65 25.88
N GLU B 378 4.81 18.88 27.18
CA GLU B 378 5.28 20.18 27.66
C GLU B 378 6.79 20.17 27.83
N VAL B 379 7.39 21.32 27.59
CA VAL B 379 8.84 21.46 27.73
C VAL B 379 9.17 21.60 29.21
N LYS B 380 10.06 20.76 29.70
CA LYS B 380 10.39 20.68 31.12
C LYS B 380 11.65 21.50 31.39
N GLY B 381 11.55 22.49 32.26
CA GLY B 381 12.70 23.26 32.67
C GLY B 381 13.17 24.25 31.62
N GLU B 382 14.37 24.77 31.86
CA GLU B 382 15.00 25.77 31.01
C GLU B 382 16.37 25.27 30.56
N PHE B 383 16.97 26.03 29.65
CA PHE B 383 18.22 25.62 29.03
C PHE B 383 19.21 26.77 29.03
N THR B 384 20.48 26.44 28.86
CA THR B 384 21.55 27.43 28.90
C THR B 384 22.74 26.88 28.12
N ILE B 385 23.82 27.67 28.12
CA ILE B 385 25.08 27.30 27.51
C ILE B 385 25.85 26.35 28.42
N GLU B 386 26.55 25.39 27.81
CA GLU B 386 27.42 24.51 28.57
C GLU B 386 28.48 25.32 29.33
N GLY B 387 28.66 24.99 30.60
CA GLY B 387 29.63 25.66 31.45
C GLY B 387 29.08 26.86 32.20
N ASP B 388 28.27 27.67 31.53
CA ASP B 388 27.71 28.87 32.12
C ASP B 388 26.79 28.53 33.29
N GLU B 389 27.20 28.88 34.51
CA GLU B 389 26.36 28.74 35.69
C GLU B 389 25.70 30.05 36.08
N GLY B 390 25.70 31.05 35.20
CA GLY B 390 25.01 32.29 35.43
C GLY B 390 23.56 32.23 34.97
N PRO B 391 22.88 33.38 34.98
CA PRO B 391 21.45 33.41 34.66
C PRO B 391 21.12 33.40 33.17
N LEU B 392 22.10 33.18 32.29
CA LEU B 392 21.80 33.14 30.87
C LEU B 392 20.93 31.94 30.54
N ARG B 393 19.97 32.15 29.64
CA ARG B 393 19.02 31.11 29.26
C ARG B 393 18.82 31.12 27.75
N ILE B 394 18.50 29.95 27.20
CA ILE B 394 18.22 29.77 25.78
C ILE B 394 16.84 29.13 25.66
N LYS B 395 16.02 29.68 24.77
CA LYS B 395 14.67 29.16 24.52
C LYS B 395 14.49 28.99 23.02
N ALA B 396 14.13 27.79 22.60
CA ALA B 396 13.79 27.56 21.20
C ALA B 396 12.38 28.06 20.93
N VAL B 397 12.22 28.81 19.84
CA VAL B 397 10.93 29.35 19.44
C VAL B 397 10.62 28.84 18.04
N PRO B 398 9.95 27.70 17.90
CA PRO B 398 9.65 27.16 16.58
C PRO B 398 8.82 28.12 15.76
N PRO B 399 9.21 28.39 14.51
CA PRO B 399 8.38 29.23 13.66
C PRO B 399 7.07 28.55 13.29
N ALA B 400 6.05 29.39 13.04
CA ALA B 400 4.73 28.87 12.72
C ALA B 400 4.76 28.04 11.44
N TRP B 401 5.52 28.47 10.43
CA TRP B 401 5.62 27.70 9.19
C TRP B 401 6.25 26.34 9.42
N LEU B 402 7.29 26.27 10.26
CA LEU B 402 7.92 24.99 10.56
C LEU B 402 6.98 24.09 11.36
N ARG B 403 6.23 24.67 12.30
CA ARG B 403 5.27 23.90 13.07
C ARG B 403 4.21 23.27 12.17
N ARG B 404 3.67 24.06 11.23
CA ARG B 404 2.65 23.54 10.33
C ARG B 404 3.20 22.45 9.42
N GLU B 405 4.41 22.64 8.91
CA GLU B 405 4.98 21.67 7.98
C GLU B 405 5.37 20.37 8.69
N LEU B 406 5.86 20.48 9.94
CA LEU B 406 6.11 19.27 10.72
C LEU B 406 4.82 18.54 11.04
N MET B 407 3.72 19.28 11.24
CA MET B 407 2.43 18.64 11.41
C MET B 407 2.03 17.85 10.17
N GLU B 408 2.29 18.41 8.98
CA GLU B 408 2.01 17.70 7.75
C GLU B 408 2.83 16.42 7.64
N LYS B 409 4.14 16.52 7.88
CA LYS B 409 5.01 15.35 7.79
C LYS B 409 4.64 14.31 8.83
N TRP B 410 4.21 14.74 10.01
CA TRP B 410 3.71 13.80 11.01
C TRP B 410 2.48 13.06 10.48
N GLU B 411 1.57 13.77 9.82
CA GLU B 411 0.36 13.13 9.30
C GLU B 411 0.70 12.09 8.24
N VAL B 412 1.60 12.42 7.31
CA VAL B 412 1.93 11.47 6.25
C VAL B 412 2.69 10.27 6.81
N LYS B 413 3.55 10.50 7.80
CA LYS B 413 4.31 9.38 8.37
C LYS B 413 3.45 8.49 9.23
N ASN B 414 2.38 9.04 9.83
CA ASN B 414 1.52 8.25 10.70
C ASN B 414 0.55 7.37 9.89
N GLU B 415 0.13 7.83 8.71
CA GLU B 415 -0.72 7.01 7.85
C GLU B 415 0.10 6.17 6.88
N PRO C 29 -37.61 3.80 37.22
CA PRO C 29 -37.98 4.23 38.58
C PRO C 29 -37.54 3.24 39.65
N SER C 30 -38.07 2.02 39.59
CA SER C 30 -37.73 0.99 40.56
C SER C 30 -36.50 0.20 40.09
N ILE C 31 -35.95 -0.58 41.02
CA ILE C 31 -34.72 -1.33 40.79
C ILE C 31 -35.09 -2.78 40.53
N PRO C 32 -34.66 -3.37 39.42
CA PRO C 32 -34.99 -4.78 39.15
C PRO C 32 -34.54 -5.69 40.29
N SER C 33 -35.45 -6.56 40.72
CA SER C 33 -35.12 -7.47 41.82
C SER C 33 -34.11 -8.53 41.40
N SER C 34 -34.05 -8.84 40.11
CA SER C 34 -33.08 -9.81 39.59
C SER C 34 -32.86 -9.52 38.12
N TYR C 35 -31.85 -10.18 37.55
CA TYR C 35 -31.54 -10.03 36.14
C TYR C 35 -32.45 -10.92 35.30
N ALA C 36 -33.03 -10.36 34.24
CA ALA C 36 -33.91 -11.12 33.38
C ALA C 36 -33.17 -11.47 32.09
N PRO C 37 -32.78 -12.73 31.88
CA PRO C 37 -32.10 -13.08 30.63
C PRO C 37 -32.99 -12.97 29.41
N SER C 38 -34.30 -12.94 29.59
CA SER C 38 -35.23 -12.78 28.49
C SER C 38 -36.40 -11.90 28.93
N GLY C 39 -37.05 -11.28 27.97
CA GLY C 39 -38.22 -10.47 28.25
C GLY C 39 -38.57 -9.58 27.09
N ILE C 40 -39.58 -8.74 27.34
CA ILE C 40 -40.00 -7.72 26.38
C ILE C 40 -40.50 -6.52 27.17
N SER C 41 -40.15 -5.32 26.70
CA SER C 41 -40.44 -4.10 27.45
C SER C 41 -40.93 -3.01 26.52
N HIS C 42 -41.89 -2.22 27.01
CA HIS C 42 -42.31 -1.00 26.34
C HIS C 42 -41.28 0.10 26.61
N LEU C 43 -40.63 0.58 25.55
CA LEU C 43 -39.58 1.59 25.69
C LEU C 43 -40.25 2.96 25.73
N LEU C 44 -40.69 3.33 26.94
CA LEU C 44 -41.36 4.62 27.14
C LEU C 44 -40.41 5.79 26.89
N SER C 45 -39.10 5.58 27.07
CA SER C 45 -38.13 6.65 26.89
C SER C 45 -37.78 6.89 25.43
N ARG C 46 -38.29 6.08 24.51
CA ARG C 46 -38.02 6.23 23.09
C ARG C 46 -39.30 6.65 22.36
N GLN C 47 -39.12 7.49 21.34
CA GLN C 47 -40.24 7.89 20.50
C GLN C 47 -39.77 7.93 19.05
N LEU C 48 -40.72 7.80 18.13
CA LEU C 48 -40.43 7.80 16.71
C LEU C 48 -40.74 9.15 16.09
N VAL C 49 -39.94 9.49 15.07
CA VAL C 49 -40.14 10.66 14.22
C VAL C 49 -40.16 10.16 12.79
N VAL C 50 -41.10 10.67 11.99
CA VAL C 50 -41.26 10.24 10.61
C VAL C 50 -40.68 11.29 9.69
N VAL C 51 -39.85 10.84 8.74
CA VAL C 51 -39.23 11.69 7.74
C VAL C 51 -39.61 11.15 6.38
N TYR C 52 -40.18 12.00 5.53
CA TYR C 52 -40.70 11.55 4.25
C TYR C 52 -40.61 12.69 3.26
N GLY C 53 -40.78 12.36 1.98
CA GLY C 53 -40.68 13.33 0.91
C GLY C 53 -39.78 12.85 -0.20
N PRO C 54 -39.78 13.57 -1.33
CA PRO C 54 -38.93 13.16 -2.45
C PRO C 54 -37.45 13.05 -2.11
N ASP C 55 -36.95 13.94 -1.25
CA ASP C 55 -35.52 14.01 -0.95
C ASP C 55 -35.16 13.39 0.40
N ALA C 56 -36.07 12.60 0.99
CA ALA C 56 -35.84 12.10 2.34
C ALA C 56 -34.58 11.24 2.43
N ALA C 57 -34.42 10.28 1.49
CA ALA C 57 -33.28 9.37 1.56
C ALA C 57 -31.97 10.11 1.34
N LYS C 58 -31.92 11.01 0.36
CA LYS C 58 -30.69 11.78 0.11
C LYS C 58 -30.39 12.70 1.29
N TYR C 59 -31.42 13.36 1.84
CA TYR C 59 -31.22 14.27 2.96
C TYR C 59 -30.76 13.53 4.20
N LEU C 60 -31.34 12.36 4.48
CA LEU C 60 -30.91 11.55 5.60
C LEU C 60 -29.46 11.10 5.44
N GLN C 61 -29.07 10.75 4.21
CA GLN C 61 -27.75 10.19 3.97
C GLN C 61 -26.63 11.15 4.37
N GLY C 62 -26.81 12.43 4.10
CA GLY C 62 -25.85 13.42 4.54
C GLY C 62 -25.96 13.83 5.99
N MET C 63 -26.91 13.26 6.72
CA MET C 63 -27.19 13.63 8.10
C MET C 63 -26.82 12.57 9.12
N VAL C 64 -26.89 11.28 8.77
CA VAL C 64 -26.66 10.20 9.72
C VAL C 64 -25.36 9.48 9.38
N THR C 65 -24.85 8.74 10.36
CA THR C 65 -23.60 8.01 10.21
C THR C 65 -23.75 6.69 9.47
N ALA C 66 -24.96 6.16 9.37
CA ALA C 66 -25.16 4.89 8.69
C ALA C 66 -25.47 5.15 7.21
N ASN C 67 -25.25 4.11 6.41
CA ASN C 67 -25.56 4.17 5.00
C ASN C 67 -27.06 3.98 4.81
N VAL C 68 -27.72 4.99 4.23
CA VAL C 68 -29.14 4.86 3.95
C VAL C 68 -29.37 3.95 2.74
N TYR C 69 -28.40 3.87 1.83
CA TYR C 69 -28.51 3.05 0.63
C TYR C 69 -27.84 1.70 0.84
N MET C 70 -28.18 0.74 -0.04
CA MET C 70 -27.61 -0.60 0.05
C MET C 70 -26.22 -0.63 -0.55
N PRO C 71 -25.33 -1.47 -0.03
CA PRO C 71 -23.98 -1.55 -0.60
C PRO C 71 -24.02 -1.98 -2.05
N GLY C 72 -23.11 -1.41 -2.84
CA GLY C 72 -23.08 -1.66 -4.27
C GLY C 72 -24.08 -0.85 -5.07
N SER C 73 -24.79 0.08 -4.43
CA SER C 73 -25.76 0.92 -5.13
C SER C 73 -25.84 2.27 -4.43
N GLY C 74 -25.82 3.33 -5.22
CA GLY C 74 -25.96 4.67 -4.68
C GLY C 74 -27.36 5.21 -4.65
N SER C 75 -28.35 4.44 -5.10
CA SER C 75 -29.72 4.92 -5.21
C SER C 75 -30.75 4.03 -4.51
N MET C 76 -30.45 2.74 -4.35
CA MET C 76 -31.43 1.80 -3.82
C MET C 76 -31.47 1.90 -2.29
N VAL C 77 -32.57 2.43 -1.76
CA VAL C 77 -32.72 2.59 -0.32
C VAL C 77 -32.75 1.23 0.34
N ARG C 78 -32.08 1.11 1.50
CA ARG C 78 -32.11 -0.13 2.26
C ARG C 78 -33.54 -0.50 2.63
N THR C 79 -33.89 -1.77 2.40
CA THR C 79 -35.13 -2.34 2.88
C THR C 79 -34.92 -3.18 4.13
N ASP C 80 -33.74 -3.11 4.73
CA ASP C 80 -33.53 -3.67 6.05
C ASP C 80 -34.53 -3.05 7.00
N ARG C 81 -35.26 -3.89 7.74
CA ARG C 81 -36.41 -3.40 8.50
C ARG C 81 -36.00 -2.41 9.59
N GLY C 82 -34.72 -2.35 9.95
CA GLY C 82 -34.24 -1.36 10.89
C GLY C 82 -32.75 -1.46 11.09
N TYR C 83 -32.09 -0.31 11.31
CA TYR C 83 -30.66 -0.32 11.57
C TYR C 83 -30.28 0.83 12.49
N TYR C 84 -29.16 0.62 13.18
CA TYR C 84 -28.63 1.58 14.14
C TYR C 84 -27.86 2.69 13.42
N ALA C 85 -27.92 3.89 13.98
CA ALA C 85 -27.26 5.04 13.38
C ALA C 85 -27.10 6.12 14.44
N ALA C 86 -26.41 7.19 14.07
CA ALA C 86 -26.29 8.36 14.93
C ALA C 86 -26.34 9.61 14.07
N LEU C 87 -26.85 10.69 14.64
CA LEU C 87 -26.68 12.02 14.08
C LEU C 87 -25.55 12.70 14.85
N LEU C 88 -24.65 13.35 14.12
CA LEU C 88 -23.51 14.00 14.75
C LEU C 88 -23.56 15.51 14.54
N THR C 89 -22.81 16.21 15.38
CA THR C 89 -22.53 17.62 15.16
C THR C 89 -21.46 17.77 14.08
N GLY C 90 -21.29 19.00 13.61
CA GLY C 90 -20.19 19.29 12.71
C GLY C 90 -18.84 18.98 13.32
N GLN C 91 -18.74 19.01 14.65
CA GLN C 91 -17.52 18.68 15.36
C GLN C 91 -17.38 17.18 15.63
N GLY C 92 -18.30 16.37 15.12
CA GLY C 92 -18.20 14.93 15.25
C GLY C 92 -18.65 14.36 16.57
N ARG C 93 -19.37 15.13 17.39
CA ARG C 93 -19.91 14.62 18.63
C ARG C 93 -21.32 14.09 18.41
N VAL C 94 -21.73 13.17 19.26
CA VAL C 94 -23.04 12.56 19.13
C VAL C 94 -24.11 13.62 19.39
N LEU C 95 -25.06 13.74 18.46
CA LEU C 95 -26.24 14.59 18.63
C LEU C 95 -27.46 13.76 19.06
N TYR C 96 -27.77 12.71 18.31
CA TYR C 96 -28.80 11.76 18.67
C TYR C 96 -28.34 10.37 18.27
N ASP C 97 -28.56 9.40 19.15
CA ASP C 97 -28.37 7.99 18.82
C ASP C 97 -29.72 7.40 18.48
N VAL C 98 -29.85 6.87 17.26
CA VAL C 98 -31.16 6.54 16.71
C VAL C 98 -31.16 5.15 16.09
N PHE C 99 -32.36 4.63 15.88
CA PHE C 99 -32.62 3.53 14.98
C PHE C 99 -33.43 4.07 13.80
N ILE C 100 -33.13 3.59 12.60
CA ILE C 100 -33.82 4.02 11.40
C ILE C 100 -34.60 2.85 10.84
N TYR C 101 -35.91 3.02 10.70
CA TYR C 101 -36.78 1.99 10.12
C TYR C 101 -37.31 2.48 8.79
N PRO C 102 -36.84 1.95 7.66
CA PRO C 102 -37.43 2.33 6.37
C PRO C 102 -38.90 1.95 6.32
N LEU C 103 -39.71 2.90 5.84
CA LEU C 103 -41.17 2.73 5.79
C LEU C 103 -41.62 2.69 4.34
N THR C 104 -42.07 1.52 3.89
CA THR C 104 -42.63 1.36 2.55
C THR C 104 -44.01 0.73 2.54
N ASP C 105 -44.39 0.02 3.60
CA ASP C 105 -45.65 -0.70 3.64
C ASP C 105 -46.79 0.24 4.00
N SER C 106 -47.97 -0.05 3.44
CA SER C 106 -49.14 0.85 3.42
C SER C 106 -49.67 1.23 4.81
N LYS C 107 -49.08 0.82 5.93
CA LYS C 107 -49.51 1.32 7.23
C LYS C 107 -48.85 2.67 7.55
N HIS C 108 -48.97 3.63 6.63
CA HIS C 108 -48.33 4.93 6.80
C HIS C 108 -49.11 5.80 7.79
N LEU C 109 -48.38 6.36 8.77
CA LEU C 109 -48.99 6.98 9.95
C LEU C 109 -49.60 8.34 9.63
N GLN C 110 -49.17 9.02 8.57
CA GLN C 110 -49.54 10.42 8.43
C GLN C 110 -50.64 10.69 7.40
N ARG C 111 -51.13 9.68 6.69
CA ARG C 111 -52.31 9.78 5.81
C ARG C 111 -52.23 10.99 4.88
N VAL C 112 -51.22 10.98 4.01
CA VAL C 112 -51.06 12.05 3.04
C VAL C 112 -51.36 11.53 1.64
N GLY C 120 -41.40 10.14 -2.66
CA GLY C 120 -40.09 9.52 -2.60
C GLY C 120 -40.02 8.33 -1.66
N ALA C 121 -39.49 8.55 -0.47
CA ALA C 121 -39.35 7.50 0.54
C ALA C 121 -39.73 8.05 1.90
N ALA C 122 -40.04 7.14 2.82
CA ALA C 122 -40.43 7.49 4.19
C ALA C 122 -39.59 6.72 5.19
N PHE C 123 -39.21 7.38 6.28
CA PHE C 123 -38.35 6.80 7.30
C PHE C 123 -38.90 7.11 8.69
N LEU C 124 -38.92 6.10 9.55
CA LEU C 124 -39.17 6.29 10.97
C LEU C 124 -37.83 6.33 11.71
N ILE C 125 -37.61 7.39 12.48
CA ILE C 125 -36.37 7.58 13.23
C ILE C 125 -36.69 7.53 14.71
N GLU C 126 -36.09 6.56 15.41
CA GLU C 126 -36.35 6.33 16.82
C GLU C 126 -35.31 7.08 17.66
N VAL C 127 -35.78 8.02 18.47
CA VAL C 127 -34.91 8.88 19.27
C VAL C 127 -35.46 8.91 20.69
N ASP C 128 -34.67 9.47 21.60
CA ASP C 128 -35.12 9.70 22.96
C ASP C 128 -36.41 10.51 22.96
N LYS C 129 -37.36 10.10 23.80
CA LYS C 129 -38.66 10.78 23.88
C LYS C 129 -38.48 12.26 24.16
N ASP C 130 -37.55 12.61 25.05
CA ASP C 130 -37.31 14.00 25.38
C ASP C 130 -36.65 14.77 24.23
N GLN C 131 -36.04 14.06 23.28
CA GLN C 131 -35.35 14.70 22.17
C GLN C 131 -36.16 14.70 20.88
N ALA C 132 -37.37 14.12 20.89
CA ALA C 132 -38.13 13.94 19.65
C ALA C 132 -38.45 15.28 19.00
N GLY C 133 -39.01 16.21 19.77
CA GLY C 133 -39.33 17.52 19.21
C GLY C 133 -38.10 18.26 18.75
N LEU C 134 -37.01 18.17 19.51
CA LEU C 134 -35.76 18.82 19.12
C LEU C 134 -35.20 18.20 17.84
N LEU C 135 -35.35 16.88 17.69
CA LEU C 135 -34.90 16.23 16.46
C LEU C 135 -35.70 16.71 15.25
N VAL C 136 -37.01 16.88 15.41
CA VAL C 136 -37.84 17.38 14.32
C VAL C 136 -37.40 18.79 13.93
N ASP C 137 -37.17 19.64 14.93
CA ASP C 137 -36.72 21.01 14.65
C ASP C 137 -35.35 21.01 13.97
N HIS C 138 -34.45 20.14 14.42
CA HIS C 138 -33.13 20.05 13.79
C HIS C 138 -33.25 19.63 12.34
N ILE C 139 -34.07 18.61 12.06
CA ILE C 139 -34.25 18.15 10.70
C ILE C 139 -34.91 19.23 9.85
N LYS C 140 -35.83 19.99 10.44
CA LYS C 140 -36.53 21.03 9.70
C LYS C 140 -35.59 22.15 9.27
N ARG C 141 -34.78 22.66 10.20
CA ARG C 141 -34.04 23.90 9.95
C ARG C 141 -32.86 23.72 9.00
N TYR C 142 -32.41 22.49 8.78
CA TYR C 142 -31.28 22.24 7.90
C TYR C 142 -31.70 21.78 6.51
N ARG C 143 -33.00 21.77 6.22
CA ARG C 143 -33.49 21.29 4.92
C ARG C 143 -33.04 22.20 3.79
N VAL C 144 -33.16 23.51 3.98
CA VAL C 144 -32.99 24.51 2.92
C VAL C 144 -33.97 24.18 1.79
N ARG C 145 -33.48 23.58 0.71
CA ARG C 145 -34.32 23.26 -0.44
C ARG C 145 -34.79 21.81 -0.46
N ALA C 146 -34.35 20.98 0.48
CA ALA C 146 -34.68 19.56 0.45
C ALA C 146 -36.18 19.35 0.57
N LYS C 147 -36.76 18.63 -0.38
CA LYS C 147 -38.19 18.32 -0.38
C LYS C 147 -38.43 17.23 0.66
N VAL C 148 -38.43 17.65 1.92
CA VAL C 148 -38.52 16.73 3.05
C VAL C 148 -39.52 17.28 4.05
N LYS C 149 -40.39 16.40 4.56
CA LYS C 149 -41.32 16.72 5.63
C LYS C 149 -41.02 15.82 6.82
N VAL C 150 -41.27 16.36 8.02
CA VAL C 150 -40.89 15.66 9.24
C VAL C 150 -41.85 16.06 10.35
N LYS C 151 -42.24 15.09 11.17
CA LYS C 151 -43.11 15.34 12.32
C LYS C 151 -42.93 14.22 13.34
N VAL C 152 -43.31 14.53 14.58
CA VAL C 152 -43.31 13.53 15.64
C VAL C 152 -44.44 12.54 15.42
N VAL C 153 -44.19 11.28 15.77
CA VAL C 153 -45.21 10.23 15.77
C VAL C 153 -45.69 10.04 17.19
N ASP C 154 -47.00 10.11 17.38
CA ASP C 154 -47.57 9.91 18.71
C ASP C 154 -47.27 8.51 19.21
N VAL C 155 -46.91 8.41 20.50
CA VAL C 155 -46.57 7.12 21.09
C VAL C 155 -47.76 6.17 21.05
N GLU C 156 -48.98 6.71 21.05
CA GLU C 156 -50.15 5.86 20.93
C GLU C 156 -50.24 5.23 19.54
N GLU C 157 -49.84 5.96 18.50
CA GLU C 157 -49.98 5.44 17.14
C GLU C 157 -48.95 4.37 16.84
N VAL C 158 -47.66 4.66 17.04
CA VAL C 158 -46.61 3.66 16.93
C VAL C 158 -45.79 3.70 18.22
N ALA C 159 -45.62 2.54 18.84
CA ALA C 159 -44.90 2.41 20.09
C ALA C 159 -43.64 1.57 19.89
N VAL C 160 -42.60 1.92 20.62
CA VAL C 160 -41.31 1.23 20.52
C VAL C 160 -41.23 0.20 21.64
N TRP C 161 -41.05 -1.06 21.26
CA TRP C 161 -40.83 -2.15 22.19
C TRP C 161 -39.47 -2.79 21.89
N HIS C 162 -39.03 -3.64 22.81
CA HIS C 162 -37.79 -4.38 22.63
C HIS C 162 -37.90 -5.69 23.37
N ALA C 163 -37.52 -6.78 22.70
CA ALA C 163 -37.54 -8.10 23.28
C ALA C 163 -36.16 -8.73 23.17
N TRP C 164 -35.80 -9.54 24.17
CA TRP C 164 -34.53 -10.25 24.18
C TRP C 164 -34.75 -11.65 24.72
N ASP C 165 -33.96 -12.60 24.20
CA ASP C 165 -34.05 -14.01 24.56
C ASP C 165 -32.79 -14.69 24.03
N PRO C 166 -32.12 -15.52 24.83
CA PRO C 166 -30.98 -16.29 24.29
C PRO C 166 -31.36 -17.16 23.12
N ASN C 167 -32.60 -17.65 23.07
CA ASN C 167 -33.05 -18.52 22.00
C ASN C 167 -33.65 -17.76 20.81
N GLY C 168 -33.36 -16.46 20.68
CA GLY C 168 -33.65 -15.72 19.47
C GLY C 168 -35.11 -15.36 19.24
N LEU C 169 -35.36 -14.50 18.26
CA LEU C 169 -36.70 -14.01 17.95
C LEU C 169 -36.82 -13.85 16.44
N GLY C 170 -37.90 -13.22 16.00
CA GLY C 170 -38.10 -12.95 14.59
C GLY C 170 -39.54 -12.75 14.18
N GLU C 171 -39.98 -13.40 13.10
CA GLU C 171 -41.31 -13.21 12.52
C GLU C 171 -41.57 -11.72 12.29
N ALA C 172 -40.75 -11.16 11.38
CA ALA C 172 -40.42 -9.74 11.37
C ALA C 172 -41.59 -8.79 11.15
N SER C 173 -42.18 -8.79 9.96
CA SER C 173 -43.14 -7.75 9.57
C SER C 173 -44.50 -8.39 9.33
N VAL C 174 -45.26 -8.53 10.42
CA VAL C 174 -46.59 -9.13 10.38
C VAL C 174 -47.59 -8.09 10.87
N ASN C 175 -48.66 -7.89 10.09
CA ASN C 175 -49.64 -6.82 10.22
C ASN C 175 -49.17 -5.63 11.06
N ASP C 176 -49.45 -5.66 12.36
CA ASP C 176 -49.25 -4.50 13.22
C ASP C 176 -47.89 -4.47 13.90
N LEU C 177 -47.03 -5.44 13.64
CA LEU C 177 -45.76 -5.56 14.35
C LEU C 177 -44.61 -5.57 13.37
N LEU C 178 -43.65 -4.66 13.57
CA LEU C 178 -42.37 -4.70 12.89
C LEU C 178 -41.33 -5.19 13.88
N VAL C 179 -40.70 -6.33 13.58
CA VAL C 179 -39.65 -6.91 14.42
C VAL C 179 -38.37 -6.94 13.61
N THR C 180 -37.29 -6.39 14.20
CA THR C 180 -36.02 -6.35 13.50
C THR C 180 -34.88 -6.45 14.49
N PRO C 181 -33.82 -7.21 14.17
CA PRO C 181 -32.76 -7.46 15.17
C PRO C 181 -32.00 -6.20 15.52
N ASP C 182 -31.60 -6.13 16.79
CA ASP C 182 -30.71 -5.08 17.28
C ASP C 182 -29.30 -5.63 17.15
N CYS C 183 -28.55 -5.13 16.16
CA CYS C 183 -27.24 -5.68 15.83
C CYS C 183 -26.10 -4.95 16.52
N ARG C 184 -26.39 -4.15 17.54
CA ARG C 184 -25.32 -3.49 18.28
C ARG C 184 -24.44 -4.52 19.00
N THR C 185 -25.05 -5.56 19.54
CA THR C 185 -24.35 -6.72 20.09
C THR C 185 -25.03 -7.98 19.60
N PRO C 186 -24.34 -9.13 19.64
CA PRO C 186 -25.00 -10.38 19.24
C PRO C 186 -26.22 -10.73 20.08
N ALA C 187 -26.32 -10.24 21.31
CA ALA C 187 -27.38 -10.66 22.23
C ALA C 187 -28.29 -9.50 22.66
N MET C 188 -28.25 -8.38 21.95
CA MET C 188 -29.10 -7.24 22.34
C MET C 188 -30.58 -7.57 22.23
N GLY C 189 -30.96 -8.36 21.23
CA GLY C 189 -32.36 -8.70 21.03
C GLY C 189 -32.92 -8.10 19.76
N SER C 190 -34.20 -7.73 19.77
CA SER C 190 -34.85 -7.20 18.58
C SER C 190 -35.71 -6.01 18.94
N ARG C 191 -35.54 -4.91 18.21
CA ARG C 191 -36.47 -3.78 18.32
C ARG C 191 -37.82 -4.19 17.76
N ILE C 192 -38.89 -3.70 18.38
CA ILE C 192 -40.25 -4.00 17.96
C ILE C 192 -41.04 -2.70 17.87
N LEU C 193 -41.67 -2.49 16.72
CA LEU C 193 -42.57 -1.36 16.52
C LEU C 193 -44.00 -1.87 16.48
N HIS C 194 -44.87 -1.28 17.31
CA HIS C 194 -46.27 -1.65 17.39
C HIS C 194 -47.10 -0.54 16.75
N PHE C 195 -47.73 -0.86 15.63
CA PHE C 195 -48.56 0.09 14.90
C PHE C 195 -50.01 -0.11 15.31
N GLY C 196 -50.76 1.00 15.38
CA GLY C 196 -52.14 0.92 15.81
C GLY C 196 -52.43 1.69 17.07
N GLY C 197 -52.69 0.99 18.17
CA GLY C 197 -53.06 1.62 19.41
C GLY C 197 -52.35 1.03 20.61
N PRO C 198 -52.42 1.72 21.75
CA PRO C 198 -51.78 1.18 22.97
C PRO C 198 -52.48 -0.05 23.48
N ASP C 199 -53.79 0.01 23.68
CA ASP C 199 -54.61 -1.16 24.00
C ASP C 199 -54.87 -1.97 22.72
N GLY C 200 -53.77 -2.42 22.11
CA GLY C 200 -53.89 -3.16 20.86
C GLY C 200 -54.37 -4.57 21.07
N ASN C 201 -53.78 -5.27 22.05
CA ASN C 201 -53.89 -6.71 22.31
C ASN C 201 -53.00 -7.50 21.36
N ALA C 202 -52.18 -6.82 20.56
CA ALA C 202 -50.95 -7.42 20.06
C ALA C 202 -49.91 -7.26 21.17
N ILE C 203 -48.63 -7.48 20.85
CA ILE C 203 -47.54 -7.43 21.84
C ILE C 203 -47.76 -8.51 22.89
N GLN C 204 -48.88 -8.43 23.62
CA GLN C 204 -49.21 -9.46 24.59
C GLN C 204 -49.34 -10.82 23.89
N ASN C 205 -49.93 -10.83 22.69
CA ASN C 205 -49.94 -12.06 21.89
C ASN C 205 -48.52 -12.46 21.51
N PHE C 206 -47.69 -11.48 21.14
CA PHE C 206 -46.29 -11.76 20.81
C PHE C 206 -45.55 -12.34 22.01
N ALA C 207 -45.74 -11.73 23.19
CA ALA C 207 -45.06 -12.21 24.38
C ALA C 207 -45.51 -13.62 24.75
N GLU C 208 -46.81 -13.89 24.68
CA GLU C 208 -47.31 -15.23 24.93
C GLU C 208 -46.78 -16.21 23.89
N ARG C 209 -46.74 -15.78 22.63
CA ARG C 209 -46.24 -16.65 21.56
C ARG C 209 -44.76 -17.00 21.78
N CYS C 210 -43.95 -16.01 22.13
CA CYS C 210 -42.52 -16.21 22.32
C CYS C 210 -42.15 -16.57 23.75
N GLN C 211 -43.15 -16.77 24.62
CA GLN C 211 -42.93 -17.15 26.02
C GLN C 211 -42.02 -16.14 26.72
N LEU C 212 -42.28 -14.86 26.49
CA LEU C 212 -41.53 -13.78 27.11
C LEU C 212 -42.40 -13.10 28.17
N GLN C 213 -41.77 -12.70 29.26
CA GLN C 213 -42.44 -11.95 30.31
C GLN C 213 -42.41 -10.47 29.97
N VAL C 214 -43.58 -9.83 30.00
CA VAL C 214 -43.64 -8.39 29.78
C VAL C 214 -43.09 -7.70 31.02
N LEU C 215 -42.03 -6.93 30.83
CA LEU C 215 -41.34 -6.32 31.95
C LEU C 215 -41.28 -4.80 31.79
N PRO C 216 -41.21 -4.06 32.89
CA PRO C 216 -41.02 -2.61 32.80
C PRO C 216 -39.64 -2.28 32.25
N GLN C 217 -39.49 -1.03 31.81
CA GLN C 217 -38.34 -0.62 31.01
C GLN C 217 -37.02 -0.88 31.71
N GLU C 218 -36.99 -0.78 33.04
CA GLU C 218 -35.72 -0.90 33.77
C GLU C 218 -35.08 -2.26 33.55
N TYR C 219 -35.87 -3.29 33.24
CA TYR C 219 -35.29 -4.59 32.94
C TYR C 219 -34.58 -4.59 31.59
N TYR C 220 -35.12 -3.85 30.62
CA TYR C 220 -34.41 -3.66 29.35
C TYR C 220 -33.12 -2.87 29.56
N VAL C 221 -33.17 -1.85 30.41
CA VAL C 221 -31.98 -1.06 30.71
C VAL C 221 -30.91 -1.95 31.33
N LEU C 222 -31.29 -2.82 32.27
CA LEU C 222 -30.35 -3.76 32.84
C LEU C 222 -29.77 -4.66 31.76
N HIS C 223 -30.60 -5.15 30.85
CA HIS C 223 -30.11 -5.95 29.74
C HIS C 223 -29.14 -5.15 28.88
N ARG C 224 -29.48 -3.89 28.59
CA ARG C 224 -28.58 -3.01 27.85
C ARG C 224 -27.22 -2.89 28.54
N ILE C 225 -27.24 -2.62 29.85
CA ILE C 225 -26.00 -2.38 30.60
C ILE C 225 -25.14 -3.64 30.61
N THR C 226 -25.75 -4.81 30.85
CA THR C 226 -24.98 -6.04 30.85
C THR C 226 -24.40 -6.37 29.48
N GLN C 227 -24.99 -5.83 28.40
CA GLN C 227 -24.41 -5.93 27.08
C GLN C 227 -23.40 -4.83 26.81
N GLY C 228 -23.30 -3.83 27.68
CA GLY C 228 -22.36 -2.75 27.47
C GLY C 228 -22.79 -1.74 26.43
N VAL C 229 -24.09 -1.54 26.26
CA VAL C 229 -24.63 -0.67 25.23
C VAL C 229 -25.13 0.61 25.89
N PRO C 230 -24.57 1.77 25.56
CA PRO C 230 -25.17 3.03 26.00
C PRO C 230 -26.28 3.46 25.06
N GLU C 231 -27.26 4.16 25.61
CA GLU C 231 -28.43 4.56 24.83
C GLU C 231 -29.05 5.79 25.48
N GLY C 232 -29.54 6.70 24.65
CA GLY C 232 -30.21 7.89 25.12
C GLY C 232 -29.24 9.01 25.46
N GLN C 233 -29.81 10.21 25.60
CA GLN C 233 -29.00 11.40 25.85
C GLN C 233 -28.70 11.61 27.32
N THR C 234 -29.20 10.73 28.20
CA THR C 234 -28.71 10.70 29.57
C THR C 234 -27.36 9.99 29.67
N GLU C 235 -27.07 9.08 28.75
CA GLU C 235 -25.83 8.32 28.72
C GLU C 235 -24.89 8.77 27.62
N LEU C 236 -25.40 9.07 26.43
CA LEU C 236 -24.61 9.62 25.34
C LEU C 236 -24.94 11.11 25.28
N LEU C 237 -24.20 11.90 26.06
CA LEU C 237 -24.56 13.29 26.27
C LEU C 237 -24.62 14.05 24.95
N LYS C 238 -25.74 14.75 24.73
CA LYS C 238 -25.98 15.43 23.47
C LYS C 238 -24.90 16.48 23.23
N MET C 239 -24.36 16.48 22.01
CA MET C 239 -23.32 17.40 21.53
C MET C 239 -22.00 17.23 22.27
N SER C 240 -21.85 16.19 23.08
CA SER C 240 -20.64 16.00 23.86
C SER C 240 -20.02 14.61 23.69
N ALA C 241 -20.84 13.58 23.59
CA ALA C 241 -20.34 12.22 23.53
C ALA C 241 -19.50 11.99 22.28
N ILE C 242 -18.37 11.31 22.46
CA ILE C 242 -17.45 11.01 21.37
C ILE C 242 -17.81 9.65 20.78
N PRO C 243 -18.02 9.55 19.46
CA PRO C 243 -18.54 8.29 18.90
C PRO C 243 -17.66 7.07 19.19
N HIS C 244 -16.34 7.20 19.07
CA HIS C 244 -15.46 6.07 19.33
C HIS C 244 -15.45 5.71 20.81
N GLU C 245 -15.48 6.71 21.68
CA GLU C 245 -15.62 6.43 23.10
C GLU C 245 -16.96 5.77 23.41
N SER C 246 -17.98 6.08 22.61
CA SER C 246 -19.30 5.50 22.77
C SER C 246 -19.44 4.15 22.08
N ASN C 247 -18.36 3.65 21.47
CA ASN C 247 -18.36 2.37 20.75
C ASN C 247 -19.29 2.40 19.54
N LEU C 248 -19.56 3.59 19.00
CA LEU C 248 -20.38 3.67 17.78
C LEU C 248 -19.69 2.97 16.61
N ASP C 249 -18.37 2.85 16.66
CA ASP C 249 -17.65 2.09 15.63
C ASP C 249 -17.87 0.59 15.80
N LEU C 250 -17.90 0.11 17.05
CA LEU C 250 -18.02 -1.33 17.30
C LEU C 250 -19.47 -1.83 17.23
N MET C 251 -20.44 -0.93 17.30
CA MET C 251 -21.85 -1.33 17.33
C MET C 251 -22.53 -1.22 15.97
N GLY C 252 -21.75 -1.01 14.90
CA GLY C 252 -22.29 -1.07 13.56
C GLY C 252 -23.09 0.13 13.12
N GLY C 253 -23.10 1.21 13.90
CA GLY C 253 -23.86 2.39 13.52
C GLY C 253 -23.16 3.36 12.60
N ILE C 254 -21.88 3.13 12.32
CA ILE C 254 -21.09 4.03 11.47
C ILE C 254 -20.61 3.24 10.26
N ASP C 255 -20.94 3.73 9.07
CA ASP C 255 -20.38 3.23 7.83
C ASP C 255 -19.17 4.09 7.50
N PHE C 256 -17.97 3.52 7.60
CA PHE C 256 -16.76 4.25 7.28
C PHE C 256 -16.50 4.32 5.78
N ARG C 257 -17.21 3.52 4.98
CA ARG C 257 -17.04 3.50 3.54
C ARG C 257 -18.04 4.38 2.80
N LYS C 258 -19.04 4.93 3.49
CA LYS C 258 -19.96 5.84 2.83
C LYS C 258 -19.31 7.22 2.66
N GLY C 259 -19.99 8.08 1.93
CA GLY C 259 -19.47 9.39 1.58
C GLY C 259 -19.58 10.40 2.70
N CYS C 260 -19.70 11.66 2.32
CA CYS C 260 -19.70 12.74 3.30
C CYS C 260 -21.01 12.77 4.08
N TYR C 261 -20.88 13.05 5.37
CA TYR C 261 -22.04 13.35 6.22
C TYR C 261 -21.55 14.24 7.35
N VAL C 262 -22.51 14.83 8.06
CA VAL C 262 -22.18 15.79 9.11
C VAL C 262 -21.35 15.11 10.17
N GLY C 263 -20.17 15.65 10.43
CA GLY C 263 -19.26 15.11 11.43
C GLY C 263 -18.40 13.96 10.97
N GLN C 264 -18.40 13.64 9.68
CA GLN C 264 -17.63 12.49 9.20
C GLN C 264 -16.13 12.72 9.33
N GLU C 265 -15.67 13.97 9.21
CA GLU C 265 -14.24 14.24 9.21
C GLU C 265 -13.60 13.82 10.54
N LEU C 266 -14.21 14.17 11.67
CA LEU C 266 -13.63 13.82 12.96
C LEU C 266 -13.72 12.32 13.22
N VAL C 267 -14.81 11.69 12.78
CA VAL C 267 -14.95 10.24 12.97
C VAL C 267 -13.91 9.50 12.14
N THR C 268 -13.75 9.90 10.88
CA THR C 268 -12.78 9.25 10.01
C THR C 268 -11.36 9.45 10.50
N ARG C 269 -11.04 10.67 10.96
CA ARG C 269 -9.69 10.95 11.46
C ARG C 269 -9.37 10.08 12.66
N THR C 270 -10.32 9.94 13.60
CA THR C 270 -10.11 9.06 14.73
C THR C 270 -9.95 7.61 14.30
N GLU C 271 -10.77 7.18 13.33
CA GLU C 271 -10.71 5.79 12.86
C GLU C 271 -9.37 5.47 12.23
N HIS C 272 -8.84 6.37 11.41
CA HIS C 272 -7.60 6.12 10.69
C HIS C 272 -6.37 6.48 11.49
N ARG C 273 -6.44 7.56 12.25
CA ARG C 273 -5.25 8.11 12.88
C ARG C 273 -5.25 8.00 14.40
N GLY C 274 -6.43 7.98 15.02
CA GLY C 274 -6.50 8.09 16.46
C GLY C 274 -6.18 6.81 17.19
N VAL C 275 -5.84 6.98 18.47
CA VAL C 275 -5.64 5.89 19.40
C VAL C 275 -6.69 6.03 20.49
N VAL C 276 -7.68 5.15 20.48
CA VAL C 276 -8.83 5.24 21.38
C VAL C 276 -8.48 4.49 22.67
N ARG C 277 -8.15 5.24 23.71
CA ARG C 277 -7.82 4.68 25.02
C ARG C 277 -9.02 4.67 25.98
N LYS C 278 -10.14 5.25 25.58
CA LYS C 278 -11.31 5.37 26.45
C LYS C 278 -12.54 4.87 25.71
N ARG C 279 -13.26 3.95 26.35
CA ARG C 279 -14.47 3.40 25.74
C ARG C 279 -15.50 3.12 26.83
N VAL C 280 -16.77 3.18 26.45
CA VAL C 280 -17.85 2.78 27.34
C VAL C 280 -17.74 1.29 27.63
N LEU C 281 -17.80 0.92 28.90
CA LEU C 281 -17.75 -0.47 29.31
C LEU C 281 -18.72 -0.70 30.46
N PRO C 282 -19.29 -1.90 30.55
CA PRO C 282 -20.08 -2.25 31.74
C PRO C 282 -19.18 -2.46 32.94
N CYS C 283 -19.66 -2.02 34.11
CA CYS C 283 -18.88 -2.09 35.33
C CYS C 283 -19.72 -2.69 36.45
N VAL C 284 -19.04 -3.32 37.41
CA VAL C 284 -19.67 -3.89 38.59
C VAL C 284 -19.22 -3.10 39.81
N VAL C 285 -20.17 -2.73 40.67
CA VAL C 285 -19.89 -2.03 41.92
C VAL C 285 -19.98 -3.03 43.05
N TYR C 286 -18.95 -3.09 43.88
CA TYR C 286 -18.83 -4.15 44.87
C TYR C 286 -18.05 -3.67 46.08
N GLU C 287 -18.08 -4.49 47.13
CA GLU C 287 -17.33 -4.25 48.36
C GLU C 287 -16.07 -5.09 48.35
N GLY C 288 -14.99 -4.54 48.91
CA GLY C 288 -13.69 -5.20 48.92
C GLY C 288 -13.62 -6.66 49.29
N GLY C 301 -26.35 -12.48 30.75
CA GLY C 301 -25.21 -12.40 29.86
C GLY C 301 -23.91 -12.12 30.59
N ASP C 302 -23.34 -13.16 31.20
CA ASP C 302 -22.06 -13.07 31.90
C ASP C 302 -22.15 -12.08 33.06
N LEU C 303 -22.33 -10.80 32.75
CA LEU C 303 -22.46 -9.80 33.82
C LEU C 303 -23.77 -9.95 34.58
N GLY C 304 -24.82 -10.44 33.93
CA GLY C 304 -26.11 -10.58 34.59
C GLY C 304 -26.10 -11.55 35.76
N GLY C 305 -25.16 -12.50 35.78
CA GLY C 305 -25.04 -13.39 36.91
C GLY C 305 -24.53 -12.73 38.16
N LEU C 306 -23.83 -11.60 38.02
CA LEU C 306 -23.34 -10.84 39.15
C LEU C 306 -24.32 -9.79 39.64
N TYR C 307 -25.44 -9.60 38.95
CA TYR C 307 -26.37 -8.53 39.30
C TYR C 307 -27.07 -8.83 40.62
N THR C 308 -27.35 -7.76 41.36
CA THR C 308 -28.02 -7.86 42.66
C THR C 308 -28.55 -6.47 43.02
N ASP C 309 -29.74 -6.44 43.62
CA ASP C 309 -30.39 -5.18 43.99
C ASP C 309 -30.05 -4.73 45.41
N ARG C 310 -29.16 -5.45 46.11
CA ARG C 310 -28.77 -5.05 47.44
C ARG C 310 -27.76 -3.91 47.39
N PRO C 311 -27.81 -3.01 48.37
CA PRO C 311 -26.87 -1.88 48.41
C PRO C 311 -25.43 -2.35 48.58
N ILE C 312 -24.52 -1.43 48.30
CA ILE C 312 -23.08 -1.68 48.41
C ILE C 312 -22.52 -0.79 49.52
N ALA C 313 -22.53 0.51 49.30
CA ALA C 313 -22.51 1.50 50.37
C ALA C 313 -23.66 2.50 50.23
N GLY C 314 -23.99 2.92 48.98
CA GLY C 314 -25.23 3.61 48.73
C GLY C 314 -26.31 2.64 48.30
N LEU C 315 -27.51 3.16 48.07
CA LEU C 315 -28.64 2.29 47.79
C LEU C 315 -28.45 1.48 46.51
N SER C 316 -27.93 2.10 45.46
CA SER C 316 -27.64 1.39 44.21
C SER C 316 -26.73 2.27 43.36
N SER C 317 -26.33 1.77 42.20
CA SER C 317 -25.44 2.51 41.32
C SER C 317 -26.10 3.76 40.74
N ALA C 318 -27.42 3.85 40.80
CA ALA C 318 -28.12 5.02 40.28
C ALA C 318 -27.90 6.22 41.20
N GLU C 324 -21.26 12.08 35.75
CA GLU C 324 -19.89 11.96 35.25
C GLU C 324 -18.88 11.91 36.39
N THR C 325 -19.16 11.06 37.38
CA THR C 325 -18.27 10.91 38.52
C THR C 325 -16.97 10.22 38.10
N ASN C 326 -15.85 10.75 38.56
CA ASN C 326 -14.55 10.19 38.22
C ASN C 326 -14.32 8.86 38.93
N ILE C 327 -13.75 7.91 38.20
CA ILE C 327 -13.23 6.67 38.77
C ILE C 327 -11.74 6.85 39.00
N VAL C 328 -11.27 6.43 40.17
CA VAL C 328 -9.88 6.63 40.56
C VAL C 328 -9.31 5.31 41.08
N ARG C 329 -7.98 5.22 41.05
CA ARG C 329 -7.29 4.11 41.68
C ARG C 329 -7.46 4.19 43.20
N VAL C 330 -7.60 3.04 43.84
CA VAL C 330 -7.67 3.00 45.29
C VAL C 330 -6.30 3.29 45.87
N SER C 331 -6.25 4.18 46.86
CA SER C 331 -5.01 4.64 47.48
C SER C 331 -4.02 5.10 46.41
N GLY C 332 -4.53 5.89 45.46
CA GLY C 332 -3.73 6.40 44.37
C GLY C 332 -3.59 7.91 44.40
N LYS C 333 -3.33 8.52 43.25
CA LYS C 333 -3.06 9.94 43.20
C LYS C 333 -4.33 10.80 43.09
N GLY C 334 -5.47 10.21 42.72
CA GLY C 334 -6.67 10.95 42.43
C GLY C 334 -6.89 11.24 40.96
N ARG C 335 -5.91 10.92 40.10
CA ARG C 335 -6.08 11.09 38.67
C ARG C 335 -7.25 10.26 38.17
N GLY C 336 -8.13 10.87 37.39
CA GLY C 336 -9.28 10.17 36.86
C GLY C 336 -8.88 9.14 35.83
N VAL C 337 -9.38 7.91 35.98
CA VAL C 337 -9.21 6.84 35.01
C VAL C 337 -10.52 6.37 34.42
N GLY C 338 -11.60 7.11 34.66
CA GLY C 338 -12.90 6.74 34.12
C GLY C 338 -13.93 7.77 34.49
N LYS C 339 -15.04 7.73 33.76
CA LYS C 339 -16.18 8.61 34.02
C LYS C 339 -17.45 7.78 34.08
N TRP C 340 -18.22 7.95 35.15
CA TRP C 340 -19.46 7.21 35.31
C TRP C 340 -20.56 7.78 34.42
N LEU C 341 -21.34 6.90 33.81
CA LEU C 341 -22.45 7.31 32.95
C LEU C 341 -23.81 7.07 33.61
N ARG C 342 -24.11 5.84 33.99
CA ARG C 342 -25.41 5.48 34.56
C ARG C 342 -25.31 4.07 35.09
N GLY C 343 -26.01 3.81 36.20
CA GLY C 343 -25.98 2.52 36.83
C GLY C 343 -27.35 2.09 37.30
N ILE C 344 -27.52 0.78 37.41
CA ILE C 344 -28.72 0.18 37.98
C ILE C 344 -28.25 -0.99 38.85
N GLY C 345 -28.81 -1.11 40.04
CA GLY C 345 -28.37 -2.13 40.97
C GLY C 345 -26.89 -1.97 41.29
N ASN C 346 -26.12 -3.04 41.07
CA ASN C 346 -24.68 -3.03 41.30
C ASN C 346 -23.89 -2.99 40.00
N VAL C 347 -24.52 -2.64 38.89
CA VAL C 347 -23.86 -2.57 37.60
C VAL C 347 -24.14 -1.23 36.96
N GLY C 348 -23.33 -0.88 35.97
CA GLY C 348 -23.51 0.38 35.27
C GLY C 348 -22.57 0.49 34.10
N LEU C 349 -22.67 1.62 33.41
CA LEU C 349 -21.82 1.94 32.28
C LEU C 349 -20.88 3.07 32.66
N ALA C 350 -19.64 3.00 32.18
CA ALA C 350 -18.66 4.03 32.44
C ALA C 350 -17.70 4.11 31.28
N VAL C 351 -17.27 5.32 30.95
CA VAL C 351 -16.21 5.55 29.97
C VAL C 351 -14.89 5.31 30.68
N CYS C 352 -14.25 4.18 30.40
CA CYS C 352 -13.11 3.71 31.17
C CYS C 352 -11.82 3.85 30.37
N ARG C 353 -10.73 4.13 31.07
CA ARG C 353 -9.39 4.07 30.48
C ARG C 353 -9.03 2.61 30.26
N LEU C 354 -8.95 2.20 29.00
CA LEU C 354 -8.71 0.79 28.69
C LEU C 354 -7.34 0.34 29.19
N ASP C 355 -6.32 1.19 29.04
CA ASP C 355 -4.97 0.82 29.44
C ASP C 355 -4.82 0.68 30.95
N VAL C 356 -5.79 1.15 31.72
CA VAL C 356 -5.69 1.16 33.17
C VAL C 356 -6.64 0.14 33.80
N MET C 357 -7.91 0.16 33.40
CA MET C 357 -8.94 -0.65 34.05
C MET C 357 -9.17 -2.01 33.39
N THR C 358 -8.59 -2.26 32.22
CA THR C 358 -8.83 -3.50 31.49
C THR C 358 -7.52 -4.07 30.97
N ASP C 359 -7.61 -5.30 30.46
CA ASP C 359 -6.50 -5.94 29.76
C ASP C 359 -6.71 -5.94 28.25
N LEU C 360 -7.64 -5.13 27.75
CA LEU C 360 -7.98 -5.16 26.34
C LEU C 360 -6.82 -4.67 25.48
N PRO C 361 -6.71 -5.17 24.25
CA PRO C 361 -5.72 -4.61 23.33
C PRO C 361 -6.21 -3.29 22.76
N ILE C 362 -5.34 -2.28 22.78
CA ILE C 362 -5.67 -0.95 22.29
C ILE C 362 -5.14 -0.85 20.85
N PRO C 363 -5.99 -0.78 19.85
CA PRO C 363 -5.51 -0.71 18.46
C PRO C 363 -4.63 0.51 18.26
N GLY C 364 -3.48 0.30 17.62
CA GLY C 364 -2.53 1.36 17.38
C GLY C 364 -1.58 1.66 18.53
N GLU C 365 -1.77 1.03 19.69
CA GLU C 365 -0.85 1.21 20.80
C GLU C 365 -0.23 -0.10 21.29
N THR C 366 -1.04 -1.12 21.54
CA THR C 366 -0.55 -2.33 22.20
C THR C 366 0.37 -3.10 21.26
N PRO C 367 1.62 -3.34 21.63
CA PRO C 367 2.53 -4.08 20.74
C PRO C 367 2.14 -5.55 20.63
N ALA C 368 2.51 -6.14 19.51
CA ALA C 368 2.28 -7.56 19.29
C ALA C 368 3.32 -8.39 20.05
N GLY C 369 2.91 -9.58 20.45
CA GLY C 369 3.83 -10.56 21.01
C GLY C 369 4.57 -11.29 19.90
N GLU C 370 5.27 -12.35 20.31
CA GLU C 370 6.06 -13.12 19.36
C GLU C 370 5.20 -13.77 18.30
N ASP C 371 4.03 -14.26 18.69
CA ASP C 371 3.14 -14.98 17.79
C ASP C 371 2.23 -14.06 16.99
N GLY C 372 2.41 -12.75 17.10
CA GLY C 372 1.59 -11.81 16.34
C GLY C 372 0.27 -11.45 16.98
N VAL C 373 0.04 -11.86 18.22
CA VAL C 373 -1.15 -11.45 18.96
C VAL C 373 -0.74 -10.38 19.95
N PRO C 374 -1.61 -9.44 20.31
CA PRO C 374 -1.22 -8.38 21.23
C PRO C 374 -0.84 -8.93 22.59
N GLU C 375 0.15 -8.29 23.22
CA GLU C 375 0.56 -8.66 24.56
C GLU C 375 -0.56 -8.39 25.56
N VAL C 376 -0.58 -9.18 26.62
CA VAL C 376 -1.62 -9.09 27.64
C VAL C 376 -1.02 -8.47 28.87
N ARG C 377 -1.42 -7.24 29.18
CA ARG C 377 -1.04 -6.57 30.41
C ARG C 377 -2.06 -6.87 31.50
N GLU C 378 -1.58 -6.92 32.74
CA GLU C 378 -2.45 -7.18 33.87
C GLU C 378 -2.97 -5.86 34.43
N VAL C 379 -4.21 -5.91 34.91
CA VAL C 379 -4.81 -4.75 35.59
C VAL C 379 -4.21 -4.67 36.99
N LYS C 380 -3.66 -3.51 37.34
CA LYS C 380 -2.98 -3.32 38.61
C LYS C 380 -3.92 -2.65 39.61
N GLY C 381 -4.18 -3.33 40.72
CA GLY C 381 -4.96 -2.77 41.80
C GLY C 381 -6.45 -2.72 41.51
N GLU C 382 -7.15 -1.94 42.35
CA GLU C 382 -8.59 -1.77 42.27
C GLU C 382 -8.93 -0.31 42.07
N PHE C 383 -10.22 -0.04 41.85
CA PHE C 383 -10.69 1.29 41.53
C PHE C 383 -11.91 1.63 42.36
N THR C 384 -12.18 2.93 42.49
CA THR C 384 -13.30 3.40 43.30
C THR C 384 -13.73 4.77 42.79
N ILE C 385 -14.70 5.36 43.49
CA ILE C 385 -15.21 6.68 43.18
C ILE C 385 -14.26 7.73 43.75
N GLU C 386 -14.09 8.84 43.01
CA GLU C 386 -13.33 9.96 43.53
C GLU C 386 -13.91 10.43 44.85
N GLY C 387 -13.04 10.69 45.82
CA GLY C 387 -13.47 11.16 47.12
C GLY C 387 -13.84 10.07 48.10
N ASP C 388 -14.46 8.99 47.61
CA ASP C 388 -14.87 7.90 48.49
C ASP C 388 -13.66 7.17 49.05
N GLU C 389 -13.42 7.27 50.36
CA GLU C 389 -12.43 6.45 51.03
C GLU C 389 -13.05 5.24 51.72
N GLY C 390 -14.29 4.89 51.36
CA GLY C 390 -14.93 3.71 51.88
C GLY C 390 -14.58 2.47 51.06
N PRO C 391 -15.23 1.35 51.36
CA PRO C 391 -14.91 0.09 50.68
C PRO C 391 -15.55 -0.09 49.31
N LEU C 392 -16.18 0.94 48.76
CA LEU C 392 -16.79 0.83 47.43
C LEU C 392 -15.71 0.61 46.38
N ARG C 393 -16.00 -0.28 45.43
CA ARG C 393 -15.06 -0.61 44.38
C ARG C 393 -15.81 -0.69 43.05
N ILE C 394 -15.09 -0.40 41.97
CA ILE C 394 -15.61 -0.51 40.61
C ILE C 394 -14.66 -1.37 39.80
N LYS C 395 -15.21 -2.33 39.07
CA LYS C 395 -14.43 -3.18 38.17
C LYS C 395 -15.07 -3.15 36.79
N ALA C 396 -14.26 -2.81 35.78
CA ALA C 396 -14.72 -2.88 34.40
C ALA C 396 -14.70 -4.33 33.92
N VAL C 397 -15.79 -4.76 33.29
CA VAL C 397 -15.88 -6.12 32.77
C VAL C 397 -16.17 -6.03 31.28
N PRO C 398 -15.16 -6.03 30.41
CA PRO C 398 -15.40 -5.90 28.97
C PRO C 398 -16.27 -7.03 28.45
N PRO C 399 -17.27 -6.71 27.63
CA PRO C 399 -18.07 -7.77 27.01
C PRO C 399 -17.25 -8.56 26.01
N ALA C 400 -17.63 -9.83 25.84
CA ALA C 400 -16.91 -10.70 24.92
C ALA C 400 -16.96 -10.17 23.50
N TRP C 401 -18.12 -9.65 23.08
CA TRP C 401 -18.24 -9.11 21.73
C TRP C 401 -17.30 -7.92 21.51
N LEU C 402 -17.21 -7.03 22.51
CA LEU C 402 -16.30 -5.90 22.38
C LEU C 402 -14.85 -6.35 22.35
N ARG C 403 -14.51 -7.34 23.17
CA ARG C 403 -13.15 -7.87 23.19
C ARG C 403 -12.76 -8.45 21.84
N ARG C 404 -13.66 -9.22 21.23
CA ARG C 404 -13.38 -9.78 19.91
C ARG C 404 -13.22 -8.70 18.86
N GLU C 405 -14.11 -7.70 18.88
CA GLU C 405 -14.08 -6.68 17.85
C GLU C 405 -12.86 -5.76 18.01
N LEU C 406 -12.48 -5.46 19.26
CA LEU C 406 -11.25 -4.71 19.48
C LEU C 406 -10.04 -5.51 19.00
N MET C 407 -10.07 -6.83 19.15
CA MET C 407 -9.01 -7.66 18.60
C MET C 407 -8.91 -7.51 17.08
N GLU C 408 -10.06 -7.48 16.41
CA GLU C 408 -10.07 -7.30 14.95
C GLU C 408 -9.51 -5.94 14.56
N LYS C 409 -9.95 -4.88 15.23
CA LYS C 409 -9.44 -3.54 14.93
C LYS C 409 -7.95 -3.45 15.23
N TRP C 410 -7.49 -4.14 16.27
CA TRP C 410 -6.05 -4.19 16.55
C TRP C 410 -5.30 -4.85 15.39
N GLU C 411 -5.85 -5.95 14.85
CA GLU C 411 -5.18 -6.65 13.76
C GLU C 411 -5.11 -5.78 12.51
N VAL C 412 -6.19 -5.08 12.19
CA VAL C 412 -6.19 -4.21 11.01
C VAL C 412 -5.19 -3.07 11.19
N LYS C 413 -5.18 -2.45 12.37
CA LYS C 413 -4.27 -1.34 12.61
C LYS C 413 -2.82 -1.81 12.68
N ASN C 414 -2.59 -3.06 13.08
CA ASN C 414 -1.23 -3.56 13.16
C ASN C 414 -0.63 -3.83 11.78
N GLU C 415 -1.46 -4.28 10.82
CA GLU C 415 -0.98 -4.57 9.48
C GLU C 415 -1.11 -3.35 8.57
N SER D 30 33.56 -37.56 23.15
CA SER D 30 34.67 -36.81 23.71
C SER D 30 34.54 -35.31 23.38
N ILE D 31 35.32 -34.50 24.05
CA ILE D 31 35.28 -33.04 23.90
C ILE D 31 36.43 -32.63 22.98
N PRO D 32 36.17 -31.88 21.90
CA PRO D 32 37.25 -31.48 21.00
C PRO D 32 38.37 -30.75 21.73
N SER D 33 39.61 -31.13 21.43
CA SER D 33 40.76 -30.51 22.08
C SER D 33 40.96 -29.08 21.59
N SER D 34 40.54 -28.77 20.37
CA SER D 34 40.64 -27.43 19.83
C SER D 34 39.59 -27.28 18.74
N TYR D 35 39.44 -26.05 18.26
CA TYR D 35 38.49 -25.76 17.19
C TYR D 35 39.13 -26.09 15.84
N ALA D 36 38.38 -26.79 15.00
CA ALA D 36 38.86 -27.12 13.67
C ALA D 36 38.19 -26.20 12.66
N PRO D 37 38.92 -25.28 12.01
CA PRO D 37 38.26 -24.41 11.03
C PRO D 37 37.86 -25.13 9.77
N SER D 38 38.42 -26.31 9.51
CA SER D 38 38.04 -27.10 8.35
C SER D 38 38.06 -28.57 8.74
N GLY D 39 37.32 -29.38 8.01
CA GLY D 39 37.29 -30.80 8.26
C GLY D 39 36.12 -31.45 7.56
N ILE D 40 35.97 -32.74 7.82
CA ILE D 40 34.86 -33.53 7.29
C ILE D 40 34.52 -34.60 8.31
N SER D 41 33.22 -34.83 8.54
CA SER D 41 32.78 -35.72 9.59
C SER D 41 31.63 -36.60 9.11
N HIS D 42 31.65 -37.85 9.57
CA HIS D 42 30.52 -38.75 9.40
C HIS D 42 29.43 -38.37 10.40
N LEU D 43 28.27 -37.96 9.90
CA LEU D 43 27.17 -37.53 10.78
C LEU D 43 26.40 -38.76 11.23
N LEU D 44 26.92 -39.39 12.28
CA LEU D 44 26.29 -40.59 12.81
C LEU D 44 24.91 -40.30 13.40
N SER D 45 24.68 -39.06 13.83
CA SER D 45 23.41 -38.68 14.44
C SER D 45 22.33 -38.38 13.40
N ARG D 46 22.65 -38.39 12.11
CA ARG D 46 21.69 -38.12 11.06
C ARG D 46 21.45 -39.37 10.22
N GLN D 47 20.22 -39.53 9.75
CA GLN D 47 19.88 -40.64 8.89
C GLN D 47 18.90 -40.18 7.81
N LEU D 48 18.90 -40.88 6.69
CA LEU D 48 18.05 -40.57 5.56
C LEU D 48 16.83 -41.48 5.53
N VAL D 49 15.69 -40.90 5.17
CA VAL D 49 14.50 -41.65 4.78
C VAL D 49 14.21 -41.29 3.34
N VAL D 50 13.58 -42.21 2.60
CA VAL D 50 13.29 -42.01 1.19
C VAL D 50 11.77 -41.95 1.02
N VAL D 51 11.31 -40.92 0.33
CA VAL D 51 9.90 -40.71 0.04
C VAL D 51 9.74 -40.69 -1.47
N TYR D 52 8.84 -41.53 -1.97
CA TYR D 52 8.72 -41.73 -3.40
C TYR D 52 7.29 -42.14 -3.71
N GLY D 53 6.93 -42.05 -4.99
CA GLY D 53 5.60 -42.35 -5.43
C GLY D 53 5.05 -41.26 -6.32
N PRO D 54 3.91 -41.53 -6.96
CA PRO D 54 3.32 -40.50 -7.85
C PRO D 54 3.02 -39.19 -7.15
N ASP D 55 2.59 -39.23 -5.89
CA ASP D 55 2.17 -38.04 -5.17
C ASP D 55 3.23 -37.51 -4.21
N ALA D 56 4.47 -37.98 -4.32
CA ALA D 56 5.49 -37.63 -3.33
C ALA D 56 5.72 -36.12 -3.26
N ALA D 57 5.86 -35.46 -4.42
CA ALA D 57 6.13 -34.04 -4.43
C ALA D 57 4.97 -33.24 -3.85
N LYS D 58 3.75 -33.52 -4.30
CA LYS D 58 2.59 -32.81 -3.78
C LYS D 58 2.40 -33.06 -2.30
N TYR D 59 2.59 -34.32 -1.87
CA TYR D 59 2.41 -34.65 -0.45
C TYR D 59 3.46 -33.97 0.41
N LEU D 60 4.72 -33.95 -0.06
CA LEU D 60 5.78 -33.25 0.68
C LEU D 60 5.50 -31.75 0.77
N GLN D 61 4.99 -31.17 -0.31
CA GLN D 61 4.79 -29.72 -0.35
C GLN D 61 3.84 -29.25 0.75
N GLY D 62 2.81 -30.03 1.03
CA GLY D 62 1.92 -29.67 2.13
C GLY D 62 2.43 -30.02 3.49
N MET D 63 3.62 -30.62 3.58
CA MET D 63 4.16 -31.14 4.83
C MET D 63 5.35 -30.36 5.35
N VAL D 64 6.18 -29.81 4.46
CA VAL D 64 7.42 -29.15 4.85
C VAL D 64 7.27 -27.65 4.64
N THR D 65 8.16 -26.90 5.30
CA THR D 65 8.16 -25.45 5.22
C THR D 65 8.83 -24.92 3.96
N ALA D 66 9.65 -25.73 3.30
CA ALA D 66 10.35 -25.29 2.11
C ALA D 66 9.51 -25.57 0.87
N ASN D 67 9.83 -24.84 -0.20
CA ASN D 67 9.16 -25.05 -1.48
C ASN D 67 9.77 -26.26 -2.17
N VAL D 68 8.94 -27.27 -2.44
CA VAL D 68 9.41 -28.44 -3.17
C VAL D 68 9.55 -28.14 -4.66
N TYR D 69 8.79 -27.18 -5.19
CA TYR D 69 8.82 -26.83 -6.60
C TYR D 69 9.72 -25.63 -6.85
N MET D 70 10.11 -25.47 -8.11
CA MET D 70 10.91 -24.32 -8.50
C MET D 70 10.05 -23.05 -8.49
N PRO D 71 10.65 -21.90 -8.16
CA PRO D 71 9.89 -20.64 -8.22
C PRO D 71 9.42 -20.35 -9.64
N GLY D 72 8.22 -19.78 -9.74
CA GLY D 72 7.62 -19.52 -11.04
C GLY D 72 6.96 -20.72 -11.68
N SER D 73 6.87 -21.84 -10.96
CA SER D 73 6.23 -23.04 -11.47
C SER D 73 5.60 -23.79 -10.31
N GLY D 74 4.38 -24.27 -10.51
CA GLY D 74 3.70 -25.07 -9.51
C GLY D 74 3.83 -26.56 -9.68
N SER D 75 4.56 -27.02 -10.69
CA SER D 75 4.67 -28.43 -11.00
C SER D 75 6.09 -28.94 -11.07
N MET D 76 7.06 -28.11 -11.45
CA MET D 76 8.42 -28.58 -11.70
C MET D 76 9.19 -28.70 -10.38
N VAL D 77 9.54 -29.93 -10.02
CA VAL D 77 10.24 -30.20 -8.78
C VAL D 77 11.64 -29.58 -8.84
N ARG D 78 12.07 -28.99 -7.72
CA ARG D 78 13.42 -28.46 -7.62
C ARG D 78 14.46 -29.54 -7.89
N THR D 79 15.44 -29.20 -8.71
CA THR D 79 16.61 -30.05 -8.92
C THR D 79 17.82 -29.56 -8.12
N ASP D 80 17.60 -28.63 -7.18
CA ASP D 80 18.61 -28.32 -6.18
C ASP D 80 19.05 -29.61 -5.49
N ARG D 81 20.35 -29.86 -5.49
CA ARG D 81 20.85 -31.14 -4.99
C ARG D 81 20.54 -31.35 -3.52
N GLY D 82 20.23 -30.29 -2.77
CA GLY D 82 19.81 -30.41 -1.39
C GLY D 82 19.42 -29.07 -0.80
N TYR D 83 18.38 -29.06 0.04
CA TYR D 83 17.97 -27.81 0.66
C TYR D 83 17.41 -28.09 2.04
N TYR D 84 17.48 -27.05 2.88
CA TYR D 84 17.05 -27.12 4.27
C TYR D 84 15.54 -26.93 4.36
N ALA D 85 14.93 -27.59 5.35
CA ALA D 85 13.49 -27.53 5.51
C ALA D 85 13.14 -28.01 6.91
N ALA D 86 11.86 -27.85 7.27
CA ALA D 86 11.35 -28.32 8.54
C ALA D 86 9.94 -28.85 8.37
N LEU D 87 9.62 -29.89 9.14
CA LEU D 87 8.26 -30.33 9.34
C LEU D 87 7.73 -29.71 10.63
N LEU D 88 6.53 -29.15 10.55
CA LEU D 88 5.91 -28.51 11.71
C LEU D 88 4.70 -29.28 12.19
N THR D 89 4.30 -28.98 13.42
CA THR D 89 3.01 -29.44 13.91
C THR D 89 1.91 -28.49 13.43
N GLY D 90 0.65 -28.89 13.67
CA GLY D 90 -0.46 -28.03 13.34
C GLY D 90 -0.41 -26.70 14.10
N GLN D 91 0.26 -26.68 15.24
CA GLN D 91 0.41 -25.48 16.05
C GLN D 91 1.64 -24.66 15.66
N GLY D 92 2.33 -25.04 14.59
CA GLY D 92 3.47 -24.29 14.11
C GLY D 92 4.77 -24.53 14.83
N ARG D 93 4.86 -25.57 15.66
CA ARG D 93 6.09 -25.89 16.35
C ARG D 93 6.91 -26.88 15.52
N VAL D 94 8.23 -26.84 15.72
CA VAL D 94 9.12 -27.70 14.94
C VAL D 94 8.90 -29.15 15.33
N LEU D 95 8.67 -29.99 14.34
CA LEU D 95 8.55 -31.43 14.51
C LEU D 95 9.83 -32.15 14.12
N TYR D 96 10.34 -31.88 12.93
CA TYR D 96 11.64 -32.38 12.49
C TYR D 96 12.34 -31.30 11.67
N ASP D 97 13.63 -31.11 11.93
CA ASP D 97 14.47 -30.26 11.09
C ASP D 97 15.24 -31.16 10.14
N VAL D 98 15.07 -30.94 8.84
CA VAL D 98 15.54 -31.89 7.84
C VAL D 98 16.30 -31.18 6.73
N PHE D 99 17.01 -31.99 5.94
CA PHE D 99 17.48 -31.62 4.62
C PHE D 99 16.77 -32.50 3.60
N ILE D 100 16.43 -31.92 2.46
CA ILE D 100 15.69 -32.62 1.41
C ILE D 100 16.58 -32.70 0.19
N TYR D 101 16.86 -33.92 -0.26
CA TYR D 101 17.69 -34.16 -1.44
C TYR D 101 16.83 -34.77 -2.52
N PRO D 102 16.45 -34.03 -3.55
CA PRO D 102 15.71 -34.63 -4.66
C PRO D 102 16.50 -35.75 -5.30
N LEU D 103 15.82 -36.88 -5.54
CA LEU D 103 16.46 -38.09 -6.05
C LEU D 103 15.90 -38.38 -7.44
N THR D 104 16.69 -38.08 -8.47
CA THR D 104 16.29 -38.33 -9.86
C THR D 104 17.28 -39.16 -10.65
N ASP D 105 18.54 -39.24 -10.24
CA ASP D 105 19.59 -39.95 -10.98
C ASP D 105 19.70 -41.37 -10.42
N SER D 106 19.02 -42.31 -11.09
CA SER D 106 19.47 -43.70 -11.17
C SER D 106 20.21 -44.17 -9.92
N LYS D 107 19.65 -43.87 -8.75
CA LYS D 107 20.16 -44.43 -7.51
C LYS D 107 19.28 -45.62 -7.13
N HIS D 108 19.44 -46.69 -7.91
CA HIS D 108 18.68 -47.91 -7.68
C HIS D 108 19.03 -48.56 -6.36
N LEU D 109 20.00 -48.01 -5.63
CA LEU D 109 20.33 -48.53 -4.30
C LEU D 109 19.15 -48.42 -3.35
N GLN D 110 18.25 -47.46 -3.59
CA GLN D 110 16.99 -47.37 -2.85
C GLN D 110 15.82 -47.98 -3.62
N ARG D 111 15.78 -47.78 -4.93
CA ARG D 111 14.71 -48.33 -5.76
C ARG D 111 14.62 -49.85 -5.60
N VAL D 112 15.69 -50.55 -6.00
CA VAL D 112 15.78 -52.02 -6.01
C VAL D 112 14.43 -52.73 -6.18
N GLY D 120 6.50 -41.22 -10.09
CA GLY D 120 6.51 -39.77 -9.92
C GLY D 120 7.87 -39.18 -9.63
N ALA D 121 8.12 -38.91 -8.34
CA ALA D 121 9.38 -38.33 -7.90
C ALA D 121 9.82 -39.00 -6.62
N ALA D 122 11.12 -38.88 -6.32
CA ALA D 122 11.71 -39.48 -5.14
C ALA D 122 12.51 -38.45 -4.37
N PHE D 123 12.43 -38.50 -3.05
CA PHE D 123 13.11 -37.56 -2.17
C PHE D 123 13.81 -38.31 -1.05
N LEU D 124 15.05 -37.92 -0.77
CA LEU D 124 15.76 -38.35 0.43
C LEU D 124 15.62 -37.25 1.48
N ILE D 125 15.13 -37.61 2.65
CA ILE D 125 14.91 -36.65 3.74
C ILE D 125 15.83 -37.01 4.89
N GLU D 126 16.67 -36.06 5.29
CA GLU D 126 17.68 -36.26 6.31
C GLU D 126 17.14 -35.79 7.65
N VAL D 127 17.04 -36.69 8.62
CA VAL D 127 16.47 -36.40 9.93
C VAL D 127 17.40 -36.97 10.99
N ASP D 128 17.14 -36.61 12.24
CA ASP D 128 17.85 -37.19 13.37
C ASP D 128 17.72 -38.72 13.33
N LYS D 129 18.84 -39.40 13.62
CA LYS D 129 18.83 -40.86 13.59
C LYS D 129 17.80 -41.43 14.56
N ASP D 130 17.68 -40.83 15.74
CA ASP D 130 16.67 -41.25 16.70
C ASP D 130 15.25 -41.00 16.21
N GLN D 131 15.07 -40.08 15.27
CA GLN D 131 13.75 -39.70 14.79
C GLN D 131 13.38 -40.35 13.46
N ALA D 132 14.30 -41.12 12.86
CA ALA D 132 14.08 -41.61 11.50
C ALA D 132 12.84 -42.49 11.41
N GLY D 133 12.72 -43.46 12.31
CA GLY D 133 11.55 -44.32 12.30
C GLY D 133 10.27 -43.58 12.63
N LEU D 134 10.34 -42.64 13.58
CA LEU D 134 9.18 -41.83 13.92
C LEU D 134 8.76 -40.95 12.74
N LEU D 135 9.73 -40.44 11.99
CA LEU D 135 9.42 -39.66 10.80
C LEU D 135 8.71 -40.49 9.74
N VAL D 136 9.18 -41.72 9.53
CA VAL D 136 8.53 -42.61 8.56
C VAL D 136 7.08 -42.87 8.97
N ASP D 137 6.86 -43.14 10.26
CA ASP D 137 5.50 -43.37 10.74
C ASP D 137 4.64 -42.12 10.59
N HIS D 138 5.20 -40.95 10.88
CA HIS D 138 4.45 -39.71 10.69
C HIS D 138 4.07 -39.52 9.23
N ILE D 139 5.01 -39.76 8.31
CA ILE D 139 4.72 -39.62 6.89
C ILE D 139 3.69 -40.66 6.45
N LYS D 140 3.74 -41.85 7.04
CA LYS D 140 2.82 -42.91 6.64
C LYS D 140 1.39 -42.59 7.05
N ARG D 141 1.18 -42.19 8.31
CA ARG D 141 -0.16 -42.10 8.86
C ARG D 141 -0.96 -40.92 8.31
N TYR D 142 -0.30 -39.90 7.76
CA TYR D 142 -1.01 -38.74 7.23
C TYR D 142 -1.25 -38.82 5.73
N ARG D 143 -0.90 -39.93 5.08
CA ARG D 143 -1.03 -40.05 3.64
C ARG D 143 -2.49 -40.03 3.19
N VAL D 144 -3.35 -40.74 3.91
CA VAL D 144 -4.73 -41.01 3.49
C VAL D 144 -4.70 -41.66 2.11
N ARG D 145 -4.97 -40.89 1.05
CA ARG D 145 -5.00 -41.42 -0.30
C ARG D 145 -3.75 -41.13 -1.11
N ALA D 146 -2.81 -40.36 -0.57
CA ALA D 146 -1.62 -39.99 -1.31
C ALA D 146 -0.84 -41.23 -1.72
N LYS D 147 -0.58 -41.36 -3.03
CA LYS D 147 0.18 -42.48 -3.56
C LYS D 147 1.65 -42.23 -3.24
N VAL D 148 2.01 -42.54 -1.99
CA VAL D 148 3.33 -42.24 -1.45
C VAL D 148 3.83 -43.45 -0.67
N LYS D 149 5.10 -43.79 -0.89
CA LYS D 149 5.78 -44.83 -0.12
C LYS D 149 6.97 -44.20 0.60
N VAL D 150 7.29 -44.72 1.77
CA VAL D 150 8.36 -44.15 2.58
C VAL D 150 9.00 -45.25 3.42
N LYS D 151 10.32 -45.20 3.53
CA LYS D 151 11.05 -46.17 4.35
C LYS D 151 12.37 -45.56 4.76
N VAL D 152 12.95 -46.12 5.82
CA VAL D 152 14.27 -45.71 6.27
C VAL D 152 15.32 -46.23 5.29
N VAL D 153 16.36 -45.45 5.08
CA VAL D 153 17.50 -45.83 4.25
C VAL D 153 18.63 -46.31 5.16
N ASP D 154 19.22 -47.45 4.80
CA ASP D 154 20.32 -48.03 5.58
C ASP D 154 21.49 -47.06 5.60
N VAL D 155 22.05 -46.85 6.79
CA VAL D 155 23.24 -46.00 6.89
C VAL D 155 24.39 -46.61 6.09
N GLU D 156 24.37 -47.93 5.91
CA GLU D 156 25.35 -48.58 5.05
C GLU D 156 25.13 -48.24 3.58
N GLU D 157 23.86 -48.12 3.17
CA GLU D 157 23.56 -47.81 1.78
C GLU D 157 23.90 -46.36 1.44
N VAL D 158 23.32 -45.41 2.17
CA VAL D 158 23.64 -44.00 2.00
C VAL D 158 24.00 -43.43 3.36
N ALA D 159 25.16 -42.78 3.45
CA ALA D 159 25.65 -42.19 4.68
C ALA D 159 25.71 -40.67 4.54
N VAL D 160 25.46 -39.98 5.65
CA VAL D 160 25.44 -38.53 5.68
C VAL D 160 26.77 -38.04 6.21
N TRP D 161 27.48 -37.25 5.41
CA TRP D 161 28.71 -36.60 5.81
C TRP D 161 28.53 -35.09 5.69
N HIS D 162 29.50 -34.36 6.24
CA HIS D 162 29.49 -32.90 6.16
C HIS D 162 30.92 -32.41 6.22
N ALA D 163 31.28 -31.51 5.31
CA ALA D 163 32.60 -30.93 5.29
C ALA D 163 32.51 -29.42 5.32
N TRP D 164 33.50 -28.79 5.93
CA TRP D 164 33.56 -27.35 6.03
C TRP D 164 34.99 -26.89 5.83
N ASP D 165 35.14 -25.69 5.28
CA ASP D 165 36.42 -25.10 4.94
C ASP D 165 36.19 -23.63 4.63
N PRO D 166 36.99 -22.70 5.17
CA PRO D 166 36.80 -21.28 4.83
C PRO D 166 36.86 -21.00 3.33
N ASN D 167 37.66 -21.76 2.58
CA ASN D 167 37.78 -21.57 1.14
C ASN D 167 36.76 -22.38 0.34
N GLY D 168 35.71 -22.89 1.00
CA GLY D 168 34.56 -23.45 0.33
C GLY D 168 34.77 -24.76 -0.40
N LEU D 169 33.67 -25.37 -0.84
CA LEU D 169 33.69 -26.62 -1.58
C LEU D 169 32.69 -26.49 -2.74
N GLY D 170 32.40 -27.61 -3.41
CA GLY D 170 31.64 -27.57 -4.64
C GLY D 170 30.27 -28.21 -4.64
N GLU D 171 29.48 -27.90 -5.66
CA GLU D 171 28.16 -28.50 -5.89
C GLU D 171 28.33 -29.64 -6.88
N ALA D 172 28.68 -30.82 -6.36
CA ALA D 172 29.17 -31.92 -7.18
C ALA D 172 28.39 -33.20 -6.88
N SER D 173 27.59 -33.65 -7.85
CA SER D 173 26.99 -34.99 -7.81
C SER D 173 27.78 -35.88 -8.76
N VAL D 174 28.97 -36.27 -8.33
CA VAL D 174 29.81 -37.19 -9.09
C VAL D 174 29.64 -38.59 -8.50
N ASN D 175 29.88 -39.61 -9.32
CA ASN D 175 29.48 -40.99 -9.00
C ASN D 175 29.84 -41.38 -7.58
N ASP D 176 28.81 -41.73 -6.81
CA ASP D 176 28.79 -42.20 -5.42
C ASP D 176 28.92 -41.05 -4.40
N LEU D 177 29.13 -39.80 -4.82
CA LEU D 177 29.21 -38.68 -3.88
C LEU D 177 28.31 -37.54 -4.34
N LEU D 178 27.35 -37.18 -3.49
CA LEU D 178 26.54 -35.98 -3.70
C LEU D 178 27.04 -34.92 -2.72
N VAL D 179 27.54 -33.81 -3.24
CA VAL D 179 28.01 -32.70 -2.43
C VAL D 179 27.16 -31.48 -2.78
N THR D 180 26.57 -30.87 -1.75
CA THR D 180 25.70 -29.72 -1.95
C THR D 180 25.87 -28.76 -0.79
N PRO D 181 25.85 -27.45 -1.05
CA PRO D 181 26.12 -26.49 0.04
C PRO D 181 25.05 -26.51 1.11
N ASP D 182 25.49 -26.31 2.35
CA ASP D 182 24.59 -26.06 3.49
C ASP D 182 24.39 -24.55 3.54
N CYS D 183 23.22 -24.09 3.12
CA CYS D 183 22.97 -22.67 2.96
C CYS D 183 22.38 -22.02 4.21
N ARG D 184 22.38 -22.72 5.35
CA ARG D 184 21.86 -22.12 6.57
C ARG D 184 22.69 -20.91 6.99
N THR D 185 24.01 -20.98 6.83
CA THR D 185 24.91 -19.85 7.00
C THR D 185 25.89 -19.86 5.84
N PRO D 186 26.55 -18.72 5.57
CA PRO D 186 27.56 -18.71 4.49
C PRO D 186 28.72 -19.66 4.71
N ALA D 187 29.01 -20.04 5.96
CA ALA D 187 30.19 -20.86 6.25
C ALA D 187 29.85 -22.19 6.91
N MET D 188 28.61 -22.66 6.79
CA MET D 188 28.30 -23.97 7.35
C MET D 188 29.06 -25.09 6.65
N GLY D 189 29.28 -24.96 5.36
CA GLY D 189 29.96 -26.00 4.60
C GLY D 189 29.03 -26.68 3.63
N SER D 190 29.26 -27.97 3.38
CA SER D 190 28.48 -28.71 2.40
C SER D 190 28.05 -30.03 3.00
N ARG D 191 26.76 -30.35 2.84
CA ARG D 191 26.29 -31.70 3.13
C ARG D 191 26.80 -32.64 2.05
N ILE D 192 27.19 -33.85 2.48
CA ILE D 192 27.74 -34.85 1.57
C ILE D 192 27.00 -36.16 1.80
N LEU D 193 26.47 -36.74 0.73
CA LEU D 193 25.85 -38.05 0.76
C LEU D 193 26.77 -39.05 0.08
N HIS D 194 27.11 -40.12 0.79
CA HIS D 194 27.95 -41.18 0.27
C HIS D 194 27.07 -42.37 -0.09
N PHE D 195 27.01 -42.71 -1.38
CA PHE D 195 26.08 -43.73 -1.85
C PHE D 195 26.69 -45.11 -1.99
N GLY D 196 28.01 -45.21 -2.10
CA GLY D 196 28.64 -46.50 -2.37
C GLY D 196 28.45 -47.54 -1.28
N GLY D 197 29.04 -47.31 -0.11
CA GLY D 197 28.94 -48.24 0.99
C GLY D 197 29.95 -47.91 2.07
N PRO D 198 30.04 -48.75 3.09
CA PRO D 198 31.07 -48.53 4.12
C PRO D 198 32.47 -48.75 3.56
N ASP D 199 32.64 -49.87 2.85
CA ASP D 199 33.95 -50.25 2.30
C ASP D 199 34.20 -49.57 0.95
N GLY D 200 34.25 -48.23 1.00
CA GLY D 200 34.61 -47.44 -0.15
C GLY D 200 35.77 -46.51 0.19
N ASN D 201 36.32 -45.89 -0.86
CA ASN D 201 37.39 -44.92 -0.70
C ASN D 201 36.97 -43.54 -1.21
N ALA D 202 35.67 -43.32 -1.41
CA ALA D 202 35.20 -42.04 -1.93
C ALA D 202 35.44 -40.91 -0.94
N ILE D 203 35.12 -41.13 0.34
CA ILE D 203 35.23 -40.06 1.32
C ILE D 203 36.70 -39.74 1.59
N GLN D 204 37.53 -40.77 1.77
CA GLN D 204 38.95 -40.54 2.05
C GLN D 204 39.62 -39.83 0.89
N ASN D 205 39.29 -40.21 -0.34
CA ASN D 205 39.83 -39.51 -1.50
C ASN D 205 39.33 -38.07 -1.56
N PHE D 206 38.06 -37.84 -1.22
CA PHE D 206 37.53 -36.48 -1.18
C PHE D 206 38.27 -35.64 -0.15
N ALA D 207 38.49 -36.19 1.05
CA ALA D 207 39.20 -35.44 2.08
C ALA D 207 40.64 -35.14 1.67
N GLU D 208 41.31 -36.11 1.06
CA GLU D 208 42.66 -35.89 0.56
C GLU D 208 42.68 -34.83 -0.53
N ARG D 209 41.72 -34.91 -1.45
CA ARG D 209 41.65 -33.95 -2.55
C ARG D 209 41.43 -32.53 -2.03
N CYS D 210 40.52 -32.37 -1.07
CA CYS D 210 40.20 -31.06 -0.53
C CYS D 210 41.06 -30.68 0.66
N GLN D 211 42.03 -31.52 1.03
CA GLN D 211 42.95 -31.26 2.13
C GLN D 211 42.19 -31.02 3.44
N LEU D 212 41.21 -31.88 3.71
CA LEU D 212 40.43 -31.84 4.94
C LEU D 212 40.82 -33.00 5.83
N GLN D 213 40.83 -32.75 7.15
CA GLN D 213 41.05 -33.80 8.12
C GLN D 213 39.74 -34.50 8.44
N VAL D 214 39.75 -35.82 8.37
CA VAL D 214 38.55 -36.58 8.75
C VAL D 214 38.43 -36.54 10.26
N LEU D 215 37.33 -35.99 10.75
CA LEU D 215 37.19 -35.79 12.19
C LEU D 215 35.91 -36.45 12.70
N PRO D 216 35.88 -36.82 13.98
CA PRO D 216 34.63 -37.34 14.56
C PRO D 216 33.59 -36.24 14.67
N GLN D 217 32.34 -36.69 14.87
CA GLN D 217 31.17 -35.81 14.72
C GLN D 217 31.24 -34.58 15.62
N GLU D 218 31.82 -34.69 16.81
CA GLU D 218 31.79 -33.57 17.75
C GLU D 218 32.49 -32.34 17.20
N TYR D 219 33.44 -32.51 16.27
CA TYR D 219 34.07 -31.35 15.65
C TYR D 219 33.09 -30.63 14.74
N TYR D 220 32.24 -31.38 14.03
CA TYR D 220 31.16 -30.76 13.27
C TYR D 220 30.19 -30.04 14.17
N VAL D 221 29.85 -30.64 15.32
CA VAL D 221 28.93 -30.00 16.26
C VAL D 221 29.53 -28.69 16.75
N LEU D 222 30.84 -28.69 17.05
CA LEU D 222 31.52 -27.45 17.43
C LEU D 222 31.45 -26.43 16.31
N HIS D 223 31.67 -26.85 15.06
CA HIS D 223 31.53 -25.93 13.94
C HIS D 223 30.10 -25.40 13.84
N ARG D 224 29.10 -26.27 14.01
CA ARG D 224 27.71 -25.85 14.01
C ARG D 224 27.47 -24.76 15.06
N ILE D 225 27.93 -25.01 16.30
CA ILE D 225 27.65 -24.08 17.40
C ILE D 225 28.30 -22.73 17.14
N THR D 226 29.55 -22.72 16.67
CA THR D 226 30.21 -21.47 16.36
C THR D 226 29.55 -20.73 15.21
N GLN D 227 28.80 -21.43 14.36
CA GLN D 227 27.98 -20.79 13.34
C GLN D 227 26.61 -20.37 13.86
N GLY D 228 26.23 -20.81 15.06
CA GLY D 228 24.94 -20.48 15.62
C GLY D 228 23.78 -21.29 15.09
N VAL D 229 24.02 -22.50 14.60
CA VAL D 229 23.00 -23.31 13.95
C VAL D 229 22.56 -24.41 14.90
N PRO D 230 21.30 -24.44 15.33
CA PRO D 230 20.80 -25.61 16.05
C PRO D 230 20.41 -26.72 15.08
N GLU D 231 20.48 -27.95 15.58
CA GLU D 231 20.21 -29.10 14.74
C GLU D 231 19.79 -30.28 15.62
N GLY D 232 18.82 -31.04 15.13
CA GLY D 232 18.36 -32.22 15.83
C GLY D 232 17.32 -31.91 16.89
N GLN D 233 16.71 -32.97 17.41
CA GLN D 233 15.63 -32.84 18.37
C GLN D 233 16.12 -32.80 19.82
N THR D 234 17.43 -32.89 20.04
CA THR D 234 17.98 -32.53 21.35
C THR D 234 18.04 -31.03 21.54
N GLU D 235 18.27 -30.29 20.46
CA GLU D 235 18.38 -28.83 20.48
C GLU D 235 17.10 -28.14 20.05
N LEU D 236 16.46 -28.62 18.99
CA LEU D 236 15.16 -28.12 18.54
C LEU D 236 14.11 -29.08 19.06
N LEU D 237 13.60 -28.79 20.27
CA LEU D 237 12.75 -29.74 20.98
C LEU D 237 11.53 -30.12 20.17
N LYS D 238 11.33 -31.42 20.00
CA LYS D 238 10.26 -31.93 19.15
C LYS D 238 8.90 -31.47 19.66
N MET D 239 8.10 -30.90 18.76
CA MET D 239 6.76 -30.38 19.01
C MET D 239 6.77 -29.17 19.94
N SER D 240 7.93 -28.60 20.24
CA SER D 240 7.99 -27.49 21.20
C SER D 240 8.73 -26.28 20.64
N ALA D 241 9.76 -26.52 19.84
CA ALA D 241 10.61 -25.45 19.35
C ALA D 241 9.84 -24.51 18.44
N ILE D 242 10.05 -23.21 18.62
CA ILE D 242 9.38 -22.18 17.83
C ILE D 242 10.25 -21.82 16.64
N PRO D 243 9.72 -21.90 15.40
CA PRO D 243 10.60 -21.74 14.23
C PRO D 243 11.38 -20.43 14.20
N HIS D 244 10.73 -19.31 14.51
CA HIS D 244 11.46 -18.03 14.48
C HIS D 244 12.50 -17.97 15.60
N GLU D 245 12.17 -18.50 16.77
CA GLU D 245 13.19 -18.62 17.81
C GLU D 245 14.34 -19.51 17.36
N SER D 246 14.06 -20.49 16.51
CA SER D 246 15.05 -21.41 15.99
C SER D 246 15.79 -20.85 14.78
N ASN D 247 15.47 -19.62 14.38
CA ASN D 247 16.08 -18.96 13.22
C ASN D 247 15.80 -19.72 11.93
N LEU D 248 14.67 -20.44 11.88
CA LEU D 248 14.26 -21.09 10.65
C LEU D 248 13.99 -20.08 9.55
N ASP D 249 13.55 -18.88 9.91
CA ASP D 249 13.37 -17.82 8.92
C ASP D 249 14.73 -17.36 8.38
N LEU D 250 15.72 -17.21 9.26
CA LEU D 250 17.01 -16.68 8.83
C LEU D 250 17.89 -17.70 8.12
N MET D 251 17.61 -18.99 8.28
CA MET D 251 18.47 -20.03 7.72
C MET D 251 17.95 -20.56 6.40
N GLY D 252 16.94 -19.93 5.82
CA GLY D 252 16.45 -20.30 4.51
C GLY D 252 15.59 -21.54 4.45
N GLY D 253 15.11 -22.02 5.60
CA GLY D 253 14.31 -23.23 5.62
C GLY D 253 12.81 -23.04 5.44
N ILE D 254 12.35 -21.78 5.39
CA ILE D 254 10.93 -21.46 5.26
C ILE D 254 10.74 -20.62 4.02
N ASP D 255 9.84 -21.05 3.14
CA ASP D 255 9.38 -20.23 2.03
C ASP D 255 8.08 -19.54 2.48
N PHE D 256 8.14 -18.23 2.64
CA PHE D 256 6.96 -17.48 3.05
C PHE D 256 6.01 -17.19 1.90
N ARG D 257 6.46 -17.38 0.66
CA ARG D 257 5.63 -17.13 -0.51
C ARG D 257 4.94 -18.38 -1.04
N LYS D 258 5.24 -19.55 -0.50
CA LYS D 258 4.55 -20.76 -0.94
C LYS D 258 3.16 -20.82 -0.32
N GLY D 259 2.35 -21.75 -0.82
CA GLY D 259 0.98 -21.90 -0.38
C GLY D 259 0.86 -22.52 1.00
N CYS D 260 -0.23 -23.24 1.21
CA CYS D 260 -0.52 -23.80 2.52
C CYS D 260 0.32 -25.03 2.81
N TYR D 261 0.74 -25.16 4.07
CA TYR D 261 1.37 -26.36 4.58
C TYR D 261 1.07 -26.44 6.07
N VAL D 262 1.35 -27.60 6.66
CA VAL D 262 1.05 -27.80 8.08
C VAL D 262 1.85 -26.80 8.91
N GLY D 263 1.14 -26.06 9.76
CA GLY D 263 1.78 -25.06 10.60
C GLY D 263 2.06 -23.73 9.96
N GLN D 264 1.61 -23.51 8.73
CA GLN D 264 1.95 -22.27 8.04
C GLN D 264 1.28 -21.04 8.68
N GLU D 265 0.08 -21.21 9.21
CA GLU D 265 -0.66 -20.07 9.77
C GLU D 265 0.10 -19.41 10.91
N LEU D 266 0.63 -20.22 11.84
CA LEU D 266 1.34 -19.66 12.98
C LEU D 266 2.68 -19.06 12.56
N VAL D 267 3.35 -19.69 11.60
CA VAL D 267 4.62 -19.14 11.09
C VAL D 267 4.38 -17.82 10.38
N THR D 268 3.36 -17.77 9.53
CA THR D 268 3.08 -16.55 8.76
C THR D 268 2.66 -15.41 9.66
N ARG D 269 1.83 -15.68 10.67
CA ARG D 269 1.39 -14.62 11.57
C ARG D 269 2.57 -14.01 12.33
N THR D 270 3.50 -14.85 12.78
CA THR D 270 4.71 -14.36 13.41
C THR D 270 5.52 -13.52 12.43
N GLU D 271 5.65 -13.99 11.18
CA GLU D 271 6.45 -13.26 10.20
C GLU D 271 5.87 -11.88 9.90
N HIS D 272 4.55 -11.79 9.79
CA HIS D 272 3.89 -10.54 9.42
C HIS D 272 3.57 -9.65 10.62
N ARG D 273 3.16 -10.25 11.75
CA ARG D 273 2.68 -9.50 12.89
C ARG D 273 3.62 -9.51 14.08
N GLY D 274 4.38 -10.59 14.26
CA GLY D 274 5.08 -10.80 15.50
C GLY D 274 6.34 -9.96 15.66
N VAL D 275 6.76 -9.83 16.91
CA VAL D 275 8.01 -9.20 17.28
C VAL D 275 8.85 -10.27 17.95
N VAL D 276 9.90 -10.73 17.28
CA VAL D 276 10.69 -11.87 17.75
C VAL D 276 11.82 -11.32 18.63
N ARG D 277 11.66 -11.46 19.94
CA ARG D 277 12.65 -11.01 20.91
C ARG D 277 13.60 -12.13 21.36
N LYS D 278 13.35 -13.37 20.95
CA LYS D 278 14.11 -14.52 21.41
C LYS D 278 14.56 -15.34 20.21
N ARG D 279 15.86 -15.57 20.11
CA ARG D 279 16.41 -16.36 19.01
C ARG D 279 17.59 -17.18 19.53
N VAL D 280 17.82 -18.31 18.88
CA VAL D 280 19.00 -19.11 19.17
C VAL D 280 20.24 -18.31 18.80
N LEU D 281 21.21 -18.29 19.71
CA LEU D 281 22.48 -17.62 19.47
C LEU D 281 23.61 -18.45 20.06
N PRO D 282 24.80 -18.40 19.47
CA PRO D 282 25.96 -19.04 20.12
C PRO D 282 26.42 -18.22 21.31
N CYS D 283 26.84 -18.93 22.36
CA CYS D 283 27.24 -18.31 23.62
C CYS D 283 28.59 -18.83 24.04
N VAL D 284 29.31 -18.02 24.81
CA VAL D 284 30.59 -18.41 25.40
C VAL D 284 30.44 -18.44 26.92
N VAL D 285 30.97 -19.50 27.53
CA VAL D 285 30.99 -19.65 28.97
C VAL D 285 32.39 -19.30 29.46
N TYR D 286 32.47 -18.40 30.45
CA TYR D 286 33.76 -17.86 30.87
C TYR D 286 33.69 -17.45 32.33
N GLU D 287 34.86 -17.11 32.88
CA GLU D 287 35.01 -16.69 34.27
C GLU D 287 35.17 -15.19 34.42
N GLY D 288 36.19 -14.62 33.79
CA GLY D 288 36.70 -13.31 34.16
C GLY D 288 36.06 -12.12 33.46
N SER D 289 36.90 -11.15 33.10
CA SER D 289 36.44 -9.89 32.53
C SER D 289 36.33 -10.01 31.00
N GLN D 290 36.16 -8.89 30.33
CA GLN D 290 36.19 -8.84 28.87
C GLN D 290 36.47 -7.42 28.39
N GLY D 301 35.69 -19.63 13.09
CA GLY D 301 36.64 -18.53 13.00
C GLY D 301 36.53 -17.53 14.12
N ASP D 302 35.46 -16.73 14.09
CA ASP D 302 35.27 -15.69 15.10
C ASP D 302 35.11 -16.28 16.49
N LEU D 303 34.03 -17.03 16.70
CA LEU D 303 33.81 -17.64 18.01
C LEU D 303 34.72 -18.84 18.25
N GLY D 304 35.14 -19.52 17.18
CA GLY D 304 36.04 -20.64 17.33
C GLY D 304 37.41 -20.28 17.87
N GLY D 305 37.81 -19.01 17.74
CA GLY D 305 39.02 -18.56 18.38
C GLY D 305 38.93 -18.61 19.89
N LEU D 306 37.73 -18.42 20.44
CA LEU D 306 37.49 -18.42 21.87
C LEU D 306 37.37 -19.81 22.46
N TYR D 307 37.35 -20.85 21.64
CA TYR D 307 37.04 -22.19 22.15
C TYR D 307 38.20 -22.77 22.95
N THR D 308 37.85 -23.47 24.03
CA THR D 308 38.80 -24.25 24.79
C THR D 308 38.07 -25.43 25.42
N ASP D 309 38.82 -26.52 25.65
CA ASP D 309 38.28 -27.70 26.30
C ASP D 309 38.53 -27.71 27.80
N ARG D 310 39.11 -26.65 28.34
CA ARG D 310 39.40 -26.54 29.76
C ARG D 310 38.14 -26.14 30.53
N PRO D 311 38.03 -26.56 31.79
CA PRO D 311 36.82 -26.24 32.56
C PRO D 311 36.73 -24.77 32.92
N ILE D 312 35.51 -24.36 33.27
CA ILE D 312 35.24 -23.00 33.72
C ILE D 312 34.87 -22.95 35.20
N ALA D 313 34.40 -24.07 35.76
CA ALA D 313 33.88 -24.24 37.11
C ALA D 313 33.13 -25.56 37.09
N GLY D 314 32.29 -25.72 36.06
CA GLY D 314 31.83 -27.03 35.65
C GLY D 314 32.76 -27.62 34.59
N LEU D 315 32.46 -28.86 34.22
CA LEU D 315 33.31 -29.62 33.29
C LEU D 315 33.52 -28.85 31.98
N GLU D 320 27.49 -30.11 30.06
CA GLU D 320 27.62 -29.65 31.43
C GLU D 320 26.35 -28.95 31.92
N ILE D 321 25.99 -27.85 31.26
CA ILE D 321 24.80 -27.10 31.62
C ILE D 321 23.58 -27.84 31.08
N ALA D 322 22.60 -28.07 31.96
CA ALA D 322 21.43 -28.86 31.59
C ALA D 322 20.59 -28.14 30.54
N SER D 323 19.94 -28.93 29.69
CA SER D 323 19.06 -28.38 28.69
C SER D 323 17.92 -27.59 29.34
N GLU D 324 17.58 -26.46 28.72
CA GLU D 324 16.54 -25.53 29.18
C GLU D 324 16.89 -24.84 30.50
N THR D 325 18.17 -24.75 30.83
CA THR D 325 18.59 -23.99 32.00
C THR D 325 18.42 -22.50 31.74
N ASN D 326 17.86 -21.80 32.72
CA ASN D 326 17.63 -20.37 32.57
C ASN D 326 18.92 -19.58 32.66
N ILE D 327 19.06 -18.58 31.79
CA ILE D 327 20.11 -17.58 31.87
C ILE D 327 19.55 -16.36 32.57
N VAL D 328 20.30 -15.80 33.51
CA VAL D 328 19.82 -14.75 34.39
C VAL D 328 20.91 -13.67 34.51
N ARG D 329 20.47 -12.42 34.68
CA ARG D 329 21.40 -11.34 34.97
C ARG D 329 22.15 -11.62 36.28
N VAL D 330 23.42 -11.26 36.31
CA VAL D 330 24.21 -11.42 37.53
C VAL D 330 23.75 -10.40 38.56
N SER D 331 23.57 -10.87 39.80
CA SER D 331 23.08 -10.04 40.91
C SER D 331 21.81 -9.30 40.50
N GLY D 332 20.89 -10.02 39.90
CA GLY D 332 19.68 -9.41 39.38
C GLY D 332 18.40 -9.89 40.04
N LYS D 333 17.29 -9.82 39.31
CA LYS D 333 15.99 -10.16 39.85
C LYS D 333 15.69 -11.65 39.85
N GLY D 334 16.37 -12.43 38.99
CA GLY D 334 16.04 -13.82 38.79
C GLY D 334 15.21 -14.09 37.56
N ARG D 335 14.70 -13.05 36.91
CA ARG D 335 13.94 -13.21 35.68
C ARG D 335 14.80 -13.88 34.60
N GLY D 336 14.23 -14.90 33.96
CA GLY D 336 14.96 -15.60 32.91
C GLY D 336 15.08 -14.74 31.66
N VAL D 337 16.29 -14.64 31.13
CA VAL D 337 16.56 -13.89 29.91
C VAL D 337 17.13 -14.80 28.83
N GLY D 338 17.01 -16.11 29.00
CA GLY D 338 17.52 -17.04 28.03
C GLY D 338 17.36 -18.47 28.51
N LYS D 339 17.41 -19.39 27.55
CA LYS D 339 17.27 -20.82 27.81
C LYS D 339 18.42 -21.54 27.13
N TRP D 340 19.15 -22.37 27.89
CA TRP D 340 20.25 -23.13 27.34
C TRP D 340 19.75 -24.31 26.51
N LEU D 341 20.42 -24.55 25.38
CA LEU D 341 20.07 -25.67 24.51
C LEU D 341 21.10 -26.80 24.58
N ARG D 342 22.36 -26.51 24.29
CA ARG D 342 23.41 -27.52 24.23
C ARG D 342 24.75 -26.81 24.10
N GLY D 343 25.77 -27.37 24.74
CA GLY D 343 27.09 -26.80 24.68
C GLY D 343 28.15 -27.87 24.50
N ILE D 344 29.31 -27.43 24.00
CA ILE D 344 30.52 -28.23 23.93
C ILE D 344 31.68 -27.34 24.38
N GLY D 345 32.48 -27.84 25.32
CA GLY D 345 33.57 -27.03 25.83
C GLY D 345 33.05 -25.80 26.54
N ASN D 346 33.53 -24.63 26.12
CA ASN D 346 33.13 -23.37 26.71
C ASN D 346 32.16 -22.59 25.84
N VAL D 347 31.58 -23.23 24.83
CA VAL D 347 30.63 -22.59 23.93
C VAL D 347 29.36 -23.43 23.86
N GLY D 348 28.28 -22.82 23.39
CA GLY D 348 27.04 -23.53 23.23
C GLY D 348 25.99 -22.69 22.55
N LEU D 349 24.78 -23.24 22.47
CA LEU D 349 23.64 -22.57 21.87
C LEU D 349 22.58 -22.30 22.92
N ALA D 350 21.94 -21.13 22.82
CA ALA D 350 20.92 -20.74 23.78
C ALA D 350 19.89 -19.85 23.09
N VAL D 351 18.63 -20.03 23.48
CA VAL D 351 17.55 -19.13 23.05
C VAL D 351 17.63 -17.90 23.94
N CYS D 352 18.11 -16.78 23.40
CA CYS D 352 18.45 -15.61 24.18
C CYS D 352 17.49 -14.47 23.92
N ARG D 353 17.19 -13.69 24.95
CA ARG D 353 16.45 -12.44 24.78
C ARG D 353 17.34 -11.44 24.07
N LEU D 354 16.98 -11.10 22.83
CA LEU D 354 17.82 -10.21 22.02
C LEU D 354 17.91 -8.82 22.63
N ASP D 355 16.81 -8.32 23.19
CA ASP D 355 16.79 -6.98 23.77
C ASP D 355 17.63 -6.88 25.04
N VAL D 356 17.98 -8.00 25.66
CA VAL D 356 18.70 -8.03 26.92
C VAL D 356 20.16 -8.42 26.73
N MET D 357 20.42 -9.51 26.02
CA MET D 357 21.76 -10.08 25.95
C MET D 357 22.55 -9.59 24.74
N THR D 358 21.93 -8.86 23.81
CA THR D 358 22.60 -8.45 22.59
C THR D 358 22.29 -6.99 22.28
N ASP D 359 23.00 -6.45 21.29
CA ASP D 359 22.73 -5.13 20.73
C ASP D 359 22.05 -5.23 19.37
N LEU D 360 21.51 -6.39 19.03
CA LEU D 360 20.92 -6.59 17.71
C LEU D 360 19.66 -5.76 17.54
N PRO D 361 19.40 -5.28 16.32
CA PRO D 361 18.12 -4.63 16.05
C PRO D 361 17.00 -5.66 16.01
N ILE D 362 15.90 -5.35 16.67
CA ILE D 362 14.73 -6.24 16.73
C ILE D 362 13.71 -5.72 15.71
N PRO D 363 13.47 -6.44 14.61
CA PRO D 363 12.49 -5.97 13.62
C PRO D 363 11.13 -5.76 14.26
N GLY D 364 10.52 -4.62 13.94
CA GLY D 364 9.23 -4.25 14.48
C GLY D 364 9.25 -3.61 15.85
N GLU D 365 10.40 -3.56 16.51
CA GLU D 365 10.50 -2.91 17.81
C GLU D 365 11.54 -1.79 17.85
N THR D 366 12.74 -2.05 17.38
CA THR D 366 13.84 -1.09 17.55
C THR D 366 13.59 0.15 16.71
N PRO D 367 13.53 1.34 17.31
CA PRO D 367 13.27 2.55 16.53
C PRO D 367 14.45 2.90 15.65
N ALA D 368 14.17 3.65 14.60
CA ALA D 368 15.21 4.11 13.69
C ALA D 368 15.85 5.38 14.23
N GLY D 369 17.13 5.56 13.90
CA GLY D 369 17.81 6.80 14.19
C GLY D 369 17.50 7.84 13.13
N GLU D 370 18.23 8.96 13.21
CA GLU D 370 18.06 10.03 12.23
C GLU D 370 18.32 9.55 10.81
N ASP D 371 19.33 8.69 10.63
CA ASP D 371 19.77 8.30 9.31
C ASP D 371 19.03 7.08 8.78
N GLY D 372 17.97 6.65 9.46
CA GLY D 372 17.21 5.51 9.01
C GLY D 372 17.78 4.16 9.37
N VAL D 373 18.80 4.12 10.23
CA VAL D 373 19.41 2.88 10.69
C VAL D 373 18.96 2.67 12.13
N PRO D 374 18.69 1.43 12.57
CA PRO D 374 18.20 1.24 13.94
C PRO D 374 19.18 1.75 14.99
N GLU D 375 18.63 2.32 16.06
CA GLU D 375 19.45 2.79 17.17
C GLU D 375 20.18 1.61 17.81
N VAL D 376 21.38 1.89 18.32
CA VAL D 376 22.21 0.85 18.94
C VAL D 376 22.12 1.00 20.44
N ARG D 377 21.57 -0.02 21.10
CA ARG D 377 21.53 -0.08 22.55
C ARG D 377 22.70 -0.92 23.05
N GLU D 378 23.22 -0.54 24.21
CA GLU D 378 24.32 -1.27 24.81
C GLU D 378 23.80 -2.37 25.74
N VAL D 379 24.56 -3.45 25.83
CA VAL D 379 24.22 -4.56 26.71
C VAL D 379 24.63 -4.20 28.13
N LYS D 380 23.70 -4.30 29.08
CA LYS D 380 23.93 -3.88 30.45
C LYS D 380 24.28 -5.10 31.31
N GLY D 381 25.45 -5.06 31.93
CA GLY D 381 25.84 -6.09 32.87
C GLY D 381 26.23 -7.40 32.21
N GLU D 382 26.30 -8.43 33.05
CA GLU D 382 26.70 -9.77 32.64
C GLU D 382 25.60 -10.76 33.00
N PHE D 383 25.78 -12.00 32.55
CA PHE D 383 24.77 -13.03 32.71
C PHE D 383 25.39 -14.33 33.19
N THR D 384 24.55 -15.18 33.78
CA THR D 384 24.98 -16.46 34.33
C THR D 384 23.78 -17.40 34.32
N ILE D 385 23.99 -18.63 34.80
CA ILE D 385 22.91 -19.60 34.89
C ILE D 385 22.16 -19.38 36.21
N GLU D 386 20.88 -19.76 36.21
CA GLU D 386 20.04 -19.59 37.39
C GLU D 386 20.58 -20.41 38.56
N GLY D 387 20.58 -19.80 39.74
CA GLY D 387 21.03 -20.45 40.97
C GLY D 387 22.50 -20.35 41.27
N ASP D 388 23.34 -20.33 40.23
CA ASP D 388 24.79 -20.26 40.41
C ASP D 388 25.19 -18.86 40.88
N GLU D 389 25.63 -18.77 42.13
CA GLU D 389 26.24 -17.55 42.64
C GLU D 389 27.76 -17.54 42.46
N GLY D 390 28.29 -18.44 41.64
CA GLY D 390 29.71 -18.51 41.39
C GLY D 390 30.14 -17.59 40.26
N PRO D 391 31.39 -17.70 39.85
CA PRO D 391 31.93 -16.80 38.82
C PRO D 391 31.60 -17.18 37.39
N LEU D 392 30.74 -18.17 37.18
CA LEU D 392 30.40 -18.58 35.82
C LEU D 392 29.62 -17.48 35.11
N ARG D 393 29.94 -17.27 33.84
CA ARG D 393 29.32 -16.21 33.05
C ARG D 393 28.98 -16.73 31.66
N ILE D 394 27.93 -16.16 31.08
CA ILE D 394 27.48 -16.50 29.73
C ILE D 394 27.37 -15.22 28.94
N LYS D 395 27.94 -15.21 27.73
CA LYS D 395 27.88 -14.06 26.83
C LYS D 395 27.38 -14.53 25.47
N ALA D 396 26.31 -13.90 24.99
CA ALA D 396 25.81 -14.18 23.65
C ALA D 396 26.69 -13.47 22.63
N VAL D 397 27.08 -14.19 21.58
CA VAL D 397 27.93 -13.65 20.52
C VAL D 397 27.21 -13.80 19.19
N PRO D 398 26.41 -12.82 18.79
CA PRO D 398 25.64 -12.95 17.54
C PRO D 398 26.56 -13.16 16.35
N PRO D 399 26.26 -14.12 15.47
CA PRO D 399 27.05 -14.29 14.27
C PRO D 399 26.84 -13.14 13.29
N ALA D 400 27.85 -12.89 12.46
CA ALA D 400 27.78 -11.79 11.51
C ALA D 400 26.63 -11.99 10.52
N TRP D 401 26.43 -13.23 10.06
CA TRP D 401 25.35 -13.49 9.11
C TRP D 401 23.99 -13.22 9.72
N LEU D 402 23.79 -13.60 10.99
CA LEU D 402 22.53 -13.33 11.66
C LEU D 402 22.31 -11.84 11.85
N ARG D 403 23.38 -11.11 12.22
CA ARG D 403 23.27 -9.67 12.40
C ARG D 403 22.86 -8.98 11.10
N ARG D 404 23.47 -9.37 9.99
CA ARG D 404 23.15 -8.76 8.70
C ARG D 404 21.72 -9.07 8.29
N GLU D 405 21.28 -10.30 8.49
CA GLU D 405 19.93 -10.69 8.08
C GLU D 405 18.87 -10.05 8.96
N LEU D 406 19.15 -9.92 10.26
CA LEU D 406 18.23 -9.20 11.13
C LEU D 406 18.15 -7.73 10.75
N MET D 407 19.25 -7.16 10.25
CA MET D 407 19.19 -5.80 9.72
C MET D 407 18.26 -5.72 8.51
N GLU D 408 18.31 -6.73 7.63
CA GLU D 408 17.43 -6.76 6.47
C GLU D 408 15.97 -6.83 6.89
N LYS D 409 15.66 -7.76 7.81
CA LYS D 409 14.28 -7.90 8.27
C LYS D 409 13.81 -6.66 9.00
N TRP D 410 14.71 -5.99 9.73
CA TRP D 410 14.35 -4.72 10.35
C TRP D 410 13.99 -3.68 9.29
N GLU D 411 14.77 -3.61 8.20
CA GLU D 411 14.51 -2.63 7.16
C GLU D 411 13.17 -2.88 6.48
N VAL D 412 12.86 -4.14 6.17
CA VAL D 412 11.60 -4.47 5.53
C VAL D 412 10.43 -4.17 6.46
N LYS D 413 10.56 -4.54 7.74
CA LYS D 413 9.49 -4.26 8.70
C LYS D 413 9.35 -2.78 8.98
N ASN D 414 10.45 -2.02 8.89
CA ASN D 414 10.39 -0.58 9.15
C ASN D 414 9.62 0.15 8.05
N GLU D 415 9.77 -0.29 6.81
CA GLU D 415 8.99 0.32 5.72
C GLU D 415 7.76 -0.50 5.40
N PRO E 29 35.60 -18.83 -34.88
CA PRO E 29 35.97 -19.09 -36.27
C PRO E 29 35.33 -20.36 -36.83
N SER E 30 35.66 -21.50 -36.24
CA SER E 30 35.10 -22.77 -36.68
C SER E 30 33.76 -23.03 -35.98
N ILE E 31 32.97 -23.90 -36.59
CA ILE E 31 31.60 -24.18 -36.13
C ILE E 31 31.62 -25.51 -35.38
N PRO E 32 31.11 -25.56 -34.15
CA PRO E 32 31.10 -26.81 -33.39
C PRO E 32 30.37 -27.92 -34.16
N SER E 33 31.01 -29.10 -34.21
CA SER E 33 30.42 -30.22 -34.92
C SER E 33 29.20 -30.79 -34.21
N SER E 34 29.09 -30.59 -32.90
CA SER E 34 27.93 -31.04 -32.14
C SER E 34 27.84 -30.21 -30.87
N TYR E 35 26.73 -30.37 -30.16
CA TYR E 35 26.54 -29.68 -28.89
C TYR E 35 27.24 -30.43 -27.78
N ALA E 36 28.01 -29.70 -26.97
CA ALA E 36 28.71 -30.30 -25.84
C ALA E 36 27.96 -29.97 -24.56
N PRO E 37 27.27 -30.92 -23.94
CA PRO E 37 26.57 -30.62 -22.68
C PRO E 37 27.52 -30.33 -21.53
N SER E 38 28.80 -30.66 -21.67
CA SER E 38 29.79 -30.39 -20.64
C SER E 38 31.13 -30.06 -21.30
N GLY E 39 31.95 -29.32 -20.58
CA GLY E 39 33.25 -28.96 -21.10
C GLY E 39 33.88 -27.84 -20.28
N ILE E 40 35.05 -27.42 -20.75
CA ILE E 40 35.76 -26.28 -20.19
C ILE E 40 36.52 -25.60 -21.32
N SER E 41 36.51 -24.26 -21.31
CA SER E 41 37.05 -23.49 -22.42
C SER E 41 37.82 -22.29 -21.92
N HIS E 42 38.93 -22.00 -22.59
CA HIS E 42 39.67 -20.75 -22.36
C HIS E 42 38.92 -19.61 -23.04
N LEU E 43 38.46 -18.64 -22.25
CA LEU E 43 37.69 -17.52 -22.80
C LEU E 43 38.66 -16.46 -23.28
N LEU E 44 39.14 -16.66 -24.52
CA LEU E 44 40.09 -15.74 -25.13
C LEU E 44 39.48 -14.36 -25.38
N SER E 45 38.15 -14.28 -25.53
CA SER E 45 37.48 -13.02 -25.77
C SER E 45 37.27 -12.19 -24.50
N ARG E 46 37.62 -12.73 -23.33
CA ARG E 46 37.47 -12.03 -22.07
C ARG E 46 38.84 -11.72 -21.47
N GLN E 47 38.95 -10.55 -20.84
CA GLN E 47 40.15 -10.17 -20.13
C GLN E 47 39.76 -9.50 -18.82
N LEU E 48 40.69 -9.52 -17.87
CA LEU E 48 40.46 -8.96 -16.55
C LEU E 48 41.12 -7.59 -16.40
N VAL E 49 40.49 -6.75 -15.60
CA VAL E 49 41.01 -5.44 -15.20
C VAL E 49 40.98 -5.41 -13.68
N VAL E 50 42.05 -4.90 -13.08
CA VAL E 50 42.16 -4.86 -11.63
C VAL E 50 41.90 -3.43 -11.16
N VAL E 51 41.00 -3.29 -10.18
CA VAL E 51 40.67 -2.02 -9.56
C VAL E 51 40.97 -2.13 -8.07
N TYR E 52 41.75 -1.20 -7.55
CA TYR E 52 42.21 -1.27 -6.18
C TYR E 52 42.45 0.14 -5.65
N GLY E 53 42.57 0.24 -4.33
CA GLY E 53 42.77 1.51 -3.68
C GLY E 53 41.80 1.69 -2.51
N PRO E 54 42.04 2.73 -1.71
CA PRO E 54 41.15 2.96 -0.55
C PRO E 54 39.69 3.12 -0.91
N ASP E 55 39.39 3.76 -2.05
CA ASP E 55 38.01 4.06 -2.43
C ASP E 55 37.47 3.10 -3.49
N ALA E 56 38.13 1.97 -3.72
CA ALA E 56 37.73 1.09 -4.82
C ALA E 56 36.30 0.60 -4.66
N ALA E 57 35.95 0.14 -3.46
CA ALA E 57 34.61 -0.42 -3.23
C ALA E 57 33.53 0.64 -3.39
N LYS E 58 33.74 1.80 -2.78
CA LYS E 58 32.76 2.88 -2.88
C LYS E 58 32.64 3.38 -4.31
N TYR E 59 33.77 3.53 -5.00
CA TYR E 59 33.75 3.98 -6.38
C TYR E 59 33.05 2.98 -7.29
N LEU E 60 33.33 1.69 -7.11
CA LEU E 60 32.65 0.67 -7.91
C LEU E 60 31.15 0.66 -7.65
N GLN E 61 30.75 0.86 -6.40
CA GLN E 61 29.33 0.77 -6.03
C GLN E 61 28.48 1.77 -6.82
N GLY E 62 28.99 2.99 -7.01
CA GLY E 62 28.28 3.96 -7.80
C GLY E 62 28.42 3.81 -9.30
N MET E 63 29.17 2.80 -9.74
CA MET E 63 29.48 2.59 -11.14
C MET E 63 28.81 1.37 -11.75
N VAL E 64 28.55 0.33 -10.96
CA VAL E 64 28.03 -0.92 -11.47
C VAL E 64 26.61 -1.13 -10.97
N THR E 65 25.88 -2.03 -11.66
CA THR E 65 24.49 -2.31 -11.31
C THR E 65 24.35 -3.28 -10.15
N ALA E 66 25.40 -4.01 -9.80
CA ALA E 66 25.32 -4.98 -8.71
C ALA E 66 25.75 -4.35 -7.40
N ASN E 67 25.34 -4.99 -6.30
CA ASN E 67 25.71 -4.53 -4.97
C ASN E 67 27.12 -5.01 -4.65
N VAL E 68 28.04 -4.05 -4.44
CA VAL E 68 29.39 -4.42 -4.06
C VAL E 68 29.46 -4.85 -2.60
N TYR E 69 28.51 -4.44 -1.78
CA TYR E 69 28.48 -4.76 -0.36
C TYR E 69 27.50 -5.89 -0.08
N MET E 70 27.70 -6.53 1.08
CA MET E 70 26.80 -7.60 1.50
C MET E 70 25.45 -7.02 1.92
N PRO E 71 24.36 -7.74 1.68
CA PRO E 71 23.05 -7.28 2.16
C PRO E 71 23.03 -7.18 3.68
N GLY E 72 22.32 -6.17 4.18
CA GLY E 72 22.31 -5.90 5.60
C GLY E 72 23.52 -5.15 6.11
N SER E 73 24.39 -4.68 5.22
CA SER E 73 25.56 -3.90 5.62
C SER E 73 25.93 -2.94 4.49
N GLY E 74 26.22 -1.70 4.85
CA GLY E 74 26.66 -0.72 3.87
C GLY E 74 28.16 -0.59 3.72
N SER E 75 28.94 -1.37 4.46
CA SER E 75 30.39 -1.24 4.47
C SER E 75 31.15 -2.52 4.17
N MET E 76 30.59 -3.68 4.50
CA MET E 76 31.32 -4.93 4.35
C MET E 76 31.25 -5.41 2.91
N VAL E 77 32.40 -5.43 2.24
CA VAL E 77 32.48 -5.83 0.84
C VAL E 77 32.12 -7.30 0.71
N ARG E 78 31.38 -7.64 -0.34
CA ARG E 78 31.06 -9.03 -0.63
C ARG E 78 32.32 -9.86 -0.78
N THR E 79 32.35 -11.00 -0.11
CA THR E 79 33.39 -12.01 -0.31
C THR E 79 32.91 -13.15 -1.19
N ASP E 80 31.75 -12.98 -1.83
CA ASP E 80 31.35 -13.86 -2.92
C ASP E 80 32.45 -13.90 -3.96
N ARG E 81 32.92 -15.11 -4.29
CA ARG E 81 34.12 -15.24 -5.11
C ARG E 81 33.97 -14.61 -6.48
N GLY E 82 32.73 -14.39 -6.93
CA GLY E 82 32.49 -13.67 -8.16
C GLY E 82 31.02 -13.42 -8.38
N TYR E 83 30.66 -12.34 -9.06
CA TYR E 83 29.26 -12.09 -9.35
C TYR E 83 29.12 -11.27 -10.63
N TYR E 84 27.97 -11.45 -11.28
CA TYR E 84 27.65 -10.79 -12.53
C TYR E 84 27.22 -9.35 -12.26
N ALA E 85 27.53 -8.47 -13.22
CA ALA E 85 27.18 -7.06 -13.09
C ALA E 85 27.26 -6.41 -14.47
N ALA E 86 26.85 -5.14 -14.52
CA ALA E 86 26.99 -4.34 -15.72
C ALA E 86 27.37 -2.91 -15.34
N LEU E 87 28.13 -2.27 -16.22
CA LEU E 87 28.32 -0.83 -16.17
C LEU E 87 27.38 -0.19 -17.17
N LEU E 88 26.68 0.85 -16.75
CA LEU E 88 25.72 1.53 -17.62
C LEU E 88 26.18 2.93 -17.94
N THR E 89 25.62 3.47 -19.02
CA THR E 89 25.74 4.88 -19.31
C THR E 89 24.74 5.66 -18.45
N GLY E 90 24.89 6.98 -18.44
CA GLY E 90 23.92 7.81 -17.74
C GLY E 90 22.52 7.64 -18.27
N GLN E 91 22.38 7.27 -19.55
CA GLN E 91 21.07 7.03 -20.15
C GLN E 91 20.55 5.63 -19.92
N GLY E 92 21.23 4.84 -19.07
CA GLY E 92 20.75 3.53 -18.72
C GLY E 92 21.00 2.44 -19.74
N ARG E 93 21.87 2.68 -20.72
CA ARG E 93 22.21 1.66 -21.69
C ARG E 93 23.44 0.90 -21.22
N VAL E 94 23.57 -0.34 -21.69
CA VAL E 94 24.69 -1.18 -21.29
C VAL E 94 25.98 -0.60 -21.85
N LEU E 95 26.97 -0.42 -20.98
CA LEU E 95 28.31 0.00 -21.38
C LEU E 95 29.28 -1.18 -21.42
N TYR E 96 29.36 -1.94 -20.32
CA TYR E 96 30.12 -3.18 -20.29
C TYR E 96 29.34 -4.19 -19.45
N ASP E 97 29.27 -5.43 -19.93
CA ASP E 97 28.75 -6.54 -19.13
C ASP E 97 29.95 -7.28 -18.55
N VAL E 98 30.00 -7.37 -17.22
CA VAL E 98 31.19 -7.79 -16.53
C VAL E 98 30.87 -8.85 -15.49
N PHE E 99 31.92 -9.54 -15.04
CA PHE E 99 31.94 -10.27 -13.80
C PHE E 99 32.90 -9.58 -12.85
N ILE E 100 32.56 -9.54 -11.57
CA ILE E 100 33.38 -8.89 -10.56
C ILE E 100 33.88 -9.95 -9.59
N TYR E 101 35.19 -10.06 -9.43
CA TYR E 101 35.80 -11.00 -8.51
C TYR E 101 36.49 -10.24 -7.39
N PRO E 102 35.95 -10.22 -6.17
CA PRO E 102 36.65 -9.56 -5.06
C PRO E 102 37.99 -10.25 -4.78
N LEU E 103 39.03 -9.43 -4.62
CA LEU E 103 40.39 -9.91 -4.45
C LEU E 103 40.89 -9.51 -3.06
N THR E 104 41.04 -10.49 -2.18
CA THR E 104 41.49 -10.25 -0.81
C THR E 104 42.72 -11.06 -0.40
N ASP E 105 42.90 -12.25 -0.96
CA ASP E 105 44.05 -13.07 -0.61
C ASP E 105 45.23 -12.78 -1.56
N SER E 106 46.36 -13.44 -1.30
CA SER E 106 47.61 -13.08 -1.93
C SER E 106 47.71 -13.59 -3.36
N LYS E 107 46.75 -13.20 -4.21
CA LYS E 107 46.79 -13.47 -5.64
C LYS E 107 47.56 -12.42 -6.41
N HIS E 108 48.19 -11.48 -5.71
CA HIS E 108 48.90 -10.38 -6.34
C HIS E 108 50.26 -10.84 -6.86
N GLY E 120 42.80 -0.30 0.84
CA GLY E 120 41.37 -0.54 0.92
C GLY E 120 40.96 -1.94 0.46
N ALA E 121 40.46 -2.02 -0.77
CA ALA E 121 40.03 -3.30 -1.33
C ALA E 121 40.47 -3.38 -2.79
N ALA E 122 40.52 -4.60 -3.31
CA ALA E 122 40.92 -4.87 -4.68
C ALA E 122 39.87 -5.70 -5.38
N PHE E 123 39.64 -5.41 -6.66
CA PHE E 123 38.63 -6.09 -7.45
C PHE E 123 39.18 -6.43 -8.83
N LEU E 124 38.89 -7.64 -9.30
CA LEU E 124 39.13 -8.00 -10.69
C LEU E 124 37.82 -7.91 -11.46
N ILE E 125 37.83 -7.16 -12.55
CA ILE E 125 36.64 -6.95 -13.38
C ILE E 125 36.90 -7.60 -14.74
N GLU E 126 36.04 -8.54 -15.09
CA GLU E 126 36.17 -9.31 -16.32
C GLU E 126 35.31 -8.67 -17.42
N VAL E 127 35.95 -8.26 -18.50
CA VAL E 127 35.27 -7.56 -19.58
C VAL E 127 35.76 -8.14 -20.91
N ASP E 128 35.09 -7.76 -21.99
CA ASP E 128 35.52 -8.14 -23.33
C ASP E 128 36.96 -7.71 -23.55
N LYS E 129 37.75 -8.63 -24.13
CA LYS E 129 39.16 -8.37 -24.41
C LYS E 129 39.35 -7.05 -25.17
N ASP E 130 38.51 -6.82 -26.17
CA ASP E 130 38.60 -5.60 -26.97
C ASP E 130 38.20 -4.36 -26.19
N GLN E 131 37.46 -4.52 -25.09
CA GLN E 131 37.00 -3.40 -24.29
C GLN E 131 37.85 -3.16 -23.05
N ALA E 132 38.88 -3.99 -22.81
CA ALA E 132 39.61 -3.92 -21.55
C ALA E 132 40.31 -2.58 -21.38
N GLY E 133 41.06 -2.15 -22.40
CA GLY E 133 41.71 -0.85 -22.31
C GLY E 133 40.71 0.28 -22.19
N LEU E 134 39.62 0.22 -22.95
CA LEU E 134 38.60 1.25 -22.87
C LEU E 134 37.95 1.29 -21.48
N LEU E 135 37.78 0.12 -20.87
CA LEU E 135 37.23 0.08 -19.51
C LEU E 135 38.17 0.76 -18.52
N VAL E 136 39.47 0.52 -18.65
CA VAL E 136 40.45 1.15 -17.77
C VAL E 136 40.39 2.66 -17.91
N ASP E 137 40.34 3.15 -19.16
CA ASP E 137 40.24 4.58 -19.39
C ASP E 137 38.95 5.15 -18.84
N HIS E 138 37.84 4.43 -18.99
CA HIS E 138 36.57 4.90 -18.44
C HIS E 138 36.65 4.99 -16.92
N ILE E 139 37.21 3.97 -16.27
CA ILE E 139 37.33 3.99 -14.82
C ILE E 139 38.26 5.10 -14.37
N LYS E 140 39.32 5.35 -15.15
CA LYS E 140 40.30 6.39 -14.78
C LYS E 140 39.68 7.77 -14.82
N ARG E 141 38.97 8.11 -15.91
CA ARG E 141 38.58 9.49 -16.15
C ARG E 141 37.44 9.95 -15.26
N TYR E 142 36.70 9.04 -14.64
CA TYR E 142 35.58 9.39 -13.78
C TYR E 142 35.93 9.37 -12.30
N ARG E 143 37.20 9.12 -11.96
CA ARG E 143 37.60 9.03 -10.56
C ARG E 143 37.44 10.37 -9.84
N VAL E 144 37.88 11.46 -10.48
CA VAL E 144 38.03 12.76 -9.84
C VAL E 144 38.96 12.61 -8.65
N ARG E 145 38.40 12.56 -7.44
CA ARG E 145 39.20 12.47 -6.22
C ARG E 145 39.25 11.07 -5.64
N ALA E 146 38.57 10.10 -6.24
CA ALA E 146 38.54 8.75 -5.70
C ALA E 146 39.94 8.16 -5.66
N LYS E 147 40.36 7.69 -4.49
CA LYS E 147 41.67 7.08 -4.32
C LYS E 147 41.59 5.66 -4.90
N VAL E 148 41.65 5.59 -6.23
CA VAL E 148 41.44 4.36 -6.97
C VAL E 148 42.52 4.24 -8.04
N LYS E 149 43.10 3.04 -8.16
CA LYS E 149 44.04 2.72 -9.23
C LYS E 149 43.49 1.56 -10.04
N VAL E 150 43.79 1.56 -11.33
CA VAL E 150 43.21 0.60 -12.25
C VAL E 150 44.19 0.34 -13.40
N LYS E 151 44.35 -0.94 -13.74
CA LYS E 151 45.22 -1.36 -14.83
C LYS E 151 44.65 -2.63 -15.45
N VAL E 152 45.03 -2.87 -16.71
CA VAL E 152 44.68 -4.14 -17.34
C VAL E 152 45.53 -5.25 -16.74
N VAL E 153 44.96 -6.45 -16.69
CA VAL E 153 45.69 -7.65 -16.28
C VAL E 153 46.03 -8.44 -17.53
N ASP E 154 47.32 -8.71 -17.71
CA ASP E 154 47.79 -9.46 -18.86
C ASP E 154 47.22 -10.88 -18.84
N VAL E 155 46.80 -11.36 -20.01
CA VAL E 155 46.12 -12.64 -20.09
C VAL E 155 47.02 -13.80 -19.72
N GLU E 156 48.34 -13.64 -19.82
CA GLU E 156 49.23 -14.70 -19.36
C GLU E 156 49.21 -14.81 -17.84
N GLU E 157 49.04 -13.68 -17.14
CA GLU E 157 49.12 -13.68 -15.69
C GLU E 157 47.86 -14.27 -15.06
N VAL E 158 46.69 -13.75 -15.40
CA VAL E 158 45.42 -14.34 -15.00
C VAL E 158 44.59 -14.56 -16.25
N ALA E 159 44.11 -15.79 -16.43
CA ALA E 159 43.32 -16.15 -17.61
C ALA E 159 41.91 -16.51 -17.17
N VAL E 160 40.95 -16.20 -18.03
CA VAL E 160 39.54 -16.46 -17.76
C VAL E 160 39.15 -17.77 -18.45
N TRP E 161 38.66 -18.72 -17.66
CA TRP E 161 38.13 -19.98 -18.15
C TRP E 161 36.68 -20.13 -17.72
N HIS E 162 36.01 -21.10 -18.32
CA HIS E 162 34.64 -21.39 -17.95
C HIS E 162 34.39 -22.87 -18.15
N ALA E 163 33.72 -23.50 -17.18
CA ALA E 163 33.39 -24.92 -17.26
C ALA E 163 31.91 -25.10 -17.01
N TRP E 164 31.34 -26.12 -17.65
CA TRP E 164 29.92 -26.43 -17.48
C TRP E 164 29.75 -27.94 -17.51
N ASP E 165 28.79 -28.42 -16.71
CA ASP E 165 28.51 -29.85 -16.55
C ASP E 165 27.15 -29.99 -15.86
N PRO E 166 26.23 -30.80 -16.39
CA PRO E 166 24.97 -31.03 -15.67
C PRO E 166 25.17 -31.55 -14.26
N ASN E 167 26.16 -32.42 -14.05
CA ASN E 167 26.57 -32.83 -12.72
C ASN E 167 27.64 -31.84 -12.26
N GLY E 168 27.19 -30.82 -11.53
CA GLY E 168 27.93 -29.59 -11.37
C GLY E 168 29.31 -29.63 -10.74
N LEU E 169 29.92 -28.46 -10.64
CA LEU E 169 31.26 -28.29 -10.09
C LEU E 169 31.27 -26.98 -9.31
N GLY E 170 32.46 -26.46 -9.02
CA GLY E 170 32.52 -25.25 -8.20
C GLY E 170 33.32 -25.38 -6.93
N GLU E 171 34.36 -26.24 -6.94
CA GLU E 171 35.20 -26.49 -5.78
C GLU E 171 35.57 -25.23 -4.99
N ALA E 172 36.25 -24.28 -5.66
CA ALA E 172 36.33 -22.84 -5.36
C ALA E 172 37.75 -22.30 -5.45
N SER E 173 38.24 -21.74 -4.34
CA SER E 173 39.49 -21.00 -4.32
C SER E 173 40.61 -21.87 -3.75
N VAL E 174 41.18 -22.69 -4.62
CA VAL E 174 42.37 -23.47 -4.31
C VAL E 174 43.53 -22.83 -5.07
N ASN E 175 44.75 -23.01 -4.55
CA ASN E 175 45.91 -22.27 -5.01
C ASN E 175 46.01 -22.25 -6.54
N ASP E 176 45.99 -21.04 -7.10
CA ASP E 176 46.08 -20.69 -8.52
C ASP E 176 44.78 -20.89 -9.29
N LEU E 177 43.71 -21.37 -8.68
CA LEU E 177 42.43 -21.53 -9.37
C LEU E 177 41.32 -20.93 -8.53
N LEU E 178 40.61 -19.95 -9.10
CA LEU E 178 39.42 -19.37 -8.50
C LEU E 178 38.22 -19.86 -9.29
N VAL E 179 37.35 -20.64 -8.65
CA VAL E 179 36.18 -21.22 -9.29
C VAL E 179 34.95 -20.67 -8.58
N THR E 180 34.01 -20.12 -9.37
CA THR E 180 32.81 -19.53 -8.79
C THR E 180 31.64 -19.69 -9.75
N PRO E 181 30.46 -20.03 -9.25
CA PRO E 181 29.34 -20.34 -10.14
C PRO E 181 28.90 -19.14 -10.96
N ASP E 182 28.48 -19.40 -12.19
CA ASP E 182 27.84 -18.41 -13.05
C ASP E 182 26.34 -18.50 -12.80
N CYS E 183 25.80 -17.51 -12.11
CA CYS E 183 24.42 -17.56 -11.64
C CYS E 183 23.44 -16.90 -12.61
N ARG E 184 23.88 -16.56 -13.82
CA ARG E 184 22.96 -15.96 -14.79
C ARG E 184 21.83 -16.92 -15.14
N THR E 185 22.14 -18.21 -15.26
CA THR E 185 21.15 -19.27 -15.39
C THR E 185 21.54 -20.40 -14.45
N PRO E 186 20.58 -21.27 -14.11
CA PRO E 186 20.93 -22.41 -13.25
C PRO E 186 21.99 -23.33 -13.84
N ALA E 187 22.14 -23.36 -15.17
CA ALA E 187 23.03 -24.33 -15.83
C ALA E 187 24.15 -23.67 -16.63
N MET E 188 24.45 -22.40 -16.36
CA MET E 188 25.54 -21.73 -17.09
C MET E 188 26.89 -22.37 -16.80
N GLY E 189 27.09 -22.82 -15.56
CA GLY E 189 28.36 -23.40 -15.18
C GLY E 189 29.11 -22.57 -14.15
N SER E 190 30.44 -22.53 -14.26
CA SER E 190 31.26 -21.80 -13.30
C SER E 190 32.35 -21.05 -14.04
N ARG E 191 32.53 -19.78 -13.69
CA ARG E 191 33.68 -19.02 -14.15
C ARG E 191 34.92 -19.50 -13.41
N ILE E 192 36.04 -19.55 -14.13
CA ILE E 192 37.30 -20.01 -13.55
C ILE E 192 38.39 -19.00 -13.89
N LEU E 193 39.13 -18.57 -12.87
CA LEU E 193 40.29 -17.71 -13.05
C LEU E 193 41.55 -18.52 -12.77
N HIS E 194 42.48 -18.52 -13.71
CA HIS E 194 43.75 -19.23 -13.58
C HIS E 194 44.85 -18.21 -13.33
N PHE E 195 45.46 -18.27 -12.15
CA PHE E 195 46.40 -17.24 -11.73
C PHE E 195 47.87 -17.58 -11.97
N GLY E 196 48.19 -18.86 -12.18
CA GLY E 196 49.57 -19.26 -12.30
C GLY E 196 50.29 -18.74 -13.52
N GLY E 197 49.92 -19.23 -14.70
CA GLY E 197 50.57 -18.83 -15.93
C GLY E 197 50.02 -19.57 -17.13
N PRO E 198 50.60 -19.33 -18.31
CA PRO E 198 50.08 -20.03 -19.50
C PRO E 198 50.25 -21.54 -19.44
N ASP E 199 51.47 -22.02 -19.19
CA ASP E 199 51.75 -23.45 -19.12
C ASP E 199 51.59 -24.01 -17.71
N GLY E 200 50.75 -23.39 -16.88
CA GLY E 200 50.56 -23.81 -15.52
C GLY E 200 50.33 -25.29 -15.31
N ASN E 201 49.36 -25.87 -16.04
CA ASN E 201 48.83 -27.24 -15.89
C ASN E 201 47.82 -27.35 -14.75
N ALA E 202 47.42 -26.23 -14.15
CA ALA E 202 46.31 -26.27 -13.19
C ALA E 202 44.99 -26.57 -13.90
N ILE E 203 44.78 -25.99 -15.08
CA ILE E 203 43.51 -26.18 -15.78
C ILE E 203 43.38 -27.61 -16.28
N GLN E 204 44.42 -28.14 -16.92
CA GLN E 204 44.36 -29.49 -17.46
C GLN E 204 44.16 -30.52 -16.35
N ASN E 205 44.81 -30.32 -15.20
CA ASN E 205 44.54 -31.17 -14.04
C ASN E 205 43.10 -31.00 -13.57
N PHE E 206 42.59 -29.77 -13.60
CA PHE E 206 41.20 -29.52 -13.23
C PHE E 206 40.24 -30.24 -14.18
N ALA E 207 40.51 -30.16 -15.49
CA ALA E 207 39.67 -30.84 -16.45
C ALA E 207 39.74 -32.36 -16.28
N GLU E 208 40.93 -32.88 -16.03
CA GLU E 208 41.10 -34.32 -15.79
C GLU E 208 40.35 -34.76 -14.53
N ARG E 209 40.49 -33.99 -13.45
CA ARG E 209 39.84 -34.34 -12.19
C ARG E 209 38.32 -34.37 -12.34
N CYS E 210 37.76 -33.33 -12.97
CA CYS E 210 36.31 -33.21 -13.12
C CYS E 210 35.80 -33.90 -14.39
N GLN E 211 36.70 -34.55 -15.14
CA GLN E 211 36.33 -35.32 -16.33
C GLN E 211 35.62 -34.46 -17.38
N LEU E 212 36.16 -33.27 -17.64
CA LEU E 212 35.69 -32.41 -18.71
C LEU E 212 36.67 -32.42 -19.88
N GLN E 213 36.12 -32.32 -21.08
CA GLN E 213 36.91 -32.14 -22.28
C GLN E 213 37.26 -30.67 -22.44
N VAL E 214 38.54 -30.38 -22.66
CA VAL E 214 38.96 -29.02 -22.95
C VAL E 214 38.53 -28.68 -24.37
N LEU E 215 37.72 -27.64 -24.53
CA LEU E 215 37.16 -27.31 -25.82
C LEU E 215 37.49 -25.87 -26.20
N PRO E 216 37.53 -25.56 -27.50
CA PRO E 216 37.71 -24.18 -27.92
C PRO E 216 36.50 -23.32 -27.56
N GLN E 217 36.71 -22.00 -27.58
CA GLN E 217 35.74 -21.06 -27.03
C GLN E 217 34.35 -21.22 -27.65
N GLU E 218 34.28 -21.56 -28.94
CA GLU E 218 32.98 -21.61 -29.61
C GLU E 218 32.05 -22.66 -29.01
N TYR E 219 32.58 -23.66 -28.31
CA TYR E 219 31.71 -24.59 -27.61
C TYR E 219 31.08 -23.95 -26.39
N TYR E 220 31.82 -23.08 -25.70
CA TYR E 220 31.24 -22.29 -24.63
C TYR E 220 30.19 -21.33 -25.17
N VAL E 221 30.46 -20.71 -26.32
CA VAL E 221 29.48 -19.81 -26.93
C VAL E 221 28.19 -20.56 -27.23
N LEU E 222 28.30 -21.76 -27.80
CA LEU E 222 27.12 -22.58 -28.03
C LEU E 222 26.38 -22.86 -26.73
N HIS E 223 27.12 -23.18 -25.67
CA HIS E 223 26.49 -23.39 -24.37
C HIS E 223 25.79 -22.13 -23.90
N ARG E 224 26.44 -20.97 -24.09
CA ARG E 224 25.81 -19.69 -23.77
C ARG E 224 24.51 -19.49 -24.55
N ILE E 225 24.56 -19.74 -25.87
CA ILE E 225 23.39 -19.50 -26.72
C ILE E 225 22.22 -20.37 -26.26
N THR E 226 22.48 -21.65 -26.03
CA THR E 226 21.41 -22.57 -25.65
C THR E 226 20.84 -22.24 -24.27
N GLN E 227 21.61 -21.56 -23.42
CA GLN E 227 21.09 -21.03 -22.17
C GLN E 227 20.39 -19.68 -22.33
N GLY E 228 20.51 -19.05 -23.50
CA GLY E 228 19.87 -17.77 -23.73
C GLY E 228 20.60 -16.58 -23.13
N VAL E 229 21.91 -16.68 -22.95
CA VAL E 229 22.69 -15.66 -22.27
C VAL E 229 23.48 -14.87 -23.31
N PRO E 230 23.23 -13.57 -23.47
CA PRO E 230 24.13 -12.75 -24.29
C PRO E 230 25.35 -12.32 -23.49
N GLU E 231 26.45 -12.11 -24.22
CA GLU E 231 27.71 -11.76 -23.58
C GLU E 231 28.57 -11.01 -24.59
N GLY E 232 29.31 -10.01 -24.09
CA GLY E 232 30.23 -9.26 -24.92
C GLY E 232 29.56 -8.12 -25.66
N GLN E 233 30.39 -7.25 -26.22
CA GLN E 233 29.90 -6.07 -26.90
C GLN E 233 29.60 -6.31 -28.38
N THR E 234 29.78 -7.54 -28.86
CA THR E 234 29.24 -7.91 -30.16
C THR E 234 27.76 -8.28 -30.07
N GLU E 235 27.30 -8.70 -28.88
CA GLU E 235 25.91 -9.08 -28.65
C GLU E 235 25.15 -8.05 -27.83
N LEU E 236 25.77 -7.51 -26.78
CA LEU E 236 25.20 -6.41 -26.01
C LEU E 236 25.91 -5.15 -26.48
N LEU E 237 25.33 -4.50 -27.49
CA LEU E 237 26.00 -3.39 -28.15
C LEU E 237 26.34 -2.29 -27.15
N LYS E 238 27.61 -1.87 -27.17
CA LYS E 238 28.08 -0.87 -26.22
C LYS E 238 27.30 0.43 -26.40
N MET E 239 26.82 0.98 -25.28
CA MET E 239 26.06 2.23 -25.21
C MET E 239 24.73 2.16 -25.93
N SER E 240 24.28 0.98 -26.32
CA SER E 240 23.01 0.86 -27.03
C SER E 240 22.10 -0.19 -26.42
N ALA E 241 22.65 -1.29 -25.91
CA ALA E 241 21.83 -2.38 -25.40
C ALA E 241 21.01 -1.92 -24.19
N ILE E 242 19.74 -2.30 -24.19
CA ILE E 242 18.82 -1.95 -23.10
C ILE E 242 18.85 -3.06 -22.06
N PRO E 243 19.10 -2.75 -20.78
CA PRO E 243 19.29 -3.83 -19.79
C PRO E 243 18.13 -4.81 -19.70
N HIS E 244 16.88 -4.31 -19.66
CA HIS E 244 15.75 -5.22 -19.55
C HIS E 244 15.60 -6.07 -20.81
N GLU E 245 15.83 -5.47 -21.99
CA GLU E 245 15.84 -6.25 -23.22
C GLU E 245 16.96 -7.30 -23.20
N SER E 246 18.05 -7.00 -22.51
CA SER E 246 19.19 -7.89 -22.40
C SER E 246 19.03 -8.91 -21.27
N ASN E 247 17.89 -8.91 -20.59
CA ASN E 247 17.60 -9.80 -19.47
C ASN E 247 18.58 -9.60 -18.32
N LEU E 248 19.12 -8.38 -18.18
CA LEU E 248 19.97 -8.07 -17.03
C LEU E 248 19.19 -8.10 -15.73
N ASP E 249 17.88 -7.93 -15.77
CA ASP E 249 17.06 -8.08 -14.57
C ASP E 249 16.88 -9.55 -14.21
N LEU E 250 16.74 -10.41 -15.21
CA LEU E 250 16.51 -11.83 -14.97
C LEU E 250 17.77 -12.59 -14.63
N MET E 251 18.95 -12.08 -14.98
CA MET E 251 20.19 -12.82 -14.82
C MET E 251 20.95 -12.44 -13.55
N GLY E 252 20.32 -11.70 -12.64
CA GLY E 252 20.90 -11.43 -11.34
C GLY E 252 21.99 -10.38 -11.32
N GLY E 253 22.18 -9.62 -12.40
CA GLY E 253 23.21 -8.61 -12.44
C GLY E 253 22.82 -7.23 -11.96
N ILE E 254 21.53 -7.02 -11.64
CA ILE E 254 21.04 -5.73 -11.20
C ILE E 254 20.44 -5.88 -9.81
N ASP E 255 20.94 -5.11 -8.86
CA ASP E 255 20.31 -4.99 -7.55
C ASP E 255 19.37 -3.79 -7.58
N PHE E 256 18.07 -4.05 -7.54
CA PHE E 256 17.09 -2.98 -7.54
C PHE E 256 16.92 -2.35 -6.17
N ARG E 257 17.44 -2.97 -5.11
CA ARG E 257 17.34 -2.43 -3.77
C ARG E 257 18.54 -1.58 -3.36
N LYS E 258 19.62 -1.58 -4.14
CA LYS E 258 20.77 -0.77 -3.80
C LYS E 258 20.49 0.70 -4.12
N GLY E 259 21.42 1.55 -3.69
CA GLY E 259 21.28 2.98 -3.85
C GLY E 259 21.54 3.44 -5.28
N CYS E 260 22.01 4.67 -5.41
CA CYS E 260 22.22 5.27 -6.71
C CYS E 260 23.47 4.72 -7.39
N TYR E 261 23.38 4.53 -8.69
CA TYR E 261 24.53 4.25 -9.53
C TYR E 261 24.24 4.80 -10.92
N VAL E 262 25.29 4.87 -11.74
CA VAL E 262 25.16 5.46 -13.07
C VAL E 262 24.12 4.69 -13.88
N GLY E 263 23.10 5.40 -14.34
CA GLY E 263 22.05 4.81 -15.14
C GLY E 263 20.92 4.17 -14.36
N GLN E 264 20.93 4.28 -13.03
CA GLN E 264 19.92 3.60 -12.21
C GLN E 264 18.51 4.11 -12.48
N GLU E 265 18.38 5.41 -12.75
CA GLU E 265 17.04 6.00 -12.90
C GLU E 265 16.27 5.34 -14.03
N LEU E 266 16.92 5.14 -15.17
CA LEU E 266 16.21 4.56 -16.32
C LEU E 266 15.97 3.07 -16.12
N VAL E 267 16.84 2.38 -15.39
CA VAL E 267 16.62 0.97 -15.09
C VAL E 267 15.44 0.81 -14.12
N THR E 268 15.40 1.64 -13.06
CA THR E 268 14.34 1.54 -12.08
C THR E 268 13.00 1.96 -12.66
N ARG E 269 12.99 2.97 -13.53
CA ARG E 269 11.72 3.38 -14.15
C ARG E 269 11.13 2.26 -14.99
N THR E 270 11.97 1.57 -15.77
CA THR E 270 11.50 0.42 -16.53
C THR E 270 11.02 -0.70 -15.62
N GLU E 271 11.74 -0.93 -14.52
CA GLU E 271 11.37 -1.99 -13.59
C GLU E 271 10.01 -1.73 -12.95
N HIS E 272 9.74 -0.49 -12.56
CA HIS E 272 8.53 -0.15 -11.83
C HIS E 272 7.36 0.19 -12.75
N ARG E 273 7.61 0.89 -13.87
CA ARG E 273 6.55 1.36 -14.75
C ARG E 273 6.53 0.70 -16.11
N GLY E 274 7.67 0.22 -16.60
CA GLY E 274 7.76 -0.20 -17.98
C GLY E 274 7.08 -1.54 -18.24
N VAL E 275 6.76 -1.75 -19.51
CA VAL E 275 6.23 -3.01 -20.00
C VAL E 275 7.21 -3.53 -21.03
N VAL E 276 7.97 -4.56 -20.66
CA VAL E 276 9.06 -5.07 -21.48
C VAL E 276 8.49 -6.11 -22.44
N ARG E 277 8.32 -5.71 -23.71
CA ARG E 277 7.81 -6.60 -24.74
C ARG E 277 8.92 -7.20 -25.61
N LYS E 278 10.17 -6.83 -25.37
CA LYS E 278 11.29 -7.30 -26.18
C LYS E 278 12.38 -7.80 -25.25
N ARG E 279 12.84 -9.03 -25.49
CA ARG E 279 13.90 -9.61 -24.68
C ARG E 279 14.77 -10.50 -25.55
N VAL E 280 16.04 -10.63 -25.15
CA VAL E 280 16.93 -11.59 -25.79
C VAL E 280 16.40 -12.99 -25.55
N LEU E 281 16.32 -13.79 -26.60
CA LEU E 281 15.90 -15.18 -26.52
C LEU E 281 16.74 -16.03 -27.46
N PRO E 282 16.99 -17.29 -27.10
CA PRO E 282 17.62 -18.21 -28.05
C PRO E 282 16.65 -18.61 -29.14
N CYS E 283 17.17 -18.78 -30.35
CA CYS E 283 16.35 -19.07 -31.52
C CYS E 283 16.95 -20.20 -32.31
N VAL E 284 16.09 -20.89 -33.06
CA VAL E 284 16.49 -21.97 -33.97
C VAL E 284 16.24 -21.52 -35.40
N VAL E 285 17.23 -21.71 -36.27
CA VAL E 285 17.09 -21.49 -37.70
C VAL E 285 16.85 -22.84 -38.36
N TYR E 286 15.79 -22.93 -39.14
CA TYR E 286 15.36 -24.22 -39.68
C TYR E 286 14.66 -24.02 -41.02
N GLU E 287 14.46 -25.14 -41.73
CA GLU E 287 13.75 -25.14 -43.00
C GLU E 287 12.29 -25.55 -42.82
N GLY E 288 12.06 -26.74 -42.25
CA GLY E 288 10.74 -27.29 -41.97
C GLY E 288 9.51 -26.82 -42.72
N GLY E 301 21.13 -28.65 -23.35
CA GLY E 301 20.19 -29.74 -23.12
C GLY E 301 18.94 -29.67 -23.99
N ASP E 302 18.02 -28.78 -23.60
CA ASP E 302 16.77 -28.61 -24.35
C ASP E 302 17.05 -28.12 -25.77
N LEU E 303 17.63 -26.92 -25.90
CA LEU E 303 17.92 -26.37 -27.21
C LEU E 303 19.13 -27.04 -27.85
N GLY E 304 20.06 -27.54 -27.04
CA GLY E 304 21.24 -28.19 -27.58
C GLY E 304 20.94 -29.48 -28.32
N GLY E 305 19.81 -30.11 -28.04
CA GLY E 305 19.42 -31.30 -28.79
C GLY E 305 19.01 -31.00 -30.22
N LEU E 306 18.64 -29.76 -30.51
CA LEU E 306 18.28 -29.34 -31.87
C LEU E 306 19.48 -28.84 -32.66
N TYR E 307 20.65 -28.73 -32.05
CA TYR E 307 21.79 -28.12 -32.71
C TYR E 307 22.36 -29.02 -33.79
N THR E 308 22.67 -28.44 -34.95
CA THR E 308 23.41 -29.10 -36.01
C THR E 308 24.34 -28.08 -36.66
N ASP E 309 25.43 -28.58 -37.24
CA ASP E 309 26.35 -27.75 -37.99
C ASP E 309 26.07 -27.77 -39.49
N ARG E 310 25.00 -28.42 -39.91
CA ARG E 310 24.63 -28.45 -41.32
C ARG E 310 23.97 -27.14 -41.74
N PRO E 311 24.12 -26.75 -43.01
CA PRO E 311 23.51 -25.50 -43.48
C PRO E 311 21.98 -25.60 -43.53
N ILE E 312 21.35 -24.43 -43.58
CA ILE E 312 19.89 -24.30 -43.68
C ILE E 312 19.48 -23.76 -45.06
N ALA E 313 19.81 -22.50 -45.34
CA ALA E 313 20.01 -21.97 -46.69
C ALA E 313 21.37 -21.32 -46.85
N GLY E 314 21.87 -20.61 -45.81
CA GLY E 314 23.26 -20.23 -45.75
C GLY E 314 24.08 -21.25 -44.96
N LEU E 315 25.40 -21.06 -44.96
CA LEU E 315 26.27 -22.06 -44.33
C LEU E 315 25.99 -22.19 -42.84
N SER E 316 25.76 -21.08 -42.14
CA SER E 316 25.41 -21.12 -40.72
C SER E 316 24.82 -19.78 -40.35
N SER E 317 24.23 -19.71 -39.15
CA SER E 317 23.59 -18.49 -38.67
C SER E 317 24.60 -17.45 -38.21
N ALA E 318 25.89 -17.78 -38.18
CA ALA E 318 26.89 -16.75 -37.99
C ALA E 318 26.95 -15.77 -39.16
N ARG E 319 26.33 -16.13 -40.29
CA ARG E 319 26.28 -15.29 -41.47
C ARG E 319 25.06 -14.38 -41.48
N GLU E 320 24.34 -14.28 -40.37
CA GLU E 320 23.29 -13.28 -40.22
C GLU E 320 23.82 -12.05 -39.49
N GLU E 324 22.01 -7.27 -36.65
CA GLU E 324 20.73 -6.66 -36.32
C GLU E 324 19.75 -6.83 -37.47
N THR E 325 19.79 -8.00 -38.07
CA THR E 325 18.83 -8.34 -39.13
C THR E 325 17.44 -8.47 -38.54
N ASN E 326 16.45 -7.88 -39.22
CA ASN E 326 15.08 -7.93 -38.75
C ASN E 326 14.47 -9.32 -38.93
N ILE E 327 13.74 -9.76 -37.92
CA ILE E 327 12.90 -10.95 -38.03
C ILE E 327 11.49 -10.50 -38.38
N VAL E 328 10.89 -11.16 -39.36
CA VAL E 328 9.58 -10.77 -39.86
C VAL E 328 8.66 -11.99 -39.91
N ARG E 329 7.37 -11.72 -39.90
CA ARG E 329 6.38 -12.77 -40.15
C ARG E 329 6.48 -13.25 -41.60
N VAL E 330 6.27 -14.54 -41.81
CA VAL E 330 6.27 -15.08 -43.16
C VAL E 330 4.96 -14.72 -43.84
N SER E 331 5.06 -14.26 -45.09
CA SER E 331 3.91 -13.88 -45.92
C SER E 331 2.95 -12.95 -45.16
N GLY E 332 3.51 -11.95 -44.50
CA GLY E 332 2.76 -10.87 -43.91
C GLY E 332 3.65 -9.65 -43.85
N LYS E 333 3.34 -8.69 -42.97
CA LYS E 333 4.34 -7.69 -42.61
C LYS E 333 3.96 -6.92 -41.35
N GLY E 334 4.83 -6.97 -40.35
CA GLY E 334 4.69 -6.14 -39.16
C GLY E 334 5.81 -5.13 -39.11
N ARG E 335 6.63 -5.14 -40.16
CA ARG E 335 7.81 -4.28 -40.27
C ARG E 335 8.74 -4.47 -39.06
N GLY E 336 8.95 -5.72 -38.68
CA GLY E 336 9.91 -6.04 -37.64
C GLY E 336 9.32 -6.57 -36.36
N VAL E 337 9.59 -7.84 -36.05
CA VAL E 337 9.20 -8.46 -34.80
C VAL E 337 10.39 -8.98 -34.02
N GLY E 338 11.61 -8.64 -34.44
CA GLY E 338 12.79 -9.08 -33.74
C GLY E 338 14.05 -8.56 -34.41
N LYS E 339 15.15 -8.65 -33.68
CA LYS E 339 16.46 -8.23 -34.16
C LYS E 339 17.47 -9.34 -33.86
N TRP E 340 18.21 -9.75 -34.89
CA TRP E 340 19.22 -10.80 -34.72
C TRP E 340 20.46 -10.22 -34.05
N LEU E 341 21.03 -11.00 -33.11
CA LEU E 341 22.25 -10.60 -32.42
C LEU E 341 23.47 -11.40 -32.88
N ARG E 342 23.42 -12.72 -32.79
CA ARG E 342 24.56 -13.56 -33.13
C ARG E 342 24.12 -15.01 -33.07
N GLY E 343 24.69 -15.83 -33.95
CA GLY E 343 24.37 -17.24 -33.95
C GLY E 343 25.58 -18.08 -34.35
N ILE E 344 25.48 -19.36 -34.04
CA ILE E 344 26.41 -20.37 -34.55
C ILE E 344 25.61 -21.62 -34.89
N GLY E 345 25.98 -22.28 -35.98
CA GLY E 345 25.21 -23.41 -36.45
C GLY E 345 23.80 -22.97 -36.81
N ASN E 346 22.81 -23.67 -36.26
CA ASN E 346 21.41 -23.40 -36.53
C ASN E 346 20.71 -22.72 -35.35
N VAL E 347 21.49 -22.18 -34.40
CA VAL E 347 20.92 -21.50 -33.24
C VAL E 347 21.56 -20.13 -33.11
N GLY E 348 20.90 -19.27 -32.34
CA GLY E 348 21.42 -17.94 -32.11
C GLY E 348 20.61 -17.22 -31.06
N LEU E 349 20.99 -15.97 -30.82
CA LEU E 349 20.27 -15.07 -29.93
C LEU E 349 19.65 -13.94 -30.73
N ALA E 350 18.45 -13.53 -30.34
CA ALA E 350 17.76 -12.42 -30.97
C ALA E 350 16.94 -11.68 -29.93
N VAL E 351 16.85 -10.37 -30.08
CA VAL E 351 15.92 -9.56 -29.28
C VAL E 351 14.55 -9.69 -29.94
N CYS E 352 13.65 -10.42 -29.30
CA CYS E 352 12.40 -10.84 -29.92
C CYS E 352 11.22 -10.13 -29.28
N ARG E 353 10.20 -9.86 -30.08
CA ARG E 353 8.91 -9.39 -29.57
C ARG E 353 8.22 -10.55 -28.87
N LEU E 354 8.10 -10.46 -27.54
CA LEU E 354 7.53 -11.55 -26.76
C LEU E 354 6.07 -11.79 -27.13
N ASP E 355 5.31 -10.72 -27.36
CA ASP E 355 3.89 -10.87 -27.66
C ASP E 355 3.64 -11.51 -29.02
N VAL E 356 4.64 -11.52 -29.90
CA VAL E 356 4.48 -12.04 -31.25
C VAL E 356 5.11 -13.41 -31.41
N MET E 357 6.36 -13.57 -31.01
CA MET E 357 7.12 -14.78 -31.28
C MET E 357 7.04 -15.82 -30.18
N THR E 358 6.43 -15.54 -29.04
CA THR E 358 6.52 -16.45 -27.90
C THR E 358 5.19 -16.64 -27.20
N ASP E 359 5.19 -17.61 -26.29
CA ASP E 359 4.11 -17.97 -25.38
C ASP E 359 4.11 -17.14 -24.11
N LEU E 360 5.16 -16.36 -23.86
CA LEU E 360 5.49 -15.92 -22.52
C LEU E 360 4.48 -14.91 -21.99
N PRO E 361 4.25 -14.90 -20.67
CA PRO E 361 3.48 -13.82 -20.05
C PRO E 361 4.33 -12.56 -19.97
N ILE E 362 3.73 -11.43 -20.34
CA ILE E 362 4.41 -10.14 -20.31
C ILE E 362 3.98 -9.41 -19.04
N PRO E 363 4.86 -9.23 -18.07
CA PRO E 363 4.47 -8.56 -16.82
C PRO E 363 3.93 -7.17 -17.08
N GLY E 364 2.79 -6.86 -16.46
CA GLY E 364 2.14 -5.59 -16.63
C GLY E 364 1.25 -5.46 -17.85
N GLU E 365 1.23 -6.46 -18.73
CA GLU E 365 0.35 -6.46 -19.89
C GLU E 365 -0.59 -7.65 -19.94
N THR E 366 -0.06 -8.88 -19.79
CA THR E 366 -0.87 -10.07 -20.01
C THR E 366 -1.92 -10.20 -18.91
N PRO E 367 -3.21 -10.24 -19.25
CA PRO E 367 -4.23 -10.36 -18.21
C PRO E 367 -4.25 -11.75 -17.58
N ALA E 368 -4.75 -11.79 -16.35
CA ALA E 368 -4.86 -13.05 -15.62
C ALA E 368 -6.09 -13.82 -16.06
N GLY E 369 -6.01 -15.14 -15.97
CA GLY E 369 -7.15 -16.00 -16.19
C GLY E 369 -8.02 -16.09 -14.95
N GLU E 370 -8.98 -17.01 -15.01
CA GLU E 370 -9.89 -17.19 -13.87
C GLU E 370 -9.15 -17.63 -12.63
N ASP E 371 -8.15 -18.50 -12.78
CA ASP E 371 -7.40 -19.05 -11.65
C ASP E 371 -6.26 -18.15 -11.20
N GLY E 372 -6.11 -16.96 -11.77
CA GLY E 372 -5.06 -16.05 -11.35
C GLY E 372 -3.72 -16.28 -12.00
N VAL E 373 -3.62 -17.14 -13.00
CA VAL E 373 -2.39 -17.31 -13.75
C VAL E 373 -2.58 -16.62 -15.10
N PRO E 374 -1.52 -16.12 -15.73
CA PRO E 374 -1.68 -15.37 -16.98
C PRO E 374 -2.27 -16.24 -18.08
N GLU E 375 -3.09 -15.62 -18.92
CA GLU E 375 -3.66 -16.30 -20.07
C GLU E 375 -2.53 -16.70 -21.02
N VAL E 376 -2.71 -17.84 -21.67
CA VAL E 376 -1.73 -18.32 -22.63
C VAL E 376 -2.25 -18.03 -24.04
N ARG E 377 -1.47 -17.27 -24.80
CA ARG E 377 -1.77 -16.95 -26.18
C ARG E 377 -0.91 -17.82 -27.09
N GLU E 378 -1.48 -18.28 -28.19
CA GLU E 378 -0.73 -19.11 -29.11
C GLU E 378 0.07 -18.24 -30.08
N VAL E 379 1.21 -18.75 -30.50
CA VAL E 379 2.03 -18.06 -31.49
C VAL E 379 1.44 -18.33 -32.87
N LYS E 380 1.16 -17.26 -33.61
CA LYS E 380 0.50 -17.36 -34.91
C LYS E 380 1.55 -17.33 -36.02
N GLY E 381 1.58 -18.40 -36.82
CA GLY E 381 2.44 -18.44 -37.99
C GLY E 381 3.91 -18.67 -37.67
N GLU E 382 4.73 -18.44 -38.67
CA GLU E 382 6.17 -18.64 -38.59
C GLU E 382 6.89 -17.32 -38.86
N PHE E 383 8.22 -17.34 -38.74
CA PHE E 383 9.02 -16.14 -38.88
C PHE E 383 10.26 -16.44 -39.70
N THR E 384 10.83 -15.39 -40.29
CA THR E 384 11.99 -15.48 -41.14
C THR E 384 12.74 -14.15 -41.07
N ILE E 385 13.84 -14.06 -41.83
CA ILE E 385 14.61 -12.82 -41.90
C ILE E 385 14.01 -11.92 -42.97
N GLU E 386 14.20 -10.61 -42.79
CA GLU E 386 13.67 -9.63 -43.71
C GLU E 386 14.25 -9.83 -45.11
N GLY E 387 13.38 -9.74 -46.11
CA GLY E 387 13.77 -9.89 -47.51
C GLY E 387 13.77 -11.31 -48.04
N ASP E 388 14.23 -12.25 -47.23
CA ASP E 388 14.31 -13.65 -47.63
C ASP E 388 12.93 -14.23 -47.90
N GLU E 389 12.65 -14.54 -49.17
CA GLU E 389 11.45 -15.25 -49.55
C GLU E 389 11.69 -16.75 -49.71
N GLY E 390 12.84 -17.24 -49.24
CA GLY E 390 13.14 -18.66 -49.26
C GLY E 390 12.59 -19.37 -48.06
N PRO E 391 12.94 -20.64 -47.89
CA PRO E 391 12.37 -21.47 -46.84
C PRO E 391 12.98 -21.29 -45.46
N LEU E 392 13.87 -20.32 -45.27
CA LEU E 392 14.50 -20.11 -43.97
C LEU E 392 13.47 -19.67 -42.95
N ARG E 393 13.58 -20.22 -41.74
CA ARG E 393 12.64 -19.91 -40.68
C ARG E 393 13.39 -19.71 -39.37
N ILE E 394 12.83 -18.86 -38.51
CA ILE E 394 13.37 -18.61 -37.17
C ILE E 394 12.27 -18.86 -36.16
N LYS E 395 12.60 -19.58 -35.09
CA LYS E 395 11.67 -19.85 -34.01
C LYS E 395 12.35 -19.51 -32.69
N ALA E 396 11.69 -18.68 -31.89
CA ALA E 396 12.17 -18.38 -30.55
C ALA E 396 11.86 -19.54 -29.61
N VAL E 397 12.85 -19.94 -28.81
CA VAL E 397 12.66 -21.03 -27.85
C VAL E 397 12.99 -20.51 -26.46
N PRO E 398 12.01 -20.00 -25.71
CA PRO E 398 12.29 -19.44 -24.38
C PRO E 398 12.89 -20.48 -23.46
N PRO E 399 13.97 -20.14 -22.76
CA PRO E 399 14.53 -21.06 -21.78
C PRO E 399 13.59 -21.23 -20.60
N ALA E 400 13.69 -22.41 -19.95
CA ALA E 400 12.82 -22.70 -18.83
C ALA E 400 13.03 -21.72 -17.68
N TRP E 401 14.28 -21.38 -17.40
CA TRP E 401 14.56 -20.43 -16.32
C TRP E 401 13.95 -19.07 -16.60
N LEU E 402 14.06 -18.59 -17.85
CA LEU E 402 13.48 -17.30 -18.20
C LEU E 402 11.97 -17.34 -18.09
N ARG E 403 11.34 -18.43 -18.52
CA ARG E 403 9.89 -18.56 -18.43
C ARG E 403 9.43 -18.52 -16.98
N ARG E 404 10.13 -19.24 -16.09
CA ARG E 404 9.76 -19.24 -14.68
C ARG E 404 9.94 -17.85 -14.07
N GLU E 405 11.05 -17.18 -14.39
CA GLU E 405 11.31 -15.88 -13.78
C GLU E 405 10.36 -14.82 -14.30
N LEU E 406 9.99 -14.88 -15.58
CA LEU E 406 8.99 -13.96 -16.11
C LEU E 406 7.64 -14.20 -15.45
N MET E 407 7.33 -15.47 -15.13
CA MET E 407 6.11 -15.76 -14.38
C MET E 407 6.14 -15.07 -13.02
N GLU E 408 7.29 -15.09 -12.34
CA GLU E 408 7.40 -14.44 -11.04
C GLU E 408 7.21 -12.93 -11.16
N LYS E 409 7.87 -12.30 -12.14
CA LYS E 409 7.72 -10.87 -12.33
C LYS E 409 6.30 -10.51 -12.74
N TRP E 410 5.63 -11.39 -13.48
CA TRP E 410 4.22 -11.17 -13.79
C TRP E 410 3.38 -11.19 -12.51
N GLU E 411 3.66 -12.11 -11.60
CA GLU E 411 2.89 -12.19 -10.36
C GLU E 411 3.09 -10.95 -9.50
N VAL E 412 4.33 -10.47 -9.39
CA VAL E 412 4.61 -9.28 -8.60
C VAL E 412 3.93 -8.06 -9.22
N LYS E 413 3.99 -7.96 -10.55
CA LYS E 413 3.36 -6.84 -11.24
C LYS E 413 1.85 -6.90 -11.18
N ASN E 414 1.28 -8.11 -11.12
CA ASN E 414 -0.16 -8.26 -11.07
C ASN E 414 -0.73 -7.82 -9.72
N GLU E 415 0.01 -8.05 -8.64
CA GLU E 415 -0.46 -7.68 -7.30
C GLU E 415 0.02 -6.29 -6.92
N PRO F 29 -39.83 -34.44 -9.20
CA PRO F 29 -40.62 -35.22 -10.16
C PRO F 29 -41.57 -34.37 -11.00
N SER F 30 -42.54 -33.74 -10.35
CA SER F 30 -43.52 -32.93 -11.05
C SER F 30 -43.02 -31.50 -11.20
N ILE F 31 -43.64 -30.77 -12.12
CA ILE F 31 -43.23 -29.42 -12.49
C ILE F 31 -44.19 -28.44 -11.82
N PRO F 32 -43.71 -27.46 -11.06
CA PRO F 32 -44.62 -26.53 -10.38
C PRO F 32 -45.54 -25.82 -11.37
N SER F 33 -46.83 -25.76 -11.01
CA SER F 33 -47.81 -25.13 -11.89
C SER F 33 -47.64 -23.62 -11.94
N SER F 34 -47.07 -23.03 -10.91
CA SER F 34 -46.82 -21.60 -10.87
C SER F 34 -45.71 -21.34 -9.86
N TYR F 35 -45.24 -20.10 -9.84
CA TYR F 35 -44.20 -19.71 -8.89
C TYR F 35 -44.84 -19.39 -7.55
N ALA F 36 -44.25 -19.91 -6.47
CA ALA F 36 -44.73 -19.63 -5.13
C ALA F 36 -43.80 -18.64 -4.46
N PRO F 37 -44.19 -17.38 -4.29
CA PRO F 37 -43.31 -16.42 -3.62
C PRO F 37 -43.05 -16.74 -2.17
N SER F 38 -43.89 -17.57 -1.54
CA SER F 38 -43.69 -17.97 -0.16
C SER F 38 -44.12 -19.42 -0.01
N GLY F 39 -43.55 -20.08 0.99
CA GLY F 39 -43.86 -21.47 1.23
C GLY F 39 -42.84 -22.09 2.17
N ILE F 40 -43.04 -23.38 2.43
CA ILE F 40 -42.14 -24.18 3.25
C ILE F 40 -42.12 -25.59 2.67
N SER F 41 -40.93 -26.19 2.62
CA SER F 41 -40.77 -27.48 1.96
C SER F 41 -39.86 -28.39 2.76
N HIS F 42 -40.20 -29.68 2.80
CA HIS F 42 -39.32 -30.71 3.32
C HIS F 42 -38.23 -31.00 2.30
N LEU F 43 -36.98 -30.74 2.67
CA LEU F 43 -35.85 -30.94 1.76
C LEU F 43 -35.43 -32.40 1.81
N LEU F 44 -36.11 -33.21 1.01
CA LEU F 44 -35.83 -34.65 0.97
C LEU F 44 -34.46 -34.94 0.38
N SER F 45 -33.94 -34.04 -0.45
CA SER F 45 -32.65 -34.23 -1.09
C SER F 45 -31.48 -33.89 -0.18
N ARG F 46 -31.74 -33.37 1.02
CA ARG F 46 -30.71 -32.98 1.96
C ARG F 46 -30.76 -33.87 3.19
N GLN F 47 -29.60 -34.15 3.77
CA GLN F 47 -29.50 -34.93 4.99
C GLN F 47 -28.39 -34.36 5.85
N LEU F 48 -28.52 -34.57 7.16
CA LEU F 48 -27.56 -34.08 8.14
C LEU F 48 -26.57 -35.16 8.54
N VAL F 49 -25.35 -34.73 8.82
CA VAL F 49 -24.29 -35.56 9.38
C VAL F 49 -23.81 -34.86 10.65
N VAL F 50 -23.53 -35.64 11.69
CA VAL F 50 -23.10 -35.07 12.97
C VAL F 50 -21.62 -35.33 13.14
N VAL F 51 -20.88 -34.27 13.49
CA VAL F 51 -19.45 -34.32 13.74
C VAL F 51 -19.22 -33.83 15.17
N TYR F 52 -18.56 -34.65 15.98
CA TYR F 52 -18.39 -34.33 17.38
C TYR F 52 -17.10 -34.94 17.89
N GLY F 53 -16.68 -34.47 19.06
CA GLY F 53 -15.44 -34.91 19.66
C GLY F 53 -14.60 -33.73 20.13
N PRO F 54 -13.54 -34.03 20.89
CA PRO F 54 -12.67 -32.95 21.39
C PRO F 54 -12.09 -32.07 20.29
N ASP F 55 -11.74 -32.64 19.14
CA ASP F 55 -11.07 -31.91 18.08
C ASP F 55 -12.00 -31.52 16.94
N ALA F 56 -13.31 -31.60 17.14
CA ALA F 56 -14.25 -31.39 16.03
C ALA F 56 -14.11 -30.01 15.42
N ALA F 57 -14.07 -28.96 16.26
CA ALA F 57 -13.98 -27.61 15.73
C ALA F 57 -12.69 -27.39 14.96
N LYS F 58 -11.56 -27.79 15.55
CA LYS F 58 -10.28 -27.60 14.88
C LYS F 58 -10.21 -28.40 13.59
N TYR F 59 -10.72 -29.64 13.62
CA TYR F 59 -10.70 -30.49 12.43
C TYR F 59 -11.60 -29.92 11.33
N LEU F 60 -12.78 -29.43 11.70
CA LEU F 60 -13.66 -28.81 10.72
C LEU F 60 -13.03 -27.55 10.12
N GLN F 61 -12.30 -26.79 10.95
CA GLN F 61 -11.74 -25.51 10.50
C GLN F 61 -10.77 -25.70 9.34
N GLY F 62 -9.97 -26.77 9.38
CA GLY F 62 -9.07 -27.06 8.27
C GLY F 62 -9.73 -27.73 7.08
N MET F 63 -11.03 -28.00 7.15
CA MET F 63 -11.73 -28.75 6.13
C MET F 63 -12.72 -27.91 5.32
N VAL F 64 -13.33 -26.90 5.91
CA VAL F 64 -14.39 -26.15 5.26
C VAL F 64 -13.90 -24.75 4.95
N THR F 65 -14.60 -24.10 4.01
CA THR F 65 -14.24 -22.76 3.58
C THR F 65 -14.70 -21.68 4.55
N ALA F 66 -15.66 -21.98 5.40
CA ALA F 66 -16.17 -20.99 6.34
C ALA F 66 -15.38 -21.02 7.64
N ASN F 67 -15.46 -19.92 8.38
CA ASN F 67 -14.80 -19.82 9.68
C ASN F 67 -15.64 -20.53 10.71
N VAL F 68 -15.06 -21.55 11.37
CA VAL F 68 -15.77 -22.23 12.44
C VAL F 68 -15.81 -21.39 13.70
N TYR F 69 -14.79 -20.54 13.91
CA TYR F 69 -14.68 -19.73 15.10
C TYR F 69 -15.24 -18.33 14.86
N MET F 70 -15.49 -17.62 15.96
CA MET F 70 -15.96 -16.25 15.87
C MET F 70 -14.83 -15.32 15.48
N PRO F 71 -15.13 -14.27 14.71
CA PRO F 71 -14.09 -13.30 14.34
C PRO F 71 -13.52 -12.61 15.58
N GLY F 72 -12.20 -12.37 15.54
CA GLY F 72 -11.52 -11.82 16.69
C GLY F 72 -11.16 -12.85 17.75
N SER F 73 -11.39 -14.14 17.49
CA SER F 73 -11.04 -15.19 18.42
C SER F 73 -10.65 -16.43 17.64
N GLY F 74 -9.57 -17.08 18.04
CA GLY F 74 -9.15 -18.31 17.41
C GLY F 74 -9.64 -19.57 18.10
N SER F 75 -10.41 -19.44 19.18
CA SER F 75 -10.83 -20.60 19.96
C SER F 75 -12.33 -20.70 20.17
N MET F 76 -13.06 -19.58 20.18
CA MET F 76 -14.47 -19.61 20.53
C MET F 76 -15.30 -19.97 19.31
N VAL F 77 -15.97 -21.13 19.39
CA VAL F 77 -16.77 -21.64 18.29
C VAL F 77 -17.96 -20.72 18.05
N ARG F 78 -18.29 -20.51 16.78
CA ARG F 78 -19.48 -19.74 16.42
C ARG F 78 -20.73 -20.39 17.02
N THR F 79 -21.56 -19.56 17.65
CA THR F 79 -22.87 -19.99 18.10
C THR F 79 -23.98 -19.53 17.16
N ASP F 80 -23.64 -19.01 15.99
CA ASP F 80 -24.64 -18.75 14.97
C ASP F 80 -25.37 -20.04 14.63
N ARG F 81 -26.70 -19.99 14.62
CA ARG F 81 -27.49 -21.22 14.56
C ARG F 81 -27.27 -22.00 13.27
N GLY F 82 -26.74 -21.36 12.24
CA GLY F 82 -26.42 -22.06 11.02
C GLY F 82 -25.73 -21.16 10.02
N TYR F 83 -24.77 -21.69 9.27
CA TYR F 83 -24.09 -20.89 8.27
C TYR F 83 -23.69 -21.77 7.09
N TYR F 84 -23.56 -21.10 5.94
CA TYR F 84 -23.21 -21.75 4.69
C TYR F 84 -21.71 -21.99 4.61
N ALA F 85 -21.34 -23.07 3.95
CA ALA F 85 -19.93 -23.44 3.83
C ALA F 85 -19.78 -24.42 2.68
N ALA F 86 -18.51 -24.72 2.36
CA ALA F 86 -18.21 -25.73 1.37
C ALA F 86 -16.98 -26.50 1.81
N LEU F 87 -16.92 -27.77 1.43
CA LEU F 87 -15.70 -28.57 1.49
C LEU F 87 -15.09 -28.59 0.10
N LEU F 88 -13.80 -28.30 0.01
CA LEU F 88 -13.10 -28.30 -1.26
C LEU F 88 -12.12 -29.47 -1.34
N THR F 89 -11.74 -29.79 -2.57
CA THR F 89 -10.64 -30.70 -2.82
C THR F 89 -9.32 -29.95 -2.68
N GLY F 90 -8.21 -30.72 -2.71
CA GLY F 90 -6.90 -30.10 -2.67
C GLY F 90 -6.65 -29.18 -3.84
N GLN F 91 -7.34 -29.41 -4.96
CA GLN F 91 -7.24 -28.58 -6.15
C GLN F 91 -8.21 -27.40 -6.11
N GLY F 92 -8.89 -27.19 -4.99
CA GLY F 92 -9.77 -26.05 -4.85
C GLY F 92 -11.12 -26.18 -5.51
N ARG F 93 -11.51 -27.38 -5.93
CA ARG F 93 -12.82 -27.58 -6.53
C ARG F 93 -13.83 -27.99 -5.46
N VAL F 94 -15.11 -27.72 -5.73
CA VAL F 94 -16.14 -27.98 -4.75
C VAL F 94 -16.30 -29.49 -4.56
N LEU F 95 -16.27 -29.93 -3.31
CA LEU F 95 -16.50 -31.32 -2.96
C LEU F 95 -17.90 -31.53 -2.41
N TYR F 96 -18.29 -30.75 -1.40
CA TYR F 96 -19.65 -30.73 -0.90
C TYR F 96 -20.00 -29.28 -0.56
N ASP F 97 -21.21 -28.88 -0.92
CA ASP F 97 -21.77 -27.61 -0.48
C ASP F 97 -22.71 -27.91 0.69
N VAL F 98 -22.44 -27.30 1.84
CA VAL F 98 -23.07 -27.69 3.09
C VAL F 98 -23.57 -26.47 3.85
N PHE F 99 -24.44 -26.74 4.81
CA PHE F 99 -24.74 -25.83 5.91
C PHE F 99 -24.22 -26.44 7.20
N ILE F 100 -23.68 -25.61 8.08
CA ILE F 100 -23.11 -26.07 9.35
C ILE F 100 -23.95 -25.49 10.48
N TYR F 101 -24.52 -26.37 11.30
CA TYR F 101 -25.32 -25.96 12.45
C TYR F 101 -24.60 -26.35 13.72
N PRO F 102 -24.01 -25.41 14.45
CA PRO F 102 -23.42 -25.75 15.75
C PRO F 102 -24.45 -26.34 16.69
N LEU F 103 -24.06 -27.40 17.38
CA LEU F 103 -24.96 -28.20 18.23
C LEU F 103 -24.45 -28.13 19.66
N THR F 104 -25.13 -27.36 20.50
CA THR F 104 -24.72 -27.20 21.90
C THR F 104 -25.86 -27.43 22.87
N ASP F 105 -27.10 -27.13 22.45
CA ASP F 105 -28.23 -27.00 23.37
C ASP F 105 -29.03 -28.29 23.39
N SER F 106 -28.52 -29.27 24.12
CA SER F 106 -29.31 -30.39 24.68
C SER F 106 -30.29 -31.01 23.67
N LYS F 107 -30.04 -30.86 22.37
CA LYS F 107 -30.85 -31.48 21.34
C LYS F 107 -30.25 -32.81 20.87
N HIS F 108 -29.34 -33.37 21.66
CA HIS F 108 -28.58 -34.53 21.24
C HIS F 108 -29.43 -35.78 21.41
N LEU F 109 -29.82 -36.39 20.29
CA LEU F 109 -30.60 -37.61 20.30
C LEU F 109 -29.67 -38.83 20.33
N GLY F 120 -15.84 -32.04 23.58
CA GLY F 120 -15.50 -30.81 22.89
C GLY F 120 -16.70 -30.05 22.35
N ALA F 121 -16.92 -30.15 21.05
CA ALA F 121 -18.03 -29.48 20.39
C ALA F 121 -18.67 -30.43 19.39
N ALA F 122 -19.92 -30.13 19.02
CA ALA F 122 -20.69 -30.94 18.09
C ALA F 122 -21.23 -30.07 16.97
N PHE F 123 -21.22 -30.62 15.76
CA PHE F 123 -21.69 -29.91 14.57
C PHE F 123 -22.59 -30.81 13.75
N LEU F 124 -23.70 -30.25 13.27
CA LEU F 124 -24.54 -30.89 12.27
C LEU F 124 -24.18 -30.31 10.91
N ILE F 125 -23.82 -31.18 9.97
CA ILE F 125 -23.43 -30.76 8.63
C ILE F 125 -24.48 -31.26 7.65
N GLU F 126 -25.09 -30.34 6.92
CA GLU F 126 -26.17 -30.65 5.99
C GLU F 126 -25.59 -30.78 4.59
N VAL F 127 -25.74 -31.97 3.99
CA VAL F 127 -25.18 -32.26 2.68
C VAL F 127 -26.28 -32.92 1.85
N ASP F 128 -26.00 -33.09 0.56
CA ASP F 128 -26.88 -33.85 -0.32
C ASP F 128 -27.10 -35.24 0.24
N LYS F 129 -28.35 -35.72 0.17
CA LYS F 129 -28.70 -37.01 0.72
C LYS F 129 -27.91 -38.13 0.05
N ASP F 130 -27.69 -38.02 -1.26
CA ASP F 130 -26.86 -39.00 -1.96
C ASP F 130 -25.41 -38.97 -1.51
N GLN F 131 -24.96 -37.86 -0.93
CA GLN F 131 -23.57 -37.67 -0.56
C GLN F 131 -23.30 -37.87 0.92
N ALA F 132 -24.34 -38.16 1.71
CA ALA F 132 -24.17 -38.17 3.17
C ALA F 132 -23.18 -39.25 3.60
N GLY F 133 -23.36 -40.47 3.12
CA GLY F 133 -22.43 -41.54 3.47
C GLY F 133 -21.02 -41.28 2.97
N LEU F 134 -20.90 -40.72 1.76
CA LEU F 134 -19.59 -40.38 1.23
C LEU F 134 -18.92 -39.28 2.06
N LEU F 135 -19.72 -38.33 2.54
CA LEU F 135 -19.16 -37.27 3.39
C LEU F 135 -18.63 -37.85 4.70
N VAL F 136 -19.38 -38.78 5.32
CA VAL F 136 -18.92 -39.40 6.55
C VAL F 136 -17.61 -40.14 6.31
N ASP F 137 -17.52 -40.87 5.20
CA ASP F 137 -16.28 -41.59 4.88
C ASP F 137 -15.13 -40.61 4.65
N HIS F 138 -15.41 -39.49 3.97
CA HIS F 138 -14.37 -38.49 3.74
C HIS F 138 -13.88 -37.92 5.06
N ILE F 139 -14.82 -37.59 5.96
CA ILE F 139 -14.43 -37.02 7.25
C ILE F 139 -13.67 -38.05 8.07
N LYS F 140 -14.06 -39.33 7.96
CA LYS F 140 -13.40 -40.38 8.73
C LYS F 140 -11.95 -40.58 8.29
N ARG F 141 -11.71 -40.68 6.99
CA ARG F 141 -10.41 -41.14 6.51
C ARG F 141 -9.32 -40.07 6.64
N TYR F 142 -9.68 -38.80 6.77
CA TYR F 142 -8.68 -37.73 6.88
C TYR F 142 -8.40 -37.34 8.32
N ARG F 143 -9.01 -38.02 9.30
CA ARG F 143 -8.83 -37.66 10.71
C ARG F 143 -7.39 -37.85 11.17
N VAL F 144 -6.78 -38.97 10.79
CA VAL F 144 -5.51 -39.41 11.35
C VAL F 144 -5.66 -39.49 12.86
N ARG F 145 -5.16 -38.48 13.57
CA ARG F 145 -5.19 -38.51 15.03
C ARG F 145 -6.26 -37.62 15.64
N ALA F 146 -7.02 -36.90 14.82
CA ALA F 146 -8.04 -35.99 15.33
C ALA F 146 -9.08 -36.75 16.13
N LYS F 147 -9.28 -36.34 17.39
CA LYS F 147 -10.30 -36.96 18.24
C LYS F 147 -11.67 -36.47 17.77
N VAL F 148 -12.12 -37.08 16.68
CA VAL F 148 -13.36 -36.68 16.02
C VAL F 148 -14.18 -37.93 15.71
N LYS F 149 -15.48 -37.85 15.97
CA LYS F 149 -16.42 -38.90 15.57
C LYS F 149 -17.47 -38.31 14.65
N VAL F 150 -17.98 -39.15 13.74
CA VAL F 150 -18.87 -38.69 12.69
C VAL F 150 -19.80 -39.84 12.30
N LYS F 151 -21.07 -39.51 12.06
CA LYS F 151 -22.03 -40.49 11.59
C LYS F 151 -23.19 -39.76 10.92
N VAL F 152 -23.94 -40.51 10.11
CA VAL F 152 -25.13 -39.94 9.47
C VAL F 152 -26.24 -39.82 10.51
N VAL F 153 -27.10 -38.83 10.31
CA VAL F 153 -28.29 -38.64 11.14
C VAL F 153 -29.50 -39.09 10.32
N ASP F 154 -30.29 -40.00 10.89
CA ASP F 154 -31.49 -40.47 10.19
C ASP F 154 -32.43 -39.30 9.93
N VAL F 155 -33.01 -39.28 8.73
CA VAL F 155 -33.96 -38.24 8.37
C VAL F 155 -35.16 -38.26 9.30
N GLU F 156 -35.42 -39.39 9.97
CA GLU F 156 -36.50 -39.45 10.94
C GLU F 156 -36.15 -38.66 12.20
N GLU F 157 -34.89 -38.70 12.65
CA GLU F 157 -34.51 -38.02 13.88
C GLU F 157 -34.49 -36.51 13.67
N VAL F 158 -33.72 -36.03 12.71
CA VAL F 158 -33.68 -34.61 12.36
C VAL F 158 -33.93 -34.48 10.87
N ALA F 159 -34.88 -33.63 10.50
CA ALA F 159 -35.25 -33.42 9.11
C ALA F 159 -34.95 -31.98 8.71
N VAL F 160 -34.54 -31.81 7.45
CA VAL F 160 -34.16 -30.51 6.91
C VAL F 160 -35.36 -29.92 6.18
N TRP F 161 -35.82 -28.77 6.64
CA TRP F 161 -36.87 -28.00 5.99
C TRP F 161 -36.31 -26.66 5.58
N HIS F 162 -37.08 -25.95 4.75
CA HIS F 162 -36.72 -24.60 4.34
C HIS F 162 -38.01 -23.83 4.08
N ALA F 163 -38.08 -22.61 4.60
CA ALA F 163 -39.22 -21.74 4.39
C ALA F 163 -38.74 -20.42 3.81
N TRP F 164 -39.59 -19.81 2.98
CA TRP F 164 -39.27 -18.53 2.36
C TRP F 164 -40.53 -17.69 2.29
N ASP F 165 -40.35 -16.37 2.42
CA ASP F 165 -41.41 -15.39 2.26
C ASP F 165 -40.81 -13.99 2.11
N PRO F 166 -41.43 -13.09 1.32
CA PRO F 166 -40.85 -11.74 1.18
C PRO F 166 -40.77 -10.97 2.48
N ASN F 167 -41.68 -11.21 3.43
CA ASN F 167 -41.68 -10.50 4.69
C ASN F 167 -40.89 -11.23 5.79
N GLY F 168 -39.96 -12.10 5.41
CA GLY F 168 -38.97 -12.65 6.34
C GLY F 168 -39.49 -13.55 7.44
N LEU F 169 -38.56 -14.25 8.11
CA LEU F 169 -38.87 -15.11 9.24
C LEU F 169 -37.82 -14.86 10.31
N GLY F 170 -37.80 -15.70 11.34
CA GLY F 170 -36.99 -15.43 12.50
C GLY F 170 -35.85 -16.39 12.80
N GLU F 171 -34.96 -15.97 13.69
CA GLU F 171 -33.82 -16.78 14.15
C GLU F 171 -34.25 -17.42 15.47
N ALA F 172 -34.93 -18.56 15.38
CA ALA F 172 -35.63 -19.15 16.53
C ALA F 172 -35.20 -20.59 16.73
N SER F 173 -34.56 -20.87 17.86
CA SER F 173 -34.34 -22.24 18.34
C SER F 173 -35.32 -22.50 19.48
N VAL F 174 -36.57 -22.79 19.11
CA VAL F 174 -37.62 -23.13 20.07
C VAL F 174 -37.85 -24.63 19.99
N ASN F 175 -38.55 -25.17 20.99
CA ASN F 175 -38.63 -26.62 21.19
C ASN F 175 -38.96 -27.37 19.91
N ASP F 176 -38.03 -28.23 19.50
CA ASP F 176 -38.07 -29.13 18.35
C ASP F 176 -37.81 -28.44 17.01
N LEU F 177 -37.66 -27.11 16.97
CA LEU F 177 -37.46 -26.39 15.71
C LEU F 177 -36.28 -25.44 15.83
N LEU F 178 -35.29 -25.63 14.97
CA LEU F 178 -34.20 -24.68 14.79
C LEU F 178 -34.46 -23.93 13.48
N VAL F 179 -34.65 -22.62 13.58
CA VAL F 179 -34.87 -21.78 12.42
C VAL F 179 -33.74 -20.77 12.35
N THR F 180 -33.07 -20.70 11.19
CA THR F 180 -31.94 -19.80 11.02
C THR F 180 -31.92 -19.30 9.58
N PRO F 181 -31.54 -18.04 9.36
CA PRO F 181 -31.61 -17.49 8.00
C PRO F 181 -30.63 -18.16 7.05
N ASP F 182 -31.06 -18.26 5.78
CA ASP F 182 -30.19 -18.65 4.68
C ASP F 182 -29.64 -17.36 4.09
N CYS F 183 -28.38 -17.06 4.40
CA CYS F 183 -27.78 -15.78 4.05
C CYS F 183 -27.10 -15.79 2.68
N ARG F 184 -27.34 -16.83 1.87
CA ARG F 184 -26.75 -16.88 0.54
C ARG F 184 -27.28 -15.74 -0.33
N THR F 185 -28.56 -15.41 -0.19
CA THR F 185 -29.17 -14.23 -0.79
C THR F 185 -30.07 -13.57 0.26
N PRO F 186 -30.40 -12.29 0.06
CA PRO F 186 -31.30 -11.63 1.03
C PRO F 186 -32.68 -12.26 1.11
N ALA F 187 -33.12 -12.98 0.09
CA ALA F 187 -34.48 -13.52 0.04
C ALA F 187 -34.51 -15.04 -0.11
N MET F 188 -33.42 -15.72 0.22
CA MET F 188 -33.43 -17.19 0.16
C MET F 188 -34.40 -17.78 1.16
N GLY F 189 -34.55 -17.16 2.33
CA GLY F 189 -35.42 -17.68 3.36
C GLY F 189 -34.66 -18.16 4.56
N SER F 190 -35.18 -19.18 5.25
CA SER F 190 -34.56 -19.70 6.45
C SER F 190 -34.50 -21.22 6.39
N ARG F 191 -33.33 -21.78 6.69
CA ARG F 191 -33.24 -23.22 6.91
C ARG F 191 -33.93 -23.59 8.22
N ILE F 192 -34.59 -24.74 8.22
CA ILE F 192 -35.34 -25.20 9.39
C ILE F 192 -34.96 -26.65 9.65
N LEU F 193 -34.52 -26.94 10.87
CA LEU F 193 -34.23 -28.29 11.33
C LEU F 193 -35.34 -28.73 12.27
N HIS F 194 -35.92 -29.89 11.99
CA HIS F 194 -37.00 -30.46 12.80
C HIS F 194 -36.41 -31.60 13.62
N PHE F 195 -36.33 -31.42 14.93
CA PHE F 195 -35.80 -32.43 15.83
C PHE F 195 -36.93 -33.31 16.34
N GLY F 196 -36.64 -34.13 17.34
CA GLY F 196 -37.65 -35.00 17.91
C GLY F 196 -37.90 -36.25 17.09
N GLY F 197 -39.06 -36.35 16.46
CA GLY F 197 -39.43 -37.52 15.68
C GLY F 197 -40.42 -37.21 14.58
N PRO F 198 -40.85 -38.25 13.86
CA PRO F 198 -41.76 -38.04 12.73
C PRO F 198 -43.19 -37.78 13.18
N ASP F 199 -44.01 -37.39 12.19
CA ASP F 199 -45.42 -37.02 12.27
C ASP F 199 -45.79 -36.25 13.55
N GLY F 200 -44.92 -35.35 13.97
CA GLY F 200 -45.28 -34.34 14.94
C GLY F 200 -46.11 -33.24 14.29
N ASN F 201 -46.43 -32.22 15.06
CA ASN F 201 -47.19 -31.08 14.55
C ASN F 201 -46.39 -29.78 14.57
N ALA F 202 -45.06 -29.86 14.71
CA ALA F 202 -44.25 -28.65 14.79
C ALA F 202 -44.23 -27.90 13.47
N ILE F 203 -44.01 -28.62 12.37
CA ILE F 203 -43.87 -27.96 11.07
C ILE F 203 -45.20 -27.35 10.63
N GLN F 204 -46.29 -28.12 10.73
CA GLN F 204 -47.58 -27.63 10.29
C GLN F 204 -48.03 -26.43 11.12
N ASN F 205 -47.77 -26.46 12.43
CA ASN F 205 -48.07 -25.30 13.27
C ASN F 205 -47.20 -24.11 12.90
N PHE F 206 -45.93 -24.35 12.56
CA PHE F 206 -45.08 -23.27 12.11
C PHE F 206 -45.59 -22.66 10.82
N ALA F 207 -46.00 -23.51 9.85
CA ALA F 207 -46.52 -23.00 8.59
C ALA F 207 -47.82 -22.22 8.81
N GLU F 208 -48.68 -22.72 9.70
CA GLU F 208 -49.92 -22.01 10.02
C GLU F 208 -49.63 -20.66 10.67
N ARG F 209 -48.69 -20.64 11.62
CA ARG F 209 -48.35 -19.39 12.31
C ARG F 209 -47.75 -18.38 11.36
N CYS F 210 -46.87 -18.82 10.47
CA CYS F 210 -46.22 -17.94 9.50
C CYS F 210 -47.01 -17.79 8.20
N GLN F 211 -48.19 -18.39 8.12
CA GLN F 211 -49.07 -18.29 6.94
C GLN F 211 -48.34 -18.74 5.67
N LEU F 212 -47.67 -19.88 5.76
CA LEU F 212 -46.96 -20.45 4.64
C LEU F 212 -47.67 -21.70 4.14
N GLN F 213 -47.68 -21.90 2.83
CA GLN F 213 -48.20 -23.13 2.25
C GLN F 213 -47.12 -24.20 2.27
N VAL F 214 -47.46 -25.37 2.77
CA VAL F 214 -46.55 -26.51 2.75
C VAL F 214 -46.50 -27.04 1.32
N LEU F 215 -45.29 -27.04 0.73
CA LEU F 215 -45.17 -27.38 -0.68
C LEU F 215 -44.12 -28.46 -0.90
N PRO F 216 -44.23 -29.25 -1.95
CA PRO F 216 -43.18 -30.21 -2.25
C PRO F 216 -41.89 -29.50 -2.64
N GLN F 217 -40.80 -30.28 -2.59
CA GLN F 217 -39.44 -29.71 -2.69
C GLN F 217 -39.26 -28.88 -3.95
N GLU F 218 -39.92 -29.25 -5.05
CA GLU F 218 -39.66 -28.61 -6.33
C GLU F 218 -40.05 -27.14 -6.32
N TYR F 219 -40.96 -26.74 -5.44
CA TYR F 219 -41.24 -25.31 -5.28
C TYR F 219 -40.08 -24.59 -4.63
N TYR F 220 -39.40 -25.26 -3.69
CA TYR F 220 -38.17 -24.70 -3.12
C TYR F 220 -37.07 -24.60 -4.18
N VAL F 221 -36.93 -25.64 -5.01
CA VAL F 221 -35.93 -25.60 -6.09
C VAL F 221 -36.23 -24.44 -7.02
N LEU F 222 -37.49 -24.24 -7.37
CA LEU F 222 -37.86 -23.09 -8.20
C LEU F 222 -37.51 -21.78 -7.50
N HIS F 223 -37.78 -21.68 -6.20
CA HIS F 223 -37.36 -20.50 -5.45
C HIS F 223 -35.84 -20.33 -5.48
N ARG F 224 -35.11 -21.44 -5.29
CA ARG F 224 -33.65 -21.39 -5.38
C ARG F 224 -33.21 -20.86 -6.74
N ILE F 225 -33.80 -21.37 -7.82
CA ILE F 225 -33.38 -20.99 -9.16
C ILE F 225 -33.60 -19.49 -9.39
N THR F 226 -34.79 -19.00 -9.02
CA THR F 226 -35.09 -17.58 -9.21
C THR F 226 -34.20 -16.69 -8.35
N GLN F 227 -33.62 -17.21 -7.28
CA GLN F 227 -32.62 -16.49 -6.52
C GLN F 227 -31.22 -16.64 -7.09
N GLY F 228 -31.03 -17.56 -8.04
CA GLY F 228 -29.71 -17.77 -8.62
C GLY F 228 -28.77 -18.60 -7.78
N VAL F 229 -29.29 -19.46 -6.92
CA VAL F 229 -28.49 -20.23 -5.97
C VAL F 229 -28.39 -21.66 -6.49
N PRO F 230 -27.19 -22.15 -6.83
CA PRO F 230 -27.02 -23.58 -7.05
C PRO F 230 -26.86 -24.34 -5.75
N GLU F 231 -27.28 -25.60 -5.76
CA GLU F 231 -27.24 -26.41 -4.55
C GLU F 231 -27.15 -27.88 -4.94
N GLY F 232 -26.38 -28.64 -4.16
CA GLY F 232 -26.25 -30.07 -4.38
C GLY F 232 -25.23 -30.42 -5.43
N GLN F 233 -24.95 -31.72 -5.54
CA GLN F 233 -23.91 -32.21 -6.42
C GLN F 233 -24.43 -32.56 -7.81
N THR F 234 -25.72 -32.40 -8.08
CA THR F 234 -26.20 -32.44 -9.45
C THR F 234 -25.96 -31.11 -10.16
N GLU F 235 -25.87 -30.02 -9.41
CA GLU F 235 -25.63 -28.69 -9.94
C GLU F 235 -24.19 -28.21 -9.74
N LEU F 236 -23.64 -28.41 -8.55
CA LEU F 236 -22.24 -28.11 -8.25
C LEU F 236 -21.48 -29.42 -8.32
N LEU F 237 -20.99 -29.75 -9.52
CA LEU F 237 -20.46 -31.09 -9.78
C LEU F 237 -19.32 -31.44 -8.83
N LYS F 238 -19.43 -32.61 -8.21
CA LYS F 238 -18.48 -33.02 -7.19
C LYS F 238 -17.07 -33.10 -7.77
N MET F 239 -16.11 -32.48 -7.08
CA MET F 239 -14.70 -32.41 -7.45
C MET F 239 -14.45 -31.66 -8.75
N SER F 240 -15.45 -30.98 -9.29
CA SER F 240 -15.30 -30.27 -10.56
C SER F 240 -15.71 -28.81 -10.49
N ALA F 241 -16.72 -28.48 -9.70
CA ALA F 241 -17.25 -27.12 -9.68
C ALA F 241 -16.23 -26.14 -9.11
N ILE F 242 -16.13 -24.98 -9.76
CA ILE F 242 -15.19 -23.93 -9.36
C ILE F 242 -15.88 -22.98 -8.40
N PRO F 243 -15.34 -22.76 -7.20
CA PRO F 243 -16.08 -21.96 -6.20
C PRO F 243 -16.49 -20.58 -6.68
N HIS F 244 -15.59 -19.85 -7.34
CA HIS F 244 -15.97 -18.51 -7.80
C HIS F 244 -17.02 -18.57 -8.91
N GLU F 245 -16.89 -19.54 -9.82
CA GLU F 245 -17.93 -19.75 -10.82
C GLU F 245 -19.25 -20.12 -10.17
N SER F 246 -19.20 -20.77 -9.00
CA SER F 246 -20.39 -21.16 -8.26
C SER F 246 -20.91 -20.04 -7.36
N ASN F 247 -20.27 -18.88 -7.37
CA ASN F 247 -20.63 -17.74 -6.52
C ASN F 247 -20.52 -18.09 -5.04
N LEU F 248 -19.60 -19.00 -4.70
CA LEU F 248 -19.32 -19.27 -3.29
C LEU F 248 -18.75 -18.04 -2.60
N ASP F 249 -18.05 -17.17 -3.34
CA ASP F 249 -17.56 -15.93 -2.76
C ASP F 249 -18.70 -14.97 -2.46
N LEU F 250 -19.69 -14.90 -3.35
CA LEU F 250 -20.77 -13.93 -3.19
C LEU F 250 -21.83 -14.39 -2.20
N MET F 251 -21.88 -15.67 -1.87
CA MET F 251 -22.92 -16.20 -1.01
C MET F 251 -22.47 -16.34 0.44
N GLY F 252 -21.30 -15.80 0.78
CA GLY F 252 -20.86 -15.80 2.16
C GLY F 252 -20.36 -17.12 2.68
N GLY F 253 -20.12 -18.09 1.81
CA GLY F 253 -19.63 -19.39 2.25
C GLY F 253 -18.14 -19.51 2.39
N ILE F 254 -17.37 -18.50 1.97
CA ILE F 254 -15.91 -18.53 2.03
C ILE F 254 -15.44 -17.37 2.89
N ASP F 255 -14.66 -17.69 3.92
CA ASP F 255 -13.95 -16.67 4.68
C ASP F 255 -12.56 -16.52 4.10
N PHE F 256 -12.30 -15.38 3.46
CA PHE F 256 -10.99 -15.13 2.88
C PHE F 256 -9.97 -14.70 3.92
N ARG F 257 -10.40 -14.33 5.12
CA ARG F 257 -9.51 -13.89 6.18
C ARG F 257 -9.10 -15.01 7.12
N LYS F 258 -9.73 -16.18 7.04
CA LYS F 258 -9.32 -17.29 7.88
C LYS F 258 -8.02 -17.90 7.34
N GLY F 259 -7.45 -18.79 8.15
CA GLY F 259 -6.17 -19.40 7.83
C GLY F 259 -6.27 -20.48 6.78
N CYS F 260 -5.35 -21.44 6.85
CA CYS F 260 -5.28 -22.47 5.84
C CYS F 260 -6.39 -23.50 6.00
N TYR F 261 -6.93 -23.95 4.88
CA TYR F 261 -7.86 -25.06 4.83
C TYR F 261 -7.66 -25.74 3.48
N VAL F 262 -8.24 -26.94 3.34
CA VAL F 262 -8.08 -27.70 2.11
C VAL F 262 -8.64 -26.90 0.93
N GLY F 263 -7.80 -26.67 -0.07
CA GLY F 263 -8.20 -25.94 -1.27
C GLY F 263 -8.13 -24.44 -1.17
N GLN F 264 -7.59 -23.90 -0.07
CA GLN F 264 -7.57 -22.45 0.12
C GLN F 264 -6.66 -21.76 -0.89
N GLU F 265 -5.58 -22.44 -1.32
CA GLU F 265 -4.60 -21.81 -2.21
C GLU F 265 -5.23 -21.38 -3.54
N LEU F 266 -6.00 -22.28 -4.16
CA LEU F 266 -6.62 -21.95 -5.45
C LEU F 266 -7.71 -20.90 -5.27
N VAL F 267 -8.47 -20.98 -4.18
CA VAL F 267 -9.52 -20.00 -3.93
C VAL F 267 -8.93 -18.61 -3.71
N THR F 268 -7.87 -18.54 -2.89
CA THR F 268 -7.25 -17.25 -2.60
C THR F 268 -6.60 -16.65 -3.85
N ARG F 269 -5.92 -17.47 -4.65
CA ARG F 269 -5.28 -16.96 -5.84
C ARG F 269 -6.30 -16.38 -6.82
N THR F 270 -7.45 -17.05 -6.99
CA THR F 270 -8.52 -16.52 -7.82
C THR F 270 -9.06 -15.21 -7.23
N GLU F 271 -9.24 -15.16 -5.91
CA GLU F 271 -9.76 -13.96 -5.28
C GLU F 271 -8.84 -12.76 -5.47
N HIS F 272 -7.52 -12.97 -5.36
CA HIS F 272 -6.56 -11.88 -5.40
C HIS F 272 -6.09 -11.56 -6.81
N ARG F 273 -5.88 -12.59 -7.64
CA ARG F 273 -5.32 -12.39 -8.98
C ARG F 273 -6.31 -12.66 -10.10
N GLY F 274 -7.30 -13.53 -9.88
CA GLY F 274 -8.11 -14.02 -10.97
C GLY F 274 -9.09 -12.98 -11.49
N VAL F 275 -9.51 -13.19 -12.73
CA VAL F 275 -10.58 -12.41 -13.36
C VAL F 275 -11.70 -13.40 -13.67
N VAL F 276 -12.79 -13.32 -12.91
CA VAL F 276 -13.87 -14.29 -13.00
C VAL F 276 -14.86 -13.79 -14.05
N ARG F 277 -14.82 -14.42 -15.23
CA ARG F 277 -15.71 -14.09 -16.33
C ARG F 277 -16.91 -15.02 -16.42
N LYS F 278 -16.95 -16.08 -15.63
CA LYS F 278 -18.01 -17.08 -15.69
C LYS F 278 -18.59 -17.29 -14.30
N ARG F 279 -19.91 -17.16 -14.18
CA ARG F 279 -20.58 -17.35 -12.90
C ARG F 279 -21.94 -17.99 -13.15
N VAL F 280 -22.41 -18.72 -12.14
CA VAL F 280 -23.77 -19.26 -12.18
C VAL F 280 -24.77 -18.11 -12.16
N LEU F 281 -25.74 -18.15 -13.06
CA LEU F 281 -26.79 -17.15 -13.15
C LEU F 281 -28.11 -17.82 -13.46
N PRO F 282 -29.22 -17.27 -12.97
CA PRO F 282 -30.52 -17.78 -13.40
C PRO F 282 -30.84 -17.34 -14.82
N CYS F 283 -31.49 -18.23 -15.57
CA CYS F 283 -31.76 -18.00 -16.98
C CYS F 283 -33.23 -18.27 -17.28
N VAL F 284 -33.73 -17.61 -18.32
CA VAL F 284 -35.08 -17.82 -18.83
C VAL F 284 -34.99 -18.51 -20.18
N VAL F 285 -35.84 -19.51 -20.37
CA VAL F 285 -35.97 -20.22 -21.63
C VAL F 285 -37.23 -19.75 -22.33
N TYR F 286 -37.10 -19.25 -23.55
CA TYR F 286 -38.22 -18.59 -24.20
C TYR F 286 -38.14 -18.78 -25.71
N GLU F 287 -39.24 -18.44 -26.39
CA GLU F 287 -39.35 -18.42 -27.83
C GLU F 287 -39.15 -17.00 -28.35
N GLY F 288 -38.65 -16.88 -29.58
CA GLY F 288 -38.42 -15.59 -30.20
C GLY F 288 -39.59 -14.64 -30.07
N SER F 289 -39.39 -13.56 -29.33
CA SER F 289 -40.47 -12.66 -28.95
C SER F 289 -40.63 -11.52 -29.97
N GLY F 301 -39.78 -13.49 -7.13
CA GLY F 301 -40.39 -12.20 -7.41
C GLY F 301 -40.09 -11.68 -8.80
N ASP F 302 -38.87 -11.18 -9.00
CA ASP F 302 -38.49 -10.64 -10.30
C ASP F 302 -38.53 -11.72 -11.37
N LEU F 303 -37.71 -12.76 -11.23
CA LEU F 303 -37.69 -13.84 -12.20
C LEU F 303 -38.90 -14.75 -12.07
N GLY F 304 -39.43 -14.91 -10.85
CA GLY F 304 -40.59 -15.74 -10.64
C GLY F 304 -41.83 -15.24 -11.35
N GLY F 305 -41.88 -13.96 -11.69
CA GLY F 305 -42.97 -13.46 -12.50
C GLY F 305 -42.97 -14.06 -13.88
N LEU F 306 -41.79 -14.36 -14.43
CA LEU F 306 -41.63 -14.91 -15.76
C LEU F 306 -41.92 -16.41 -15.84
N TYR F 307 -42.09 -17.09 -14.71
CA TYR F 307 -42.14 -18.54 -14.72
C TYR F 307 -43.43 -19.06 -15.33
N THR F 308 -43.31 -20.17 -16.07
CA THR F 308 -44.47 -20.90 -16.55
C THR F 308 -44.09 -22.38 -16.67
N ASP F 309 -45.09 -23.24 -16.55
CA ASP F 309 -44.91 -24.67 -16.71
C ASP F 309 -45.22 -25.15 -18.12
N ARG F 310 -45.53 -24.24 -19.04
CA ARG F 310 -45.84 -24.59 -20.41
C ARG F 310 -44.55 -24.80 -21.20
N PRO F 311 -44.58 -25.68 -22.21
CA PRO F 311 -43.37 -25.94 -22.99
C PRO F 311 -42.97 -24.76 -23.84
N ILE F 312 -41.71 -24.79 -24.30
CA ILE F 312 -41.16 -23.76 -25.18
C ILE F 312 -40.95 -24.31 -26.59
N ALA F 313 -40.06 -25.28 -26.75
CA ALA F 313 -40.05 -26.25 -27.83
C ALA F 313 -40.00 -27.68 -27.29
N GLY F 314 -39.22 -27.92 -26.24
CA GLY F 314 -39.28 -29.16 -25.50
C GLY F 314 -40.15 -28.99 -24.26
N LEU F 315 -40.34 -30.09 -23.53
CA LEU F 315 -41.24 -30.11 -22.37
C LEU F 315 -40.88 -29.03 -21.33
N SER F 323 -27.68 -31.28 -18.50
CA SER F 323 -26.53 -30.86 -17.70
C SER F 323 -25.30 -30.68 -18.59
N GLU F 324 -24.66 -29.53 -18.45
CA GLU F 324 -23.44 -29.14 -19.17
C GLU F 324 -23.68 -28.92 -20.66
N THR F 325 -24.91 -28.65 -21.07
CA THR F 325 -25.17 -28.27 -22.45
C THR F 325 -24.63 -26.87 -22.73
N ASN F 326 -23.98 -26.70 -23.87
CA ASN F 326 -23.39 -25.41 -24.21
C ASN F 326 -24.47 -24.42 -24.61
N ILE F 327 -24.33 -23.18 -24.13
CA ILE F 327 -25.11 -22.05 -24.62
C ILE F 327 -24.27 -21.35 -25.68
N VAL F 328 -24.90 -21.02 -26.81
CA VAL F 328 -24.20 -20.43 -27.95
C VAL F 328 -24.96 -19.21 -28.43
N ARG F 329 -24.25 -18.34 -29.13
CA ARG F 329 -24.88 -17.23 -29.83
C ARG F 329 -25.76 -17.77 -30.96
N VAL F 330 -26.90 -17.11 -31.19
CA VAL F 330 -27.79 -17.56 -32.25
C VAL F 330 -27.16 -17.36 -33.62
N SER F 331 -26.48 -16.22 -33.81
CA SER F 331 -25.69 -16.00 -35.02
C SER F 331 -24.39 -16.79 -34.84
N GLY F 332 -24.42 -18.05 -35.26
CA GLY F 332 -23.38 -19.00 -34.90
C GLY F 332 -21.96 -18.59 -35.21
N LYS F 333 -21.20 -18.27 -34.15
CA LYS F 333 -19.77 -18.00 -34.24
C LYS F 333 -19.14 -18.04 -32.86
N GLY F 334 -18.12 -18.86 -32.68
CA GLY F 334 -17.42 -18.98 -31.41
C GLY F 334 -17.96 -20.04 -30.48
N ARG F 335 -19.16 -20.56 -30.74
CA ARG F 335 -19.83 -21.54 -29.89
C ARG F 335 -19.87 -21.13 -28.42
N GLY F 336 -19.31 -21.95 -27.54
CA GLY F 336 -19.60 -21.93 -26.11
C GLY F 336 -19.45 -20.62 -25.37
N VAL F 337 -20.57 -20.10 -24.88
CA VAL F 337 -20.60 -18.93 -23.99
C VAL F 337 -21.31 -19.23 -22.68
N GLY F 338 -21.57 -20.50 -22.39
CA GLY F 338 -22.23 -20.86 -21.15
C GLY F 338 -22.43 -22.36 -21.07
N LYS F 339 -22.71 -22.83 -19.86
CA LYS F 339 -22.96 -24.24 -19.60
C LYS F 339 -24.20 -24.37 -18.75
N TRP F 340 -25.15 -25.19 -19.21
CA TRP F 340 -26.38 -25.41 -18.47
C TRP F 340 -26.14 -26.30 -17.26
N LEU F 341 -26.80 -25.98 -16.15
CA LEU F 341 -26.69 -26.76 -14.93
C LEU F 341 -27.96 -27.55 -14.63
N ARG F 342 -29.10 -26.88 -14.52
CA ARG F 342 -30.37 -27.51 -14.17
C ARG F 342 -31.48 -26.49 -14.38
N GLY F 343 -32.66 -26.99 -14.76
CA GLY F 343 -33.79 -26.13 -14.99
C GLY F 343 -35.09 -26.76 -14.51
N ILE F 344 -36.06 -25.89 -14.26
CA ILE F 344 -37.44 -26.29 -13.96
C ILE F 344 -38.36 -25.34 -14.74
N GLY F 345 -39.30 -25.92 -15.48
CA GLY F 345 -40.17 -25.08 -16.29
C GLY F 345 -39.37 -24.36 -17.35
N ASN F 346 -39.53 -23.03 -17.40
CA ASN F 346 -38.84 -22.20 -18.39
C ASN F 346 -37.67 -21.43 -17.78
N VAL F 347 -37.23 -21.80 -16.58
CA VAL F 347 -36.11 -21.14 -15.91
C VAL F 347 -35.09 -22.20 -15.52
N GLY F 348 -33.87 -21.74 -15.25
CA GLY F 348 -32.82 -22.66 -14.84
C GLY F 348 -31.58 -21.90 -14.41
N LEU F 349 -30.55 -22.68 -14.05
CA LEU F 349 -29.25 -22.14 -13.68
C LEU F 349 -28.23 -22.52 -14.74
N ALA F 350 -27.32 -21.60 -15.03
CA ALA F 350 -26.27 -21.86 -16.01
C ALA F 350 -25.02 -21.07 -15.65
N VAL F 351 -23.86 -21.68 -15.86
CA VAL F 351 -22.59 -20.98 -15.73
C VAL F 351 -22.40 -20.16 -17.00
N CYS F 352 -22.56 -18.84 -16.88
CA CYS F 352 -22.63 -17.96 -18.04
C CYS F 352 -21.38 -17.10 -18.15
N ARG F 353 -20.97 -16.83 -19.39
CA ARG F 353 -19.93 -15.84 -19.64
C ARG F 353 -20.50 -14.45 -19.38
N LEU F 354 -20.03 -13.79 -18.33
CA LEU F 354 -20.57 -12.50 -17.93
C LEU F 354 -20.35 -11.44 -19.01
N ASP F 355 -19.18 -11.44 -19.64
CA ASP F 355 -18.85 -10.44 -20.65
C ASP F 355 -19.71 -10.58 -21.91
N VAL F 356 -20.36 -11.72 -22.09
CA VAL F 356 -21.13 -12.00 -23.30
C VAL F 356 -22.63 -11.94 -23.05
N MET F 357 -23.12 -12.65 -22.03
CA MET F 357 -24.54 -12.79 -21.82
C MET F 357 -25.13 -11.73 -20.88
N THR F 358 -24.31 -10.91 -20.23
CA THR F 358 -24.80 -9.94 -19.26
C THR F 358 -24.12 -8.59 -19.48
N ASP F 359 -24.64 -7.58 -18.78
CA ASP F 359 -24.02 -6.27 -18.69
C ASP F 359 -23.30 -6.04 -17.37
N LEU F 360 -23.06 -7.10 -16.61
CA LEU F 360 -22.49 -6.97 -15.28
C LEU F 360 -21.05 -6.47 -15.35
N PRO F 361 -20.62 -5.70 -14.36
CA PRO F 361 -19.19 -5.34 -14.29
C PRO F 361 -18.38 -6.54 -13.85
N ILE F 362 -17.26 -6.76 -14.54
CA ILE F 362 -16.35 -7.87 -14.24
C ILE F 362 -15.20 -7.29 -13.42
N PRO F 363 -15.10 -7.60 -12.12
CA PRO F 363 -13.99 -7.06 -11.32
C PRO F 363 -12.64 -7.44 -11.92
N GLY F 364 -11.76 -6.46 -11.99
CA GLY F 364 -10.44 -6.65 -12.57
C GLY F 364 -10.37 -6.54 -14.07
N GLU F 365 -11.50 -6.44 -14.77
CA GLU F 365 -11.50 -6.27 -16.22
C GLU F 365 -12.23 -5.02 -16.68
N THR F 366 -13.44 -4.78 -16.20
CA THR F 366 -14.26 -3.71 -16.75
C THR F 366 -13.68 -2.35 -16.38
N PRO F 367 -13.33 -1.51 -17.36
CA PRO F 367 -12.74 -0.22 -17.03
C PRO F 367 -13.77 0.72 -16.41
N ALA F 368 -13.29 1.66 -15.62
CA ALA F 368 -14.15 2.65 -15.01
C ALA F 368 -14.50 3.75 -16.01
N GLY F 369 -15.66 4.37 -15.80
CA GLY F 369 -16.05 5.53 -16.56
C GLY F 369 -15.43 6.80 -15.97
N GLU F 370 -15.90 7.94 -16.48
CA GLU F 370 -15.42 9.22 -15.99
C GLU F 370 -15.72 9.42 -14.52
N ASP F 371 -16.90 8.98 -14.08
CA ASP F 371 -17.36 9.20 -12.72
C ASP F 371 -16.91 8.11 -11.76
N GLY F 372 -16.04 7.20 -12.21
CA GLY F 372 -15.55 6.14 -11.35
C GLY F 372 -16.46 4.94 -11.22
N VAL F 373 -17.53 4.85 -12.01
CA VAL F 373 -18.38 3.67 -12.03
C VAL F 373 -18.00 2.84 -13.26
N PRO F 374 -18.16 1.53 -13.22
CA PRO F 374 -17.79 0.72 -14.39
C PRO F 374 -18.64 1.07 -15.61
N GLU F 375 -18.00 1.02 -16.78
CA GLU F 375 -18.70 1.23 -18.03
C GLU F 375 -19.74 0.13 -18.24
N VAL F 376 -20.85 0.50 -18.87
CA VAL F 376 -21.95 -0.43 -19.09
C VAL F 376 -21.94 -0.82 -20.57
N ARG F 377 -21.59 -2.07 -20.84
CA ARG F 377 -21.67 -2.63 -22.17
C ARG F 377 -23.06 -3.25 -22.38
N GLU F 378 -23.53 -3.19 -23.62
CA GLU F 378 -24.81 -3.79 -23.96
C GLU F 378 -24.61 -5.22 -24.44
N VAL F 379 -25.60 -6.06 -24.16
CA VAL F 379 -25.55 -7.46 -24.59
C VAL F 379 -25.95 -7.52 -26.06
N LYS F 380 -25.09 -8.16 -26.87
CA LYS F 380 -25.28 -8.21 -28.31
C LYS F 380 -25.96 -9.52 -28.69
N GLY F 381 -27.12 -9.42 -29.33
CA GLY F 381 -27.80 -10.60 -29.85
C GLY F 381 -28.47 -11.44 -28.78
N GLU F 382 -28.86 -12.63 -29.20
CA GLU F 382 -29.55 -13.61 -28.37
C GLU F 382 -28.71 -14.89 -28.28
N PHE F 383 -29.19 -15.83 -27.48
CA PHE F 383 -28.45 -17.06 -27.22
C PHE F 383 -29.40 -18.26 -27.26
N THR F 384 -28.83 -19.44 -27.46
CA THR F 384 -29.61 -20.67 -27.57
C THR F 384 -28.73 -21.85 -27.19
N ILE F 385 -29.30 -23.05 -27.31
CA ILE F 385 -28.60 -24.29 -27.02
C ILE F 385 -27.79 -24.71 -28.24
N GLU F 386 -26.63 -25.32 -28.00
CA GLU F 386 -25.79 -25.80 -29.09
C GLU F 386 -26.55 -26.81 -29.94
N GLY F 387 -26.43 -26.67 -31.25
CA GLY F 387 -27.08 -27.55 -32.21
C GLY F 387 -28.49 -27.13 -32.58
N ASP F 388 -29.28 -26.68 -31.60
CA ASP F 388 -30.65 -26.27 -31.84
C ASP F 388 -30.73 -25.07 -32.77
N GLU F 389 -31.23 -25.30 -33.98
CA GLU F 389 -31.51 -24.22 -34.92
C GLU F 389 -32.98 -23.81 -34.90
N GLY F 390 -33.72 -24.21 -33.87
CA GLY F 390 -35.10 -23.82 -33.69
C GLY F 390 -35.23 -22.49 -32.97
N PRO F 391 -36.46 -22.11 -32.62
CA PRO F 391 -36.69 -20.81 -31.99
C PRO F 391 -36.39 -20.76 -30.49
N LEU F 392 -35.70 -21.76 -29.95
CA LEU F 392 -35.37 -21.79 -28.54
C LEU F 392 -34.34 -20.71 -28.22
N ARG F 393 -34.57 -19.97 -27.14
CA ARG F 393 -33.69 -18.88 -26.73
C ARG F 393 -33.45 -18.94 -25.22
N ILE F 394 -32.26 -18.50 -24.81
CA ILE F 394 -31.86 -18.46 -23.41
C ILE F 394 -31.40 -17.05 -23.08
N LYS F 395 -31.87 -16.51 -21.96
CA LYS F 395 -31.47 -15.18 -21.50
C LYS F 395 -31.05 -15.26 -20.05
N ALA F 396 -29.84 -14.76 -19.76
CA ALA F 396 -29.37 -14.66 -18.39
C ALA F 396 -29.98 -13.44 -17.71
N VAL F 397 -30.51 -13.64 -16.51
CA VAL F 397 -31.16 -12.57 -15.75
C VAL F 397 -30.43 -12.42 -14.42
N PRO F 398 -29.41 -11.58 -14.33
CA PRO F 398 -28.64 -11.45 -13.09
C PRO F 398 -29.53 -11.00 -11.94
N PRO F 399 -29.43 -11.65 -10.79
CA PRO F 399 -30.18 -11.19 -9.62
C PRO F 399 -29.64 -9.86 -9.13
N ALA F 400 -30.53 -9.10 -8.48
CA ALA F 400 -30.14 -7.79 -7.95
C ALA F 400 -29.03 -7.91 -6.91
N TRP F 401 -29.12 -8.92 -6.04
CA TRP F 401 -28.10 -9.09 -5.01
C TRP F 401 -26.73 -9.38 -5.62
N LEU F 402 -26.70 -10.23 -6.65
CA LEU F 402 -25.43 -10.52 -7.32
C LEU F 402 -24.87 -9.29 -8.00
N ARG F 403 -25.73 -8.51 -8.66
CA ARG F 403 -25.28 -7.29 -9.33
C ARG F 403 -24.66 -6.32 -8.34
N ARG F 404 -25.31 -6.12 -7.19
CA ARG F 404 -24.78 -5.21 -6.18
C ARG F 404 -23.44 -5.70 -5.64
N GLU F 405 -23.33 -7.00 -5.37
CA GLU F 405 -22.10 -7.53 -4.80
C GLU F 405 -20.96 -7.54 -5.80
N LEU F 406 -21.27 -7.78 -7.08
CA LEU F 406 -20.24 -7.66 -8.10
C LEU F 406 -19.78 -6.23 -8.26
N MET F 407 -20.68 -5.27 -8.04
CA MET F 407 -20.26 -3.86 -8.00
C MET F 407 -19.29 -3.61 -6.86
N GLU F 408 -19.55 -4.19 -5.68
CA GLU F 408 -18.64 -4.03 -4.55
C GLU F 408 -17.28 -4.64 -4.85
N LYS F 409 -17.27 -5.86 -5.39
CA LYS F 409 -16.00 -6.51 -5.71
C LYS F 409 -15.25 -5.73 -6.78
N TRP F 410 -15.98 -5.15 -7.73
CA TRP F 410 -15.33 -4.31 -8.74
C TRP F 410 -14.67 -3.10 -8.11
N GLU F 411 -15.34 -2.45 -7.15
CA GLU F 411 -14.77 -1.27 -6.51
C GLU F 411 -13.50 -1.62 -5.75
N VAL F 412 -13.52 -2.73 -5.00
CA VAL F 412 -12.34 -3.13 -4.24
C VAL F 412 -11.20 -3.48 -5.17
N LYS F 413 -11.49 -4.22 -6.25
CA LYS F 413 -10.44 -4.57 -7.21
C LYS F 413 -9.95 -3.37 -7.99
N ASN F 414 -10.78 -2.33 -8.13
CA ASN F 414 -10.37 -1.14 -8.86
C ASN F 414 -9.41 -0.28 -8.07
N GLU F 415 -9.55 -0.24 -6.75
CA GLU F 415 -8.65 0.53 -5.90
C GLU F 415 -7.52 -0.34 -5.36
#